data_3ZUK
#
_entry.id   3ZUK
#
_cell.length_a   128.290
_cell.length_b   198.770
_cell.length_c   63.270
_cell.angle_alpha   90.00
_cell.angle_beta   90.00
_cell.angle_gamma   90.00
#
_symmetry.space_group_name_H-M   'P 21 21 2'
#
loop_
_entity.id
_entity.type
_entity.pdbx_description
1 polymer 'ENDOPEPTIDASE, PEPTIDASE FAMILY M13'
2 non-polymer 'ZINC ION'
3 non-polymer N-ALPHA-L-RHAMNOPYRANOSYLOXY(HYDROXYPHOSPHINYL)-L-LEUCYL-L-TRYPTOPHAN
4 non-polymer "2,2',2''-NITRILOTRIETHANOL"
5 non-polymer DI(HYDROXYETHYL)ETHER
6 non-polymer 'TRIETHYLENE GLYCOL'
7 non-polymer 'TETRAETHYLENE GLYCOL'
8 non-polymer 'ACETATE ION'
9 non-polymer 'SULFATE ION'
10 non-polymer 'CHLORIDE ION'
11 non-polymer 'CALCIUM ION'
12 water water
#
_entity_poly.entity_id   1
_entity_poly.type   'polypeptide(L)'
_entity_poly.pdbx_seq_one_letter_code
;MRGSHHHHHHGMASMTGGQQMGRDLYDDDDKDHPFTMTLAIPSGIDLSHIDADARPQDDLFGHVNGRWLAEHEIPADRAT
DGAFRSLFDRAETQVRDLIIQASQAGAAVGTDAQRIGDLYASFLDEEAVERAGVQPLHDELATIDSAADATELAAALGTL
QRAGVGGGIGVYVDTDSKDSTRYLVHFTQSGIGLPDESYYRDEQHAAVLAAYPGHIARMFGLVYGGESRDHAKTADRIVA
LETKLADAHWDVVKRRDADLGYNLRTFAQLQTEGAGFDWVSWVTALGSAPDAMTELVVRQPDYLVTFASLWASVNVEDWK
CWARWRLIRARAPWLTRALVAEDFEFYGRTLTGAQQLRDRWKRGVSLVENLMGDAVGKLYVQRHFPPDAKSRIDTLVDNL
QEAYRISISELDWMTPQTRQRALAKLNKFTAKVGYPIKWRDYSKLAIDRDDLYGNVQRGYAVNHDRELAKLFGPVDRDEW
FMTPQTVNAYYNPGMNEIVFPAAILQPPFFDPQADEAANYGGIGAVIGHEIGHGFDDQGAKYDGDGNLVDWWTDDDRTEF
AARTKALIEQYHAYTPRDLVDHPGPPHVQGAFTIGENIGDLGGLSIALLAYQLSLNGNPAPVIDGLTGMQRVFFGWAQIW
RTKSRAAEAIRRLAVDPHSPPEFRCNGVVRNVDAFYQAFDVTEDDALFLDPQRRVRIWN
;
_entity_poly.pdbx_strand_id   A,B
#
loop_
_chem_comp.id
_chem_comp.type
_chem_comp.name
_chem_comp.formula
211 non-polymer 2,2',2''-NITRILOTRIETHANOL 'C6 H15 N O3'
ACT non-polymer 'ACETATE ION' 'C2 H3 O2 -1'
CA non-polymer 'CALCIUM ION' 'Ca 2'
CL non-polymer 'CHLORIDE ION' 'Cl -1'
PEG non-polymer DI(HYDROXYETHYL)ETHER 'C4 H10 O3'
PG4 non-polymer 'TETRAETHYLENE GLYCOL' 'C8 H18 O5'
PGE non-polymer 'TRIETHYLENE GLYCOL' 'C6 H14 O4'
RDF peptide-like N-ALPHA-L-RHAMNOPYRANOSYLOXY(HYDROXYPHOSPHINYL)-L-LEUCYL-L-TRYPTOPHAN 'C23 H34 N3 O10 P'
SO4 non-polymer 'SULFATE ION' 'O4 S -2'
ZN non-polymer 'ZINC ION' 'Zn 2'
#
# COMPACT_ATOMS: atom_id res chain seq x y z
N ALA A 40 -9.04 43.71 11.15
CA ALA A 40 -8.02 42.65 10.83
C ALA A 40 -8.00 42.13 9.36
N ILE A 41 -6.79 41.75 8.94
CA ILE A 41 -6.54 41.07 7.67
C ILE A 41 -6.91 39.59 7.80
N PRO A 42 -7.84 39.10 6.95
CA PRO A 42 -8.15 37.66 7.04
C PRO A 42 -6.92 36.82 6.65
N SER A 43 -6.79 35.60 7.17
CA SER A 43 -5.60 34.78 6.90
C SER A 43 -5.62 34.12 5.53
N GLY A 44 -6.83 33.91 4.99
CA GLY A 44 -6.93 33.26 3.70
C GLY A 44 -6.86 31.74 3.81
N ILE A 45 -6.75 31.24 5.05
CA ILE A 45 -6.76 29.82 5.30
C ILE A 45 -8.08 29.47 5.93
N ASP A 46 -8.80 28.51 5.35
CA ASP A 46 -10.01 28.01 5.96
C ASP A 46 -9.63 26.99 7.05
N LEU A 47 -10.12 27.21 8.27
CA LEU A 47 -9.84 26.31 9.40
C LEU A 47 -11.11 25.58 9.86
N SER A 48 -12.25 25.88 9.24
CA SER A 48 -13.48 25.23 9.62
C SER A 48 -13.60 23.73 9.27
N HIS A 49 -12.74 23.24 8.37
CA HIS A 49 -12.72 21.82 8.00
C HIS A 49 -11.54 20.99 8.53
N ILE A 50 -10.81 21.55 9.50
CA ILE A 50 -9.70 20.87 10.17
C ILE A 50 -10.14 19.56 10.86
N ASP A 51 -9.21 18.60 10.93
CA ASP A 51 -9.37 17.36 11.69
C ASP A 51 -8.31 17.38 12.81
N ALA A 52 -8.78 17.78 13.98
CA ALA A 52 -7.89 18.04 15.11
C ALA A 52 -7.12 16.81 15.54
N ASP A 53 -7.62 15.64 15.17
CA ASP A 53 -7.04 14.35 15.53
C ASP A 53 -6.16 13.71 14.42
N ALA A 54 -6.07 14.36 13.27
CA ALA A 54 -5.08 13.92 12.30
C ALA A 54 -3.87 14.85 12.44
N ARG A 55 -2.82 14.38 13.07
CA ARG A 55 -1.62 15.18 13.22
C ARG A 55 -1.03 15.57 11.84
N PRO A 56 -0.73 16.87 11.63
CA PRO A 56 -0.14 17.30 10.34
C PRO A 56 1.24 16.69 10.04
N GLN A 57 1.94 16.28 11.08
CA GLN A 57 3.19 15.47 10.96
C GLN A 57 2.92 14.11 10.33
N ASP A 58 1.73 13.56 10.55
CA ASP A 58 1.39 12.25 10.01
C ASP A 58 0.70 12.35 8.66
N ASP A 59 -0.14 13.36 8.53
CA ASP A 59 -1.05 13.51 7.41
C ASP A 59 -1.52 14.95 7.26
N LEU A 60 -0.74 15.77 6.57
CA LEU A 60 -1.08 17.18 6.36
C LEU A 60 -2.43 17.35 5.68
N PHE A 61 -2.65 16.58 4.62
CA PHE A 61 -3.88 16.66 3.81
C PHE A 61 -5.08 16.43 4.70
N GLY A 62 -5.04 15.35 5.47
CA GLY A 62 -6.12 15.00 6.40
C GLY A 62 -6.27 16.03 7.51
N HIS A 63 -5.15 16.54 8.03
CA HIS A 63 -5.24 17.55 9.07
C HIS A 63 -6.03 18.78 8.57
N VAL A 64 -5.64 19.33 7.43
CA VAL A 64 -6.26 20.54 6.91
C VAL A 64 -7.65 20.32 6.30
N ASN A 65 -7.89 19.14 5.76
CA ASN A 65 -9.12 18.88 4.98
C ASN A 65 -10.08 17.76 5.52
N GLY A 66 -9.64 17.06 6.58
CA GLY A 66 -10.33 15.90 7.16
C GLY A 66 -11.83 16.00 7.31
N ARG A 67 -12.33 17.06 7.95
CA ARG A 67 -13.78 17.10 8.19
C ARG A 67 -14.52 17.07 6.86
N TRP A 68 -14.00 17.79 5.88
CA TRP A 68 -14.59 17.84 4.56
C TRP A 68 -14.44 16.48 3.86
N LEU A 69 -13.27 15.84 3.95
CA LEU A 69 -13.12 14.53 3.33
C LEU A 69 -14.11 13.50 3.87
N ALA A 70 -14.41 13.60 5.16
CA ALA A 70 -15.30 12.65 5.85
C ALA A 70 -16.79 12.91 5.67
N GLU A 71 -17.17 14.16 5.42
CA GLU A 71 -18.58 14.56 5.42
C GLU A 71 -19.14 15.00 4.07
N HIS A 72 -18.32 15.57 3.20
CA HIS A 72 -18.87 16.23 2.01
C HIS A 72 -19.38 15.21 1.00
N GLU A 73 -20.66 15.29 0.67
CA GLU A 73 -21.20 14.39 -0.35
C GLU A 73 -20.90 14.87 -1.73
N ILE A 74 -20.32 14.00 -2.56
CA ILE A 74 -20.21 14.33 -3.98
C ILE A 74 -21.60 14.40 -4.66
N PRO A 75 -21.90 15.53 -5.33
CA PRO A 75 -23.17 15.66 -6.01
C PRO A 75 -23.40 14.55 -7.06
N ALA A 76 -24.65 14.14 -7.24
CA ALA A 76 -24.98 12.98 -8.05
C ALA A 76 -24.61 13.13 -9.51
N ASP A 77 -24.39 14.37 -9.97
CA ASP A 77 -24.13 14.63 -11.39
C ASP A 77 -22.61 14.78 -11.67
N ARG A 78 -21.81 14.40 -10.67
CA ARG A 78 -20.37 14.61 -10.61
C ARG A 78 -19.71 13.33 -10.13
N ALA A 79 -18.47 13.14 -10.58
CA ALA A 79 -17.59 12.13 -10.04
C ALA A 79 -16.47 12.71 -9.13
N THR A 80 -16.30 14.03 -9.18
CA THR A 80 -15.22 14.72 -8.48
C THR A 80 -15.77 16.02 -7.92
N ASP A 81 -15.41 16.33 -6.68
CA ASP A 81 -15.78 17.60 -6.07
C ASP A 81 -14.59 18.14 -5.24
N GLY A 82 -14.59 19.47 -5.05
CA GLY A 82 -13.56 20.13 -4.29
C GLY A 82 -13.36 21.53 -4.76
N ALA A 83 -12.27 22.13 -4.28
CA ALA A 83 -11.78 23.45 -4.70
C ALA A 83 -12.05 23.85 -6.17
N PHE A 84 -11.57 23.04 -7.11
CA PHE A 84 -11.67 23.37 -8.54
C PHE A 84 -13.11 23.39 -9.07
N ARG A 85 -13.88 22.35 -8.72
CA ARG A 85 -15.32 22.30 -9.01
C ARG A 85 -16.09 23.46 -8.37
N SER A 86 -15.63 23.94 -7.22
CA SER A 86 -16.35 25.02 -6.56
C SER A 86 -16.32 26.27 -7.43
N LEU A 87 -15.12 26.61 -7.92
CA LEU A 87 -14.90 27.75 -8.83
C LEU A 87 -15.49 27.54 -10.23
N PHE A 88 -15.45 26.30 -10.71
CA PHE A 88 -16.08 25.92 -11.98
C PHE A 88 -17.55 26.33 -11.94
N ASP A 89 -18.26 25.85 -10.92
CA ASP A 89 -19.68 26.10 -10.73
C ASP A 89 -20.03 27.57 -10.69
N ARG A 90 -19.26 28.36 -9.96
CA ARG A 90 -19.50 29.79 -9.91
C ARG A 90 -19.41 30.39 -11.32
N ALA A 91 -18.30 30.09 -12.01
CA ALA A 91 -18.08 30.54 -13.39
C ALA A 91 -19.10 30.00 -14.42
N GLU A 92 -19.55 28.76 -14.24
CA GLU A 92 -20.61 28.15 -15.05
C GLU A 92 -21.95 28.93 -15.01
N THR A 93 -22.36 29.38 -13.83
CA THR A 93 -23.52 30.24 -13.69
C THR A 93 -23.32 31.56 -14.43
N GLN A 94 -22.16 32.17 -14.24
CA GLN A 94 -21.90 33.50 -14.78
C GLN A 94 -21.99 33.52 -16.31
N VAL A 95 -21.41 32.47 -16.90
CA VAL A 95 -21.47 32.23 -18.32
C VAL A 95 -22.90 32.00 -18.72
N ARG A 96 -23.64 31.21 -17.93
CA ARG A 96 -24.99 30.91 -18.31
C ARG A 96 -25.81 32.18 -18.33
N ASP A 97 -25.60 33.04 -17.34
CA ASP A 97 -26.23 34.35 -17.34
C ASP A 97 -25.88 35.07 -18.63
N LEU A 98 -24.59 35.07 -18.98
CA LEU A 98 -24.10 35.79 -20.17
C LEU A 98 -24.68 35.30 -21.49
N ILE A 99 -24.95 34.00 -21.58
CA ILE A 99 -25.57 33.42 -22.76
C ILE A 99 -27.01 33.90 -22.81
N ILE A 100 -27.70 33.83 -21.68
CA ILE A 100 -29.06 34.34 -21.59
C ILE A 100 -29.13 35.85 -21.90
N GLN A 101 -28.28 36.65 -21.25
CA GLN A 101 -28.23 38.10 -21.43
C GLN A 101 -27.80 38.48 -22.85
N ALA A 102 -27.30 37.51 -23.61
CA ALA A 102 -26.96 37.73 -25.01
C ALA A 102 -28.08 37.23 -25.88
N SER A 103 -28.83 36.25 -25.35
CA SER A 103 -29.93 35.60 -26.07
C SER A 103 -31.17 36.49 -26.19
N GLN A 104 -31.64 37.02 -25.06
CA GLN A 104 -32.81 37.90 -25.04
C GLN A 104 -32.52 39.30 -25.61
N ALA A 105 -31.32 39.49 -26.17
CA ALA A 105 -30.83 40.83 -26.56
C ALA A 105 -31.37 41.35 -27.89
N GLY A 106 -32.01 40.47 -28.65
CA GLY A 106 -32.46 40.83 -30.00
C GLY A 106 -31.31 41.36 -30.85
N ALA A 107 -30.23 40.57 -30.93
CA ALA A 107 -29.07 40.88 -31.78
C ALA A 107 -29.35 40.49 -33.25
N ALA A 108 -28.70 41.18 -34.18
CA ALA A 108 -28.85 40.81 -35.60
C ALA A 108 -28.23 39.45 -35.88
N VAL A 109 -28.96 38.67 -36.66
CA VAL A 109 -28.44 37.43 -37.24
C VAL A 109 -27.07 37.76 -37.87
N GLY A 110 -26.03 37.05 -37.41
CA GLY A 110 -24.69 37.22 -37.95
C GLY A 110 -23.68 37.68 -36.92
N THR A 111 -24.18 38.13 -35.77
CA THR A 111 -23.34 38.52 -34.63
C THR A 111 -23.07 37.32 -33.71
N ASP A 112 -21.90 37.30 -33.06
CA ASP A 112 -21.58 36.30 -32.01
C ASP A 112 -22.64 36.25 -30.90
N ALA A 113 -23.20 37.40 -30.56
CA ALA A 113 -24.36 37.43 -29.69
C ALA A 113 -25.50 36.51 -30.22
N GLN A 114 -25.82 36.60 -31.51
CA GLN A 114 -26.81 35.71 -32.17
C GLN A 114 -26.42 34.22 -32.15
N ARG A 115 -25.17 33.94 -32.51
CA ARG A 115 -24.69 32.56 -32.58
C ARG A 115 -24.76 31.85 -31.22
N ILE A 116 -24.19 32.49 -30.19
CA ILE A 116 -24.22 32.01 -28.82
C ILE A 116 -25.65 31.73 -28.32
N GLY A 117 -26.55 32.72 -28.47
CA GLY A 117 -27.94 32.60 -28.02
C GLY A 117 -28.71 31.45 -28.63
N ASP A 118 -28.66 31.37 -29.97
CA ASP A 118 -29.39 30.35 -30.72
C ASP A 118 -28.77 28.95 -30.64
N LEU A 119 -27.46 28.89 -30.44
CA LEU A 119 -26.78 27.62 -30.30
C LEU A 119 -27.18 27.05 -28.98
N TYR A 120 -27.25 27.91 -27.98
CA TYR A 120 -27.81 27.55 -26.69
C TYR A 120 -29.23 26.99 -26.85
N ALA A 121 -30.10 27.78 -27.48
CA ALA A 121 -31.52 27.41 -27.61
C ALA A 121 -31.72 26.13 -28.43
N SER A 122 -30.80 25.89 -29.37
CA SER A 122 -30.72 24.63 -30.10
C SER A 122 -30.80 23.51 -29.10
N PHE A 123 -29.95 23.62 -28.06
CA PHE A 123 -29.79 22.57 -27.05
C PHE A 123 -30.90 22.45 -26.01
N LEU A 124 -31.41 23.56 -25.50
CA LEU A 124 -32.45 23.50 -24.47
C LEU A 124 -33.83 23.05 -24.99
N ASP A 125 -34.08 23.22 -26.28
CA ASP A 125 -35.34 22.77 -26.81
C ASP A 125 -35.29 21.25 -26.92
N GLU A 126 -35.27 20.60 -25.75
CA GLU A 126 -35.36 19.15 -25.62
C GLU A 126 -36.51 18.55 -26.42
N GLU A 127 -37.65 19.24 -26.38
CA GLU A 127 -38.84 18.80 -27.10
C GLU A 127 -38.57 18.66 -28.61
N ALA A 128 -37.94 19.67 -29.21
CA ALA A 128 -37.68 19.69 -30.67
C ALA A 128 -36.67 18.65 -31.13
N VAL A 129 -35.67 18.45 -30.28
CA VAL A 129 -34.67 17.44 -30.49
C VAL A 129 -35.33 16.06 -30.47
N GLU A 130 -36.26 15.87 -29.53
CA GLU A 130 -36.93 14.58 -29.36
C GLU A 130 -37.75 14.16 -30.56
N ARG A 131 -38.45 15.13 -31.15
CA ARG A 131 -39.35 14.83 -32.27
C ARG A 131 -38.58 14.64 -33.56
N ALA A 132 -37.34 15.15 -33.62
CA ALA A 132 -36.44 14.89 -34.75
C ALA A 132 -35.90 13.46 -34.71
N GLY A 133 -35.90 12.84 -33.53
CA GLY A 133 -35.52 11.42 -33.43
C GLY A 133 -34.13 11.14 -33.98
N VAL A 134 -33.97 10.03 -34.69
CA VAL A 134 -32.65 9.61 -35.17
C VAL A 134 -32.35 10.04 -36.61
N GLN A 135 -33.26 10.82 -37.17
CA GLN A 135 -33.16 11.38 -38.52
C GLN A 135 -31.89 12.24 -38.78
N PRO A 136 -31.59 13.24 -37.93
CA PRO A 136 -30.39 14.02 -38.28
C PRO A 136 -29.10 13.16 -38.41
N LEU A 137 -29.13 11.92 -37.92
CA LEU A 137 -27.98 11.01 -37.98
C LEU A 137 -27.88 10.38 -39.36
N HIS A 138 -28.96 10.50 -40.14
CA HIS A 138 -29.14 9.77 -41.38
C HIS A 138 -28.04 10.04 -42.40
N ASP A 139 -27.88 11.30 -42.81
CA ASP A 139 -26.91 11.66 -43.84
C ASP A 139 -25.48 11.19 -43.50
N GLU A 140 -24.97 11.54 -42.33
CA GLU A 140 -23.61 11.20 -42.01
C GLU A 140 -23.37 9.71 -41.99
N LEU A 141 -24.34 8.98 -41.44
CA LEU A 141 -24.31 7.53 -41.38
C LEU A 141 -24.34 6.89 -42.78
N ALA A 142 -25.15 7.47 -43.68
CA ALA A 142 -25.25 7.02 -45.08
C ALA A 142 -23.93 7.22 -45.82
N THR A 143 -23.17 8.22 -45.36
CA THR A 143 -21.80 8.48 -45.80
C THR A 143 -20.96 7.22 -45.58
N ILE A 144 -21.13 6.59 -44.43
CA ILE A 144 -20.42 5.34 -44.15
C ILE A 144 -21.04 4.19 -44.92
N ASP A 145 -22.35 3.98 -44.74
CA ASP A 145 -23.06 2.85 -45.35
C ASP A 145 -22.93 2.75 -46.88
N SER A 146 -22.71 3.88 -47.56
CA SER A 146 -22.54 3.94 -49.01
C SER A 146 -21.12 3.62 -49.51
N ALA A 147 -20.16 3.52 -48.61
CA ALA A 147 -18.76 3.29 -48.94
C ALA A 147 -18.61 1.84 -49.36
N ALA A 148 -18.26 1.63 -50.63
CA ALA A 148 -18.19 0.28 -51.18
C ALA A 148 -16.92 -0.49 -50.80
N ASP A 149 -15.88 0.24 -50.40
CA ASP A 149 -14.58 -0.36 -50.09
C ASP A 149 -13.71 0.60 -49.28
N ALA A 150 -12.49 0.17 -48.98
CA ALA A 150 -11.57 0.89 -48.11
C ALA A 150 -11.13 2.28 -48.60
N THR A 151 -10.93 2.47 -49.90
CA THR A 151 -10.63 3.81 -50.39
C THR A 151 -11.76 4.83 -50.06
N GLU A 152 -12.99 4.51 -50.44
CA GLU A 152 -14.13 5.34 -50.09
C GLU A 152 -14.42 5.51 -48.61
N LEU A 153 -14.07 4.53 -47.78
CA LEU A 153 -14.31 4.67 -46.35
C LEU A 153 -13.31 5.64 -45.71
N ALA A 154 -12.10 5.69 -46.22
CA ALA A 154 -11.16 6.72 -45.80
C ALA A 154 -11.68 8.15 -46.12
N ALA A 155 -12.19 8.33 -47.33
CA ALA A 155 -12.84 9.59 -47.69
C ALA A 155 -13.94 9.88 -46.69
N ALA A 156 -14.86 8.94 -46.49
CA ALA A 156 -15.98 9.20 -45.58
C ALA A 156 -15.48 9.70 -44.22
N LEU A 157 -14.50 8.99 -43.66
CA LEU A 157 -13.98 9.22 -42.34
C LEU A 157 -13.36 10.61 -42.21
N GLY A 158 -12.68 11.04 -43.28
CA GLY A 158 -12.10 12.34 -43.36
C GLY A 158 -13.16 13.38 -43.08
N THR A 159 -14.20 13.39 -43.94
CA THR A 159 -15.36 14.26 -43.81
C THR A 159 -15.77 14.32 -42.34
N LEU A 160 -16.11 13.16 -41.78
CA LEU A 160 -16.59 13.09 -40.41
C LEU A 160 -15.58 13.63 -39.39
N GLN A 161 -14.29 13.31 -39.54
CA GLN A 161 -13.29 13.79 -38.56
C GLN A 161 -13.27 15.30 -38.61
N ARG A 162 -13.40 15.85 -39.82
CA ARG A 162 -13.48 17.29 -40.01
C ARG A 162 -14.65 17.87 -39.24
N ALA A 163 -15.71 17.08 -39.08
CA ALA A 163 -16.90 17.53 -38.36
C ALA A 163 -16.96 16.98 -36.89
N GLY A 164 -15.80 16.75 -36.28
CA GLY A 164 -15.74 16.46 -34.85
C GLY A 164 -15.89 15.02 -34.40
N VAL A 165 -15.82 14.08 -35.35
CA VAL A 165 -15.91 12.63 -35.05
C VAL A 165 -14.52 12.08 -34.93
N GLY A 166 -14.33 11.11 -34.02
CA GLY A 166 -13.05 10.45 -33.84
C GLY A 166 -12.73 9.44 -34.92
N GLY A 167 -11.44 9.27 -35.20
CA GLY A 167 -10.95 8.39 -36.23
C GLY A 167 -9.93 7.42 -35.69
N GLY A 168 -9.08 6.90 -36.56
CA GLY A 168 -7.99 5.98 -36.15
C GLY A 168 -6.73 6.77 -35.85
N ILE A 169 -6.70 7.98 -36.40
CA ILE A 169 -5.61 8.87 -36.21
C ILE A 169 -6.14 10.22 -35.74
N GLY A 170 -5.59 10.71 -34.63
CA GLY A 170 -5.86 12.04 -34.16
C GLY A 170 -4.96 13.05 -34.86
N VAL A 171 -5.53 14.23 -35.11
CA VAL A 171 -4.88 15.24 -35.92
C VAL A 171 -4.92 16.58 -35.20
N TYR A 172 -3.77 17.25 -35.16
CA TYR A 172 -3.71 18.58 -34.55
C TYR A 172 -2.57 19.34 -35.18
N VAL A 173 -2.50 20.62 -34.86
CA VAL A 173 -1.48 21.49 -35.43
C VAL A 173 -0.81 22.17 -34.26
N ASP A 174 0.49 22.00 -34.19
CA ASP A 174 1.29 22.54 -33.11
C ASP A 174 2.56 23.00 -33.80
N THR A 175 3.45 23.64 -33.04
CA THR A 175 4.73 24.11 -33.55
C THR A 175 5.69 22.92 -33.78
N ASP A 176 6.72 23.16 -34.58
CA ASP A 176 7.71 22.14 -34.89
C ASP A 176 8.59 22.16 -33.68
N SER A 177 8.69 20.99 -33.02
CA SER A 177 9.61 20.82 -31.89
C SER A 177 11.02 21.30 -32.18
N LYS A 178 11.51 21.12 -33.41
CA LYS A 178 12.88 21.56 -33.71
C LYS A 178 12.97 22.93 -34.38
N ASP A 179 11.82 23.56 -34.64
CA ASP A 179 11.78 24.92 -35.16
C ASP A 179 10.50 25.63 -34.77
N SER A 180 10.52 26.33 -33.64
CA SER A 180 9.31 26.93 -33.08
C SER A 180 8.77 28.11 -33.89
N THR A 181 9.40 28.42 -35.04
CA THR A 181 8.91 29.50 -35.93
C THR A 181 7.93 29.07 -37.02
N ARG A 182 7.59 27.78 -37.06
CA ARG A 182 6.64 27.22 -38.05
C ARG A 182 5.69 26.20 -37.40
N TYR A 183 4.43 26.16 -37.86
CA TYR A 183 3.49 25.09 -37.48
C TYR A 183 3.71 23.84 -38.36
N LEU A 184 3.30 22.70 -37.81
CA LEU A 184 3.24 21.42 -38.52
C LEU A 184 2.04 20.61 -38.05
N VAL A 185 1.41 19.89 -38.97
CA VAL A 185 0.39 18.87 -38.67
C VAL A 185 1.00 17.72 -37.87
N HIS A 186 0.34 17.30 -36.80
CA HIS A 186 0.81 16.13 -36.05
C HIS A 186 -0.22 14.98 -36.13
N PHE A 187 0.24 13.76 -36.36
CA PHE A 187 -0.63 12.58 -36.31
C PHE A 187 -0.43 11.82 -35.01
N THR A 188 -1.53 11.54 -34.33
CA THR A 188 -1.46 10.84 -33.07
C THR A 188 -2.40 9.63 -33.06
N GLN A 189 -2.16 8.70 -32.12
CA GLN A 189 -2.88 7.45 -32.08
C GLN A 189 -4.31 7.69 -31.58
N SER A 190 -5.27 7.06 -32.23
CA SER A 190 -6.62 7.10 -31.72
C SER A 190 -7.27 5.76 -32.02
N GLY A 191 -8.58 5.80 -32.30
CA GLY A 191 -9.34 4.66 -32.78
C GLY A 191 -9.99 3.79 -31.74
N ILE A 192 -9.84 4.14 -30.46
CA ILE A 192 -10.39 3.29 -29.41
C ILE A 192 -11.47 4.02 -28.63
N GLY A 193 -12.38 3.27 -28.00
CA GLY A 193 -13.56 3.80 -27.28
C GLY A 193 -13.51 3.81 -25.75
N LEU A 194 -12.36 3.50 -25.16
CA LEU A 194 -12.17 3.54 -23.71
C LEU A 194 -11.07 4.55 -23.37
N PRO A 195 -10.97 4.96 -22.10
CA PRO A 195 -10.02 6.04 -21.74
C PRO A 195 -8.57 5.80 -22.16
N ASP A 196 -8.16 4.55 -22.21
CA ASP A 196 -6.78 4.22 -22.47
C ASP A 196 -6.63 2.82 -23.06
N GLU A 197 -5.50 2.63 -23.74
CA GLU A 197 -5.07 1.35 -24.24
C GLU A 197 -5.08 0.28 -23.16
N SER A 198 -4.71 0.66 -21.92
CA SER A 198 -4.60 -0.32 -20.84
C SER A 198 -5.93 -0.97 -20.39
N TYR A 199 -7.06 -0.38 -20.82
CA TYR A 199 -8.40 -0.97 -20.51
C TYR A 199 -8.65 -2.27 -21.26
N TYR A 200 -7.87 -2.53 -22.32
CA TYR A 200 -8.12 -3.68 -23.18
C TYR A 200 -7.30 -4.91 -22.78
N ARG A 201 -6.38 -4.75 -21.82
CA ARG A 201 -5.55 -5.88 -21.35
C ARG A 201 -5.45 -6.00 -19.80
N ASP A 202 -5.12 -4.90 -19.12
CA ASP A 202 -4.85 -4.90 -17.67
C ASP A 202 -6.13 -5.29 -16.88
N GLU A 203 -6.00 -6.19 -15.90
CA GLU A 203 -7.14 -6.66 -15.09
C GLU A 203 -7.82 -5.59 -14.25
N GLN A 204 -7.06 -4.62 -13.73
CA GLN A 204 -7.64 -3.44 -13.09
C GLN A 204 -8.95 -2.99 -13.73
N HIS A 205 -9.09 -3.15 -15.06
CA HIS A 205 -10.25 -2.63 -15.81
C HIS A 205 -11.24 -3.66 -16.42
N ALA A 206 -11.11 -4.94 -16.03
CA ALA A 206 -11.95 -6.03 -16.57
C ALA A 206 -13.47 -5.84 -16.47
N ALA A 207 -13.96 -5.33 -15.35
CA ALA A 207 -15.39 -5.05 -15.19
C ALA A 207 -15.85 -4.08 -16.27
N VAL A 208 -15.11 -2.97 -16.44
CA VAL A 208 -15.45 -1.98 -17.48
C VAL A 208 -15.39 -2.63 -18.86
N LEU A 209 -14.34 -3.42 -19.10
CA LEU A 209 -14.15 -4.12 -20.38
C LEU A 209 -15.30 -5.09 -20.63
N ALA A 210 -15.86 -5.67 -19.58
CA ALA A 210 -16.93 -6.64 -19.74
C ALA A 210 -18.25 -5.97 -20.15
N ALA A 211 -18.45 -4.74 -19.71
CA ALA A 211 -19.71 -4.00 -19.85
C ALA A 211 -19.78 -3.25 -21.18
N TYR A 212 -18.62 -2.85 -21.70
CA TYR A 212 -18.49 -2.16 -22.99
C TYR A 212 -19.27 -2.80 -24.18
N PRO A 213 -19.11 -4.11 -24.45
CA PRO A 213 -19.90 -4.67 -25.56
C PRO A 213 -21.40 -4.52 -25.36
N GLY A 214 -21.87 -4.82 -24.14
CA GLY A 214 -23.29 -4.66 -23.80
C GLY A 214 -23.80 -3.27 -24.19
N HIS A 215 -23.00 -2.25 -23.85
CA HIS A 215 -23.31 -0.87 -24.20
C HIS A 215 -23.39 -0.56 -25.71
N ILE A 216 -22.38 -1.01 -26.47
CA ILE A 216 -22.31 -0.74 -27.91
C ILE A 216 -23.53 -1.33 -28.59
N ALA A 217 -23.80 -2.59 -28.29
CA ALA A 217 -25.02 -3.28 -28.71
C ALA A 217 -26.27 -2.53 -28.33
N ARG A 218 -26.33 -1.95 -27.13
CA ARG A 218 -27.51 -1.15 -26.72
C ARG A 218 -27.66 0.09 -27.59
N MET A 219 -26.55 0.79 -27.83
CA MET A 219 -26.60 1.99 -28.66
C MET A 219 -27.10 1.67 -30.08
N PHE A 220 -26.53 0.63 -30.69
CA PHE A 220 -26.94 0.24 -32.05
C PHE A 220 -28.44 -0.04 -32.13
N GLY A 221 -29.00 -0.65 -31.08
CA GLY A 221 -30.40 -0.98 -31.01
C GLY A 221 -31.29 0.24 -30.97
N LEU A 222 -30.79 1.30 -30.36
CA LEU A 222 -31.50 2.57 -30.27
C LEU A 222 -31.46 3.35 -31.58
N VAL A 223 -30.45 3.06 -32.41
CA VAL A 223 -30.25 3.76 -33.67
C VAL A 223 -30.99 3.05 -34.80
N TYR A 224 -30.82 1.73 -34.84
CA TYR A 224 -31.34 0.92 -35.91
C TYR A 224 -32.68 0.20 -35.64
N GLY A 225 -33.10 0.08 -34.37
CA GLY A 225 -34.25 -0.78 -34.05
C GLY A 225 -33.81 -2.21 -33.71
N GLY A 226 -34.78 -3.09 -33.42
CA GLY A 226 -34.49 -4.40 -32.80
C GLY A 226 -33.98 -4.26 -31.35
N GLU A 227 -33.55 -5.36 -30.72
CA GLU A 227 -33.01 -5.26 -29.34
C GLU A 227 -31.47 -5.30 -29.32
N SER A 228 -30.85 -5.19 -28.14
CA SER A 228 -29.38 -5.27 -28.08
C SER A 228 -28.84 -6.60 -28.62
N ARG A 229 -29.58 -7.70 -28.39
CA ARG A 229 -29.15 -9.05 -28.77
C ARG A 229 -28.89 -9.18 -30.26
N ASP A 230 -29.71 -8.49 -31.06
CA ASP A 230 -29.57 -8.48 -32.49
C ASP A 230 -28.26 -7.84 -32.92
N HIS A 231 -27.75 -6.92 -32.10
CA HIS A 231 -26.53 -6.15 -32.42
C HIS A 231 -25.25 -6.61 -31.73
N ALA A 232 -25.28 -7.86 -31.25
CA ALA A 232 -24.23 -8.47 -30.41
C ALA A 232 -22.98 -8.88 -31.18
N LYS A 233 -23.16 -9.52 -32.34
CA LYS A 233 -22.05 -9.81 -33.27
C LYS A 233 -21.34 -8.49 -33.65
N THR A 234 -22.12 -7.46 -34.00
CA THR A 234 -21.63 -6.12 -34.30
C THR A 234 -20.74 -5.57 -33.17
N ALA A 235 -21.24 -5.61 -31.95
CA ALA A 235 -20.45 -5.12 -30.81
C ALA A 235 -19.16 -5.89 -30.61
N ASP A 236 -19.22 -7.22 -30.69
CA ASP A 236 -18.05 -8.06 -30.47
C ASP A 236 -16.96 -7.84 -31.51
N ARG A 237 -17.35 -7.74 -32.78
CA ARG A 237 -16.41 -7.39 -33.85
C ARG A 237 -15.78 -6.03 -33.59
N ILE A 238 -16.58 -5.05 -33.17
CA ILE A 238 -16.03 -3.71 -32.85
C ILE A 238 -14.98 -3.73 -31.71
N VAL A 239 -15.27 -4.49 -30.65
CA VAL A 239 -14.37 -4.64 -29.50
C VAL A 239 -13.10 -5.43 -29.86
N ALA A 240 -13.24 -6.43 -30.72
CA ALA A 240 -12.04 -7.13 -31.22
C ALA A 240 -11.09 -6.17 -31.93
N LEU A 241 -11.63 -5.30 -32.79
CA LEU A 241 -10.83 -4.38 -33.59
C LEU A 241 -10.11 -3.31 -32.76
N GLU A 242 -10.84 -2.69 -31.84
CA GLU A 242 -10.23 -1.71 -30.94
C GLU A 242 -9.12 -2.32 -30.11
N THR A 243 -9.24 -3.61 -29.83
CA THR A 243 -8.26 -4.36 -29.04
C THR A 243 -7.02 -4.54 -29.87
N LYS A 244 -7.17 -4.84 -31.16
CA LYS A 244 -5.99 -4.86 -32.04
C LYS A 244 -5.38 -3.46 -32.13
N LEU A 245 -6.22 -2.42 -32.11
CA LEU A 245 -5.72 -1.05 -32.11
C LEU A 245 -5.03 -0.70 -30.81
N ALA A 246 -5.63 -1.11 -29.69
CA ALA A 246 -5.02 -0.81 -28.40
C ALA A 246 -3.65 -1.47 -28.31
N ASP A 247 -3.49 -2.65 -28.90
CA ASP A 247 -2.19 -3.33 -28.84
C ASP A 247 -1.08 -2.51 -29.46
N ALA A 248 -1.39 -1.75 -30.49
CA ALA A 248 -0.39 -0.96 -31.21
C ALA A 248 -0.12 0.37 -30.53
N HIS A 249 -0.96 0.74 -29.57
CA HIS A 249 -0.86 2.02 -28.87
C HIS A 249 0.32 2.03 -27.89
N TRP A 250 1.09 3.12 -27.86
CA TRP A 250 2.14 3.31 -26.85
C TRP A 250 1.43 3.68 -25.57
N ASP A 251 1.93 3.22 -24.43
CA ASP A 251 1.32 3.55 -23.15
C ASP A 251 1.54 5.02 -22.77
N VAL A 252 0.96 5.42 -21.66
CA VAL A 252 1.03 6.83 -21.26
C VAL A 252 2.46 7.31 -20.86
N VAL A 253 3.27 6.41 -20.31
CA VAL A 253 4.65 6.74 -20.00
C VAL A 253 5.41 7.00 -21.30
N LYS A 254 5.49 6.00 -22.17
CA LYS A 254 6.24 6.15 -23.41
C LYS A 254 5.69 7.35 -24.19
N ARG A 255 4.38 7.52 -24.15
CA ARG A 255 3.74 8.54 -24.93
C ARG A 255 4.13 10.00 -24.61
N ARG A 256 4.62 10.28 -23.41
CA ARG A 256 5.03 11.67 -23.13
C ARG A 256 6.51 11.96 -23.36
N ASP A 257 7.30 11.00 -23.86
CA ASP A 257 8.65 11.30 -24.24
C ASP A 257 8.69 12.18 -25.49
N ALA A 258 9.10 13.44 -25.28
CA ALA A 258 9.32 14.43 -26.34
C ALA A 258 10.23 13.93 -27.51
N ASP A 259 11.31 13.20 -27.16
CA ASP A 259 12.23 12.60 -28.11
C ASP A 259 11.63 11.48 -28.97
N LEU A 260 11.01 10.49 -28.31
CA LEU A 260 10.41 9.31 -28.99
C LEU A 260 9.16 9.76 -29.74
N GLY A 261 8.68 10.95 -29.40
CA GLY A 261 7.43 11.46 -29.94
C GLY A 261 7.69 12.32 -31.15
N TYR A 262 8.96 12.69 -31.38
CA TYR A 262 9.28 13.53 -32.53
C TYR A 262 9.83 12.74 -33.74
N ASN A 263 8.94 12.49 -34.70
CA ASN A 263 9.27 11.70 -35.86
C ASN A 263 8.84 12.41 -37.12
N LEU A 264 9.76 13.22 -37.65
CA LEU A 264 9.50 14.08 -38.79
C LEU A 264 9.49 13.23 -40.07
N ARG A 265 8.46 13.37 -40.90
CA ARG A 265 8.31 12.55 -42.10
C ARG A 265 7.92 13.45 -43.24
N THR A 266 8.17 13.06 -44.48
CA THR A 266 7.55 13.76 -45.62
C THR A 266 6.25 13.04 -45.98
N PHE A 267 5.31 13.74 -46.58
CA PHE A 267 4.13 13.06 -47.10
C PHE A 267 4.48 11.76 -47.87
N ALA A 268 5.43 11.84 -48.81
CA ALA A 268 5.83 10.64 -49.58
C ALA A 268 6.23 9.45 -48.68
N GLN A 269 6.96 9.74 -47.60
CA GLN A 269 7.40 8.69 -46.65
C GLN A 269 6.23 8.12 -45.89
N LEU A 270 5.27 8.97 -45.56
CA LEU A 270 4.03 8.52 -44.95
C LEU A 270 3.37 7.41 -45.80
N GLN A 271 3.24 7.66 -47.10
CA GLN A 271 2.66 6.71 -48.04
C GLN A 271 3.42 5.39 -48.18
N THR A 272 4.74 5.45 -48.40
CA THR A 272 5.61 4.26 -48.45
C THR A 272 5.55 3.47 -47.13
N GLU A 273 5.77 4.18 -46.02
CA GLU A 273 5.91 3.60 -44.68
C GLU A 273 4.60 2.97 -44.18
N GLY A 274 3.49 3.71 -44.28
CA GLY A 274 2.17 3.19 -43.91
C GLY A 274 1.26 2.92 -45.09
N ALA A 275 1.72 2.10 -46.04
CA ALA A 275 0.85 1.66 -47.15
C ALA A 275 -0.38 0.86 -46.66
N GLY A 276 -1.47 0.90 -47.44
CA GLY A 276 -2.68 0.15 -47.11
C GLY A 276 -3.84 1.04 -46.68
N PHE A 277 -3.54 2.32 -46.44
CA PHE A 277 -4.55 3.30 -46.08
C PHE A 277 -4.43 4.40 -47.10
N ASP A 278 -5.54 4.98 -47.55
CA ASP A 278 -5.42 6.05 -48.54
C ASP A 278 -5.26 7.39 -47.88
N TRP A 279 -4.01 7.79 -47.70
CA TRP A 279 -3.70 9.07 -47.10
C TRP A 279 -4.25 10.22 -47.92
N VAL A 280 -4.18 10.06 -49.24
CA VAL A 280 -4.48 11.12 -50.20
C VAL A 280 -5.96 11.51 -50.09
N SER A 281 -6.87 10.58 -50.37
CA SER A 281 -8.30 10.88 -50.24
C SER A 281 -8.73 11.22 -48.79
N TRP A 282 -8.09 10.62 -47.79
CA TRP A 282 -8.38 10.94 -46.40
C TRP A 282 -8.04 12.37 -46.09
N VAL A 283 -6.82 12.76 -46.42
CA VAL A 283 -6.33 14.09 -46.11
C VAL A 283 -7.13 15.16 -46.84
N THR A 284 -7.53 14.84 -48.06
CA THR A 284 -8.32 15.75 -48.89
C THR A 284 -9.67 16.00 -48.23
N ALA A 285 -10.35 14.94 -47.80
CA ALA A 285 -11.64 15.07 -47.10
C ALA A 285 -11.53 15.83 -45.76
N LEU A 286 -10.39 15.71 -45.08
CA LEU A 286 -10.13 16.51 -43.88
C LEU A 286 -10.11 18.00 -44.20
N GLY A 287 -9.85 18.31 -45.47
CA GLY A 287 -9.87 19.67 -45.98
C GLY A 287 -8.49 20.27 -46.19
N SER A 288 -7.63 19.59 -46.95
CA SER A 288 -6.25 20.02 -47.24
C SER A 288 -5.58 19.15 -48.29
N ALA A 289 -4.29 19.39 -48.53
CA ALA A 289 -3.61 18.81 -49.69
C ALA A 289 -2.25 18.18 -49.35
N PRO A 290 -1.78 17.23 -50.18
CA PRO A 290 -0.34 16.95 -50.25
C PRO A 290 0.49 18.20 -50.54
N ASP A 291 -0.15 19.37 -50.45
CA ASP A 291 0.52 20.68 -50.57
C ASP A 291 0.42 21.54 -49.29
N ALA A 292 -0.59 21.23 -48.45
CA ALA A 292 -0.88 21.93 -47.18
C ALA A 292 0.31 21.88 -46.24
N MET A 293 0.83 20.68 -45.99
CA MET A 293 2.22 20.53 -45.49
C MET A 293 2.95 19.22 -45.91
N THR A 294 4.04 19.38 -46.67
CA THR A 294 4.86 18.28 -47.20
C THR A 294 5.59 17.53 -46.12
N GLU A 295 5.91 18.24 -45.04
CA GLU A 295 6.43 17.65 -43.82
C GLU A 295 5.31 17.65 -42.79
N LEU A 296 5.40 16.73 -41.84
CA LEU A 296 4.42 16.57 -40.79
C LEU A 296 5.08 15.71 -39.71
N VAL A 297 4.45 15.65 -38.52
CA VAL A 297 5.02 14.90 -37.42
C VAL A 297 4.14 13.72 -37.03
N VAL A 298 4.74 12.53 -36.99
CA VAL A 298 4.07 11.28 -36.58
C VAL A 298 4.46 10.94 -35.16
N ARG A 299 3.56 11.15 -34.22
CA ARG A 299 3.86 10.91 -32.81
C ARG A 299 4.25 9.46 -32.49
N GLN A 300 3.62 8.49 -33.17
CA GLN A 300 3.88 7.05 -32.92
C GLN A 300 3.99 6.31 -34.26
N PRO A 301 5.19 6.26 -34.84
CA PRO A 301 5.40 5.62 -36.15
C PRO A 301 4.93 4.17 -36.26
N ASP A 302 5.28 3.31 -35.31
CA ASP A 302 4.91 1.87 -35.38
C ASP A 302 3.38 1.67 -35.26
N TYR A 303 2.69 2.54 -34.51
CA TYR A 303 1.23 2.57 -34.52
C TYR A 303 0.64 2.89 -35.91
N LEU A 304 1.17 3.93 -36.52
CA LEU A 304 0.71 4.36 -37.82
C LEU A 304 0.76 3.23 -38.83
N VAL A 305 1.92 2.55 -38.90
CA VAL A 305 2.16 1.36 -39.75
C VAL A 305 1.22 0.18 -39.44
N THR A 306 0.86 -0.03 -38.17
CA THR A 306 -0.07 -1.12 -37.88
C THR A 306 -1.52 -0.77 -38.23
N PHE A 307 -1.92 0.48 -37.98
CA PHE A 307 -3.20 0.99 -38.44
C PHE A 307 -3.37 0.81 -39.95
N ALA A 308 -2.38 1.29 -40.72
CA ALA A 308 -2.47 1.21 -42.19
C ALA A 308 -2.56 -0.23 -42.64
N SER A 309 -1.85 -1.10 -41.95
CA SER A 309 -1.80 -2.50 -42.33
C SER A 309 -3.16 -3.16 -42.10
N LEU A 310 -3.69 -2.99 -40.88
CA LEU A 310 -5.03 -3.47 -40.52
C LEU A 310 -6.15 -2.88 -41.36
N TRP A 311 -5.94 -1.69 -41.90
CA TRP A 311 -6.87 -1.10 -42.86
C TRP A 311 -6.94 -1.97 -44.14
N ALA A 312 -5.80 -2.47 -44.59
CA ALA A 312 -5.84 -3.33 -45.77
C ALA A 312 -6.33 -4.74 -45.39
N SER A 313 -5.75 -5.35 -44.36
CA SER A 313 -6.00 -6.76 -44.06
C SER A 313 -7.39 -7.11 -43.48
N VAL A 314 -7.94 -6.25 -42.62
CA VAL A 314 -9.28 -6.51 -42.02
C VAL A 314 -10.42 -6.18 -43.00
N ASN A 315 -11.49 -6.98 -42.97
CA ASN A 315 -12.58 -6.80 -43.91
C ASN A 315 -13.22 -5.43 -43.77
N VAL A 316 -13.50 -4.79 -44.90
CA VAL A 316 -14.07 -3.44 -44.89
C VAL A 316 -15.38 -3.37 -44.06
N GLU A 317 -16.17 -4.45 -44.06
CA GLU A 317 -17.41 -4.47 -43.29
C GLU A 317 -17.18 -4.47 -41.77
N ASP A 318 -16.05 -5.03 -41.32
CA ASP A 318 -15.63 -4.84 -39.94
C ASP A 318 -15.31 -3.37 -39.73
N TRP A 319 -14.44 -2.79 -40.55
CA TRP A 319 -14.13 -1.35 -40.49
C TRP A 319 -15.37 -0.44 -40.52
N LYS A 320 -16.36 -0.80 -41.34
CA LYS A 320 -17.61 -0.06 -41.41
C LYS A 320 -18.38 -0.05 -40.05
N CYS A 321 -18.43 -1.21 -39.37
CA CYS A 321 -19.07 -1.28 -38.07
C CYS A 321 -18.34 -0.37 -37.04
N TRP A 322 -17.01 -0.44 -37.03
CA TRP A 322 -16.17 0.47 -36.25
C TRP A 322 -16.46 1.95 -36.54
N ALA A 323 -16.68 2.29 -37.83
CA ALA A 323 -16.99 3.67 -38.21
C ALA A 323 -18.36 4.12 -37.68
N ARG A 324 -19.37 3.28 -37.83
CA ARG A 324 -20.70 3.56 -37.29
C ARG A 324 -20.64 3.89 -35.79
N TRP A 325 -19.84 3.12 -35.06
CA TRP A 325 -19.65 3.33 -33.63
C TRP A 325 -18.83 4.62 -33.33
N ARG A 326 -17.89 5.01 -34.20
CA ARG A 326 -17.21 6.29 -33.97
C ARG A 326 -18.22 7.43 -34.04
N LEU A 327 -19.11 7.30 -35.02
CA LEU A 327 -20.11 8.32 -35.30
C LEU A 327 -21.21 8.34 -34.23
N ILE A 328 -21.78 7.17 -33.92
CA ILE A 328 -22.89 7.05 -32.93
C ILE A 328 -22.50 7.59 -31.55
N ARG A 329 -21.28 7.29 -31.13
CA ARG A 329 -20.71 7.80 -29.90
C ARG A 329 -20.49 9.30 -29.97
N ALA A 330 -19.87 9.78 -31.05
CA ALA A 330 -19.61 11.21 -31.18
C ALA A 330 -20.88 12.02 -31.19
N ARG A 331 -21.98 11.45 -31.70
CA ARG A 331 -23.23 12.21 -31.86
C ARG A 331 -24.31 11.99 -30.77
N ALA A 332 -24.08 11.02 -29.89
CA ALA A 332 -25.02 10.62 -28.84
C ALA A 332 -25.55 11.72 -27.91
N PRO A 333 -24.71 12.72 -27.52
CA PRO A 333 -25.29 13.77 -26.66
C PRO A 333 -26.21 14.76 -27.41
N TRP A 334 -26.30 14.69 -28.74
CA TRP A 334 -27.11 15.64 -29.48
C TRP A 334 -28.43 15.04 -29.89
N LEU A 335 -28.69 13.80 -29.49
CA LEU A 335 -29.91 13.13 -29.98
C LEU A 335 -30.99 12.94 -28.94
N THR A 336 -31.75 11.84 -29.05
CA THR A 336 -32.92 11.57 -28.22
C THR A 336 -32.56 11.36 -26.77
N ARG A 337 -33.56 11.49 -25.89
CA ARG A 337 -33.40 11.25 -24.46
C ARG A 337 -32.80 9.88 -24.19
N ALA A 338 -33.22 8.92 -25.02
CA ALA A 338 -32.91 7.51 -24.85
C ALA A 338 -31.45 7.20 -25.21
N LEU A 339 -30.95 7.85 -26.27
CA LEU A 339 -29.51 7.77 -26.61
C LEU A 339 -28.58 8.55 -25.64
N VAL A 340 -29.04 9.69 -25.14
CA VAL A 340 -28.33 10.42 -24.08
C VAL A 340 -28.21 9.62 -22.78
N ALA A 341 -29.34 9.15 -22.24
CA ALA A 341 -29.35 8.29 -21.03
C ALA A 341 -28.38 7.06 -21.15
N GLU A 342 -28.56 6.23 -22.17
CA GLU A 342 -27.66 5.10 -22.39
C GLU A 342 -26.18 5.51 -22.57
N ASP A 343 -25.89 6.63 -23.23
CA ASP A 343 -24.52 7.09 -23.34
C ASP A 343 -23.95 7.45 -21.95
N PHE A 344 -24.77 8.10 -21.13
CA PHE A 344 -24.40 8.44 -19.77
C PHE A 344 -24.16 7.20 -18.87
N GLU A 345 -25.01 6.16 -19.02
CA GLU A 345 -24.90 4.91 -18.23
C GLU A 345 -23.52 4.28 -18.33
N PHE A 346 -22.94 4.29 -19.52
CA PHE A 346 -21.61 3.79 -19.68
C PHE A 346 -20.49 4.83 -19.48
N TYR A 347 -20.59 5.96 -20.18
CA TYR A 347 -19.48 6.94 -20.16
C TYR A 347 -19.47 7.82 -18.91
N GLY A 348 -20.62 7.92 -18.24
CA GLY A 348 -20.73 8.52 -16.91
C GLY A 348 -20.76 7.58 -15.71
N ARG A 349 -21.74 6.67 -15.61
CA ARG A 349 -21.87 5.80 -14.44
C ARG A 349 -20.81 4.69 -14.30
N THR A 350 -20.52 3.99 -15.40
CA THR A 350 -19.58 2.90 -15.33
C THR A 350 -18.15 3.40 -15.32
N LEU A 351 -17.80 4.44 -16.07
CA LEU A 351 -16.40 4.88 -16.07
C LEU A 351 -16.05 5.78 -14.89
N THR A 352 -17.05 6.47 -14.34
CA THR A 352 -16.80 7.54 -13.39
C THR A 352 -17.59 7.46 -12.06
N GLY A 353 -18.64 6.62 -12.02
CA GLY A 353 -19.48 6.54 -10.82
C GLY A 353 -20.55 7.63 -10.66
N ALA A 354 -20.61 8.56 -11.59
CA ALA A 354 -21.59 9.65 -11.54
C ALA A 354 -22.98 9.03 -11.61
N GLN A 355 -23.92 9.54 -10.82
CA GLN A 355 -25.22 8.89 -10.62
C GLN A 355 -26.30 9.37 -11.59
N GLN A 356 -26.41 10.67 -11.82
CA GLN A 356 -27.38 11.19 -12.80
C GLN A 356 -26.80 12.16 -13.84
N LEU A 357 -27.57 12.40 -14.91
CA LEU A 357 -27.21 13.39 -15.93
C LEU A 357 -27.16 14.80 -15.36
N ARG A 358 -26.22 15.60 -15.86
CA ARG A 358 -26.25 17.04 -15.61
C ARG A 358 -27.54 17.60 -16.22
N ASP A 359 -28.18 18.50 -15.47
CA ASP A 359 -29.33 19.29 -15.92
C ASP A 359 -29.10 19.85 -17.30
N ARG A 360 -30.20 19.92 -18.07
CA ARG A 360 -30.14 20.28 -19.49
C ARG A 360 -29.27 21.52 -19.76
N TRP A 361 -29.40 22.53 -18.88
CA TRP A 361 -28.73 23.82 -19.07
C TRP A 361 -27.21 23.77 -18.87
N LYS A 362 -26.74 22.91 -17.97
CA LYS A 362 -25.30 22.71 -17.78
C LYS A 362 -24.67 22.23 -19.06
N ARG A 363 -25.29 21.22 -19.68
CA ARG A 363 -24.85 20.67 -20.96
C ARG A 363 -24.93 21.68 -22.11
N GLY A 364 -25.87 22.62 -22.03
CA GLY A 364 -25.99 23.68 -23.03
C GLY A 364 -24.80 24.63 -22.99
N VAL A 365 -24.33 24.89 -21.77
CA VAL A 365 -23.18 25.74 -21.53
C VAL A 365 -21.87 25.12 -22.11
N SER A 366 -21.67 23.81 -21.91
CA SER A 366 -20.53 23.08 -22.51
C SER A 366 -20.50 23.23 -24.03
N LEU A 367 -21.67 23.02 -24.64
CA LEU A 367 -21.81 23.18 -26.07
C LEU A 367 -21.29 24.54 -26.48
N VAL A 368 -21.76 25.57 -25.78
CA VAL A 368 -21.37 26.91 -26.15
C VAL A 368 -19.87 27.13 -25.96
N GLU A 369 -19.33 26.58 -24.87
CA GLU A 369 -17.88 26.57 -24.56
C GLU A 369 -16.97 25.83 -25.57
N ASN A 370 -17.36 24.63 -25.99
CA ASN A 370 -16.53 23.88 -26.95
C ASN A 370 -16.47 24.56 -28.30
N LEU A 371 -17.59 25.11 -28.74
CA LEU A 371 -17.68 25.69 -30.08
C LEU A 371 -17.31 27.17 -30.14
N MET A 372 -17.82 27.97 -29.21
CA MET A 372 -17.51 29.40 -29.21
C MET A 372 -16.94 29.97 -27.88
N GLY A 373 -16.02 29.19 -27.29
CA GLY A 373 -15.39 29.56 -26.04
C GLY A 373 -14.78 30.94 -26.01
N ASP A 374 -14.16 31.34 -27.12
CA ASP A 374 -13.49 32.64 -27.20
C ASP A 374 -14.48 33.82 -27.18
N ALA A 375 -15.63 33.67 -27.81
CA ALA A 375 -16.63 34.73 -27.82
C ALA A 375 -17.22 34.89 -26.42
N VAL A 376 -17.50 33.76 -25.76
CA VAL A 376 -18.03 33.76 -24.42
C VAL A 376 -17.02 34.44 -23.51
N GLY A 377 -15.77 34.06 -23.72
CA GLY A 377 -14.68 34.66 -22.99
C GLY A 377 -14.54 36.17 -23.14
N LYS A 378 -14.89 36.71 -24.30
CA LYS A 378 -14.86 38.15 -24.53
C LYS A 378 -15.83 38.83 -23.54
N LEU A 379 -17.04 38.32 -23.47
CA LEU A 379 -18.06 38.90 -22.57
C LEU A 379 -17.72 38.68 -21.09
N TYR A 380 -17.26 37.47 -20.77
CA TYR A 380 -16.87 37.10 -19.41
C TYR A 380 -15.89 38.05 -18.74
N VAL A 381 -14.91 38.57 -19.48
CA VAL A 381 -13.83 39.38 -18.88
C VAL A 381 -14.11 40.87 -18.78
N GLN A 382 -15.12 41.32 -19.51
CA GLN A 382 -15.58 42.70 -19.42
C GLN A 382 -16.51 42.81 -18.21
N ARG A 383 -17.14 41.69 -17.90
CA ARG A 383 -18.11 41.56 -16.84
C ARG A 383 -17.47 41.10 -15.51
N HIS A 384 -16.37 40.35 -15.55
CA HIS A 384 -15.84 39.71 -14.32
C HIS A 384 -14.31 39.75 -14.17
N PHE A 385 -13.70 40.92 -14.39
CA PHE A 385 -12.25 41.07 -14.17
C PHE A 385 -11.79 42.53 -14.01
N ALA A 389 -6.35 43.90 -10.52
CA ALA A 389 -5.49 42.93 -9.85
C ALA A 389 -4.78 41.98 -10.82
N LYS A 390 -4.67 42.40 -12.08
CA LYS A 390 -3.72 41.85 -13.05
C LYS A 390 -2.32 42.30 -12.64
N SER A 391 -2.24 43.52 -12.14
CA SER A 391 -1.01 44.10 -11.64
C SER A 391 -0.38 43.28 -10.50
N ARG A 392 -1.17 42.89 -9.49
CA ARG A 392 -0.65 42.16 -8.31
C ARG A 392 -0.21 40.73 -8.58
N ILE A 393 -0.72 40.17 -9.67
CA ILE A 393 -0.27 38.86 -10.13
C ILE A 393 1.10 38.98 -10.79
N ASP A 394 1.30 40.08 -11.52
CA ASP A 394 2.57 40.35 -12.21
C ASP A 394 3.68 40.48 -11.20
N THR A 395 3.41 41.10 -10.08
CA THR A 395 4.39 41.15 -8.99
C THR A 395 4.76 39.76 -8.41
N LEU A 396 3.80 38.84 -8.31
CA LEU A 396 4.09 37.50 -7.80
C LEU A 396 4.90 36.68 -8.78
N VAL A 397 4.53 36.80 -10.06
CA VAL A 397 5.24 36.10 -11.14
C VAL A 397 6.69 36.50 -11.11
N ASP A 398 6.94 37.81 -11.02
CA ASP A 398 8.28 38.32 -10.90
C ASP A 398 9.01 37.78 -9.67
N ASN A 399 8.31 37.71 -8.53
CA ASN A 399 8.89 37.18 -7.32
C ASN A 399 9.34 35.73 -7.49
N LEU A 400 8.41 34.88 -7.93
CA LEU A 400 8.73 33.50 -8.25
C LEU A 400 9.85 33.36 -9.27
N GLN A 401 9.85 34.17 -10.32
CA GLN A 401 10.93 34.09 -11.29
C GLN A 401 12.28 34.41 -10.61
N GLU A 402 12.27 35.34 -9.65
CA GLU A 402 13.48 35.77 -8.99
C GLU A 402 13.95 34.67 -8.03
N ALA A 403 13.00 34.02 -7.35
CA ALA A 403 13.31 32.93 -6.43
C ALA A 403 13.91 31.73 -7.17
N TYR A 404 13.40 31.46 -8.38
CA TYR A 404 13.94 30.38 -9.22
C TYR A 404 15.33 30.72 -9.65
N ARG A 405 15.52 31.96 -10.10
CA ARG A 405 16.83 32.48 -10.47
C ARG A 405 17.88 32.23 -9.33
N ILE A 406 17.56 32.68 -8.11
CA ILE A 406 18.43 32.52 -6.94
C ILE A 406 18.70 31.03 -6.69
N SER A 407 17.65 30.23 -6.72
CA SER A 407 17.76 28.81 -6.42
C SER A 407 18.62 28.00 -7.44
N ILE A 408 18.38 28.18 -8.74
CA ILE A 408 19.25 27.64 -9.77
C ILE A 408 20.72 28.09 -9.61
N SER A 409 20.96 29.36 -9.29
CA SER A 409 22.34 29.89 -8.99
C SER A 409 23.20 29.08 -7.99
N GLU A 410 22.52 28.42 -7.05
CA GLU A 410 23.16 27.71 -5.96
C GLU A 410 22.97 26.21 -6.07
N LEU A 411 22.57 25.70 -7.22
CA LEU A 411 22.41 24.26 -7.34
C LEU A 411 23.75 23.57 -7.32
N ASP A 412 23.98 22.88 -6.22
CA ASP A 412 25.30 22.29 -5.93
C ASP A 412 25.53 21.00 -6.70
N TRP A 413 24.46 20.37 -7.17
CA TRP A 413 24.61 19.08 -7.84
C TRP A 413 24.97 19.18 -9.33
N MET A 414 25.03 20.39 -9.86
CA MET A 414 25.30 20.54 -11.29
C MET A 414 26.39 21.55 -11.59
N THR A 415 26.92 21.46 -12.81
CA THR A 415 28.04 22.28 -13.24
C THR A 415 27.61 23.74 -13.45
N PRO A 416 28.47 24.70 -13.04
CA PRO A 416 28.46 26.07 -13.51
C PRO A 416 27.99 26.25 -14.97
N GLN A 417 28.45 25.36 -15.85
CA GLN A 417 28.09 25.34 -17.27
C GLN A 417 26.59 25.28 -17.52
N THR A 418 25.95 24.25 -16.96
CA THR A 418 24.55 23.98 -17.26
C THR A 418 23.63 24.93 -16.44
N ARG A 419 24.12 25.36 -15.29
CA ARG A 419 23.44 26.38 -14.48
C ARG A 419 23.19 27.62 -15.33
N GLN A 420 24.25 28.06 -16.03
CA GLN A 420 24.22 29.28 -16.81
C GLN A 420 23.15 29.16 -17.87
N ARG A 421 23.21 28.07 -18.65
CA ARG A 421 22.17 27.73 -19.63
C ARG A 421 20.78 27.65 -18.99
N ALA A 422 20.69 27.01 -17.82
CA ALA A 422 19.42 26.99 -17.07
C ALA A 422 18.91 28.41 -16.72
N LEU A 423 19.82 29.30 -16.36
CA LEU A 423 19.45 30.71 -16.18
C LEU A 423 19.05 31.45 -17.47
N ALA A 424 19.75 31.16 -18.57
CA ALA A 424 19.32 31.68 -19.87
C ALA A 424 17.85 31.26 -20.18
N LYS A 425 17.51 29.97 -20.10
CA LYS A 425 16.13 29.60 -20.34
C LYS A 425 15.17 30.44 -19.49
N LEU A 426 15.39 30.47 -18.16
CA LEU A 426 14.45 31.15 -17.27
C LEU A 426 14.27 32.60 -17.61
N ASN A 427 15.31 33.26 -18.11
CA ASN A 427 15.19 34.67 -18.49
C ASN A 427 14.44 34.91 -19.79
N LYS A 428 14.25 33.87 -20.58
CA LYS A 428 13.43 33.95 -21.79
C LYS A 428 11.97 33.54 -21.51
N PHE A 429 11.57 33.49 -20.24
CA PHE A 429 10.17 33.20 -19.95
C PHE A 429 9.24 34.35 -20.34
N THR A 430 8.06 33.99 -20.87
CA THR A 430 6.99 34.91 -21.21
C THR A 430 5.77 34.56 -20.35
N ALA A 431 5.11 35.57 -19.80
CA ALA A 431 3.94 35.36 -18.98
C ALA A 431 2.67 35.98 -19.59
N LYS A 432 1.57 35.24 -19.57
CA LYS A 432 0.25 35.70 -20.01
C LYS A 432 -0.79 35.63 -18.86
N VAL A 433 -1.31 36.76 -18.44
CA VAL A 433 -2.22 36.76 -17.30
C VAL A 433 -3.60 37.28 -17.66
N GLY A 434 -4.64 36.62 -17.13
CA GLY A 434 -5.99 37.12 -17.22
C GLY A 434 -6.70 36.70 -18.50
N TYR A 435 -6.30 37.27 -19.64
CA TYR A 435 -7.05 37.10 -20.88
C TYR A 435 -6.23 37.47 -22.16
N PRO A 436 -6.66 36.96 -23.32
CA PRO A 436 -5.98 37.13 -24.61
C PRO A 436 -6.02 38.58 -25.15
N ILE A 437 -5.17 38.89 -26.14
CA ILE A 437 -5.13 40.23 -26.79
C ILE A 437 -5.96 40.30 -28.07
N LYS A 438 -6.01 39.17 -28.77
CA LYS A 438 -6.72 38.93 -30.01
C LYS A 438 -7.87 37.96 -29.68
N TRP A 439 -8.99 38.08 -30.39
CA TRP A 439 -10.14 37.20 -30.13
C TRP A 439 -10.53 36.50 -31.40
N ARG A 440 -10.93 35.22 -31.32
CA ARG A 440 -11.17 34.42 -32.52
C ARG A 440 -12.40 34.85 -33.33
N ASP A 441 -12.21 34.81 -34.64
CA ASP A 441 -13.22 35.24 -35.57
C ASP A 441 -14.19 34.10 -35.84
N TYR A 442 -15.48 34.40 -35.80
CA TYR A 442 -16.53 33.39 -35.98
C TYR A 442 -17.45 33.66 -37.20
N SER A 443 -16.99 34.51 -38.13
CA SER A 443 -17.81 34.98 -39.27
C SER A 443 -18.15 33.85 -40.19
N LYS A 444 -17.31 32.83 -40.24
CA LYS A 444 -17.59 31.74 -41.15
C LYS A 444 -18.59 30.73 -40.55
N LEU A 445 -19.07 31.01 -39.34
CA LEU A 445 -20.00 30.12 -38.64
C LEU A 445 -21.50 30.52 -38.58
N ALA A 446 -22.33 29.76 -39.29
CA ALA A 446 -23.78 29.98 -39.31
C ALA A 446 -24.57 29.14 -38.26
N ILE A 447 -25.42 29.79 -37.48
CA ILE A 447 -26.18 29.09 -36.43
C ILE A 447 -27.70 29.17 -36.60
N ASP A 448 -28.34 28.01 -36.54
CA ASP A 448 -29.78 27.87 -36.74
C ASP A 448 -30.33 27.48 -35.37
N ARG A 449 -31.32 28.22 -34.88
CA ARG A 449 -31.95 27.90 -33.61
C ARG A 449 -32.77 26.60 -33.62
N ASP A 450 -33.06 26.08 -34.80
CA ASP A 450 -33.92 24.88 -34.96
C ASP A 450 -33.18 23.68 -35.54
N ASP A 451 -31.85 23.73 -35.42
CA ASP A 451 -30.96 22.73 -36.00
C ASP A 451 -29.69 22.56 -35.12
N LEU A 452 -29.85 21.89 -33.98
CA LEU A 452 -28.74 21.62 -33.06
C LEU A 452 -27.68 20.75 -33.73
N TYR A 453 -28.10 19.71 -34.44
CA TYR A 453 -27.16 18.78 -35.04
C TYR A 453 -26.29 19.50 -36.05
N GLY A 454 -26.94 20.22 -36.96
CA GLY A 454 -26.27 21.02 -37.97
C GLY A 454 -25.29 21.99 -37.33
N ASN A 455 -25.73 22.65 -36.26
CA ASN A 455 -24.89 23.60 -35.55
C ASN A 455 -23.58 22.99 -35.03
N VAL A 456 -23.70 21.79 -34.46
CA VAL A 456 -22.56 21.02 -33.98
C VAL A 456 -21.57 20.74 -35.11
N GLN A 457 -22.07 20.25 -36.24
CA GLN A 457 -21.25 19.90 -37.42
C GLN A 457 -20.47 21.11 -37.92
N ARG A 458 -21.21 22.20 -38.14
CA ARG A 458 -20.68 23.46 -38.65
C ARG A 458 -19.67 24.03 -37.70
N GLY A 459 -19.99 23.94 -36.42
CA GLY A 459 -19.11 24.35 -35.33
C GLY A 459 -17.76 23.64 -35.30
N TYR A 460 -17.73 22.30 -35.40
CA TYR A 460 -16.43 21.62 -35.41
C TYR A 460 -15.69 21.83 -36.71
N ALA A 461 -16.41 22.07 -37.80
CA ALA A 461 -15.77 22.24 -39.08
C ALA A 461 -15.00 23.56 -39.13
N VAL A 462 -15.59 24.60 -38.55
CA VAL A 462 -15.02 25.96 -38.60
C VAL A 462 -13.77 26.04 -37.75
N ASN A 463 -13.81 25.36 -36.61
CA ASN A 463 -12.68 25.34 -35.70
C ASN A 463 -11.59 24.48 -36.33
N HIS A 464 -11.97 23.41 -37.01
CA HIS A 464 -11.02 22.58 -37.72
C HIS A 464 -10.38 23.38 -38.87
N ASP A 465 -11.21 24.04 -39.68
CA ASP A 465 -10.73 24.90 -40.77
C ASP A 465 -9.77 26.02 -40.30
N ARG A 466 -10.03 26.60 -39.12
CA ARG A 466 -9.14 27.63 -38.58
C ARG A 466 -7.76 27.07 -38.20
N GLU A 467 -7.74 25.84 -37.70
CA GLU A 467 -6.51 25.13 -37.35
C GLU A 467 -5.63 24.86 -38.57
N LEU A 468 -6.23 24.40 -39.66
CA LEU A 468 -5.44 24.10 -40.85
C LEU A 468 -4.90 25.37 -41.53
N ALA A 469 -5.64 26.48 -41.45
CA ALA A 469 -5.18 27.74 -42.03
C ALA A 469 -3.93 28.28 -41.33
N LYS A 470 -3.69 27.81 -40.10
CA LYS A 470 -2.46 28.12 -39.36
C LYS A 470 -1.21 27.75 -40.15
N LEU A 471 -1.26 26.59 -40.81
CA LEU A 471 -0.15 26.07 -41.62
C LEU A 471 0.39 27.04 -42.69
N PHE A 472 -0.48 27.90 -43.22
CA PHE A 472 -0.15 28.79 -44.34
C PHE A 472 0.47 30.14 -43.92
N GLY A 473 0.34 30.50 -42.63
CA GLY A 473 0.97 31.71 -42.11
C GLY A 473 2.06 31.40 -41.09
N PRO A 474 2.65 32.46 -40.47
CA PRO A 474 3.63 32.28 -39.40
C PRO A 474 2.93 31.93 -38.08
N VAL A 475 3.68 31.98 -36.98
CA VAL A 475 3.22 31.46 -35.68
C VAL A 475 2.57 32.53 -34.83
N ASP A 476 1.33 32.25 -34.39
CA ASP A 476 0.62 33.17 -33.51
C ASP A 476 1.15 33.05 -32.09
N ARG A 477 1.74 34.12 -31.59
CA ARG A 477 2.26 34.11 -30.23
C ARG A 477 1.41 34.98 -29.27
N ASP A 478 0.26 35.40 -29.75
CA ASP A 478 -0.71 36.10 -28.95
C ASP A 478 -1.86 35.15 -28.64
N GLU A 479 -1.87 34.00 -29.32
CA GLU A 479 -2.87 32.95 -29.15
C GLU A 479 -2.86 32.27 -27.78
N TRP A 480 -4.04 32.03 -27.20
CA TRP A 480 -4.19 31.27 -25.95
C TRP A 480 -4.81 29.92 -26.22
N PHE A 481 -4.50 28.93 -25.39
CA PHE A 481 -5.03 27.57 -25.56
C PHE A 481 -6.03 27.16 -24.47
N MET A 482 -6.46 28.13 -23.67
CA MET A 482 -7.55 27.97 -22.73
C MET A 482 -8.31 29.28 -22.78
N THR A 483 -9.60 29.24 -22.48
CA THR A 483 -10.43 30.46 -22.36
C THR A 483 -10.27 31.16 -21.00
N PRO A 484 -10.56 32.47 -20.92
CA PRO A 484 -10.29 33.10 -19.61
C PRO A 484 -11.14 32.54 -18.46
N GLN A 485 -12.36 32.07 -18.80
CA GLN A 485 -13.28 31.41 -17.84
C GLN A 485 -12.87 29.99 -17.38
N THR A 486 -11.74 29.48 -17.90
CA THR A 486 -11.19 28.18 -17.49
C THR A 486 -10.45 28.24 -16.13
N VAL A 487 -10.84 27.36 -15.20
CA VAL A 487 -10.19 27.27 -13.92
C VAL A 487 -9.03 26.26 -14.02
N ASN A 488 -7.91 26.72 -14.56
CA ASN A 488 -6.68 25.90 -14.72
C ASN A 488 -5.53 26.82 -15.17
N ALA A 489 -4.35 26.26 -15.45
CA ALA A 489 -3.20 27.05 -15.92
C ALA A 489 -2.28 26.09 -16.69
N TYR A 490 -1.35 26.63 -17.48
CA TYR A 490 -0.49 25.78 -18.30
C TYR A 490 0.86 26.39 -18.60
N TYR A 491 1.78 25.53 -19.00
CA TYR A 491 3.03 25.92 -19.56
C TYR A 491 3.01 25.49 -21.01
N ASN A 492 3.48 26.36 -21.88
CA ASN A 492 3.69 25.98 -23.28
C ASN A 492 5.20 25.93 -23.61
N PRO A 493 5.74 24.71 -23.79
CA PRO A 493 7.18 24.58 -24.01
C PRO A 493 7.63 25.37 -25.24
N GLY A 494 6.87 25.24 -26.32
CA GLY A 494 7.26 25.75 -27.63
C GLY A 494 7.38 27.25 -27.70
N MET A 495 6.59 27.94 -26.88
CA MET A 495 6.74 29.38 -26.74
C MET A 495 7.40 29.80 -25.41
N ASN A 496 7.79 28.81 -24.60
CA ASN A 496 8.38 29.05 -23.29
C ASN A 496 7.56 30.03 -22.43
N GLU A 497 6.27 29.76 -22.34
CA GLU A 497 5.38 30.68 -21.64
C GLU A 497 4.52 30.00 -20.66
N ILE A 498 4.20 30.78 -19.64
CA ILE A 498 3.27 30.37 -18.61
C ILE A 498 1.98 31.20 -18.75
N VAL A 499 0.82 30.56 -18.57
CA VAL A 499 -0.46 31.25 -18.83
C VAL A 499 -1.38 31.08 -17.65
N PHE A 500 -2.08 32.15 -17.27
CA PHE A 500 -3.00 32.11 -16.12
C PHE A 500 -4.31 32.79 -16.42
N PRO A 501 -5.29 32.00 -16.90
CA PRO A 501 -6.67 32.48 -17.13
C PRO A 501 -7.18 33.24 -15.92
N ALA A 502 -8.06 34.21 -16.14
CA ALA A 502 -8.62 35.03 -15.07
C ALA A 502 -9.24 34.27 -13.92
N ALA A 503 -9.81 33.11 -14.22
CA ALA A 503 -10.67 32.44 -13.29
C ALA A 503 -9.92 31.67 -12.22
N ILE A 504 -8.63 31.42 -12.42
CA ILE A 504 -7.76 30.82 -11.37
C ILE A 504 -7.31 31.90 -10.34
N LEU A 505 -7.52 33.18 -10.66
CA LEU A 505 -7.02 34.26 -9.81
C LEU A 505 -8.09 34.66 -8.82
N GLN A 506 -8.50 33.67 -8.04
CA GLN A 506 -9.64 33.74 -7.15
C GLN A 506 -9.30 32.93 -5.92
N PRO A 507 -9.95 33.23 -4.78
CA PRO A 507 -9.77 32.36 -3.60
C PRO A 507 -10.19 30.91 -3.93
N PRO A 508 -9.49 29.89 -3.36
CA PRO A 508 -8.40 29.95 -2.36
C PRO A 508 -6.99 30.12 -2.95
N PHE A 509 -6.86 30.42 -4.25
CA PHE A 509 -5.54 30.61 -4.84
C PHE A 509 -5.02 31.99 -4.55
N PHE A 510 -5.88 32.98 -4.76
CA PHE A 510 -5.45 34.35 -4.63
C PHE A 510 -6.52 35.19 -3.99
N ASP A 511 -6.16 35.87 -2.91
CA ASP A 511 -7.09 36.76 -2.28
C ASP A 511 -6.45 38.10 -1.98
N PRO A 512 -6.78 39.14 -2.77
CA PRO A 512 -6.19 40.48 -2.58
C PRO A 512 -6.36 41.06 -1.17
N GLN A 513 -7.37 40.60 -0.41
CA GLN A 513 -7.59 41.05 0.98
C GLN A 513 -6.73 40.32 2.05
N ALA A 514 -6.13 39.20 1.70
CA ALA A 514 -5.58 38.26 2.67
C ALA A 514 -4.11 38.51 2.94
N ASP A 515 -3.62 38.00 4.07
CA ASP A 515 -2.19 37.95 4.35
C ASP A 515 -1.53 37.13 3.26
N GLU A 516 -0.30 37.48 2.87
CA GLU A 516 0.32 36.92 1.65
C GLU A 516 0.68 35.43 1.75
N ALA A 517 0.84 34.92 2.99
CA ALA A 517 1.23 33.51 3.12
C ALA A 517 0.30 32.57 2.34
N ALA A 518 -1.01 32.75 2.48
CA ALA A 518 -2.00 31.89 1.77
C ALA A 518 -1.84 31.97 0.26
N ASN A 519 -1.46 33.17 -0.22
CA ASN A 519 -1.33 33.45 -1.63
C ASN A 519 -0.11 32.81 -2.23
N TYR A 520 1.01 32.87 -1.50
CA TYR A 520 2.22 32.17 -1.96
C TYR A 520 2.00 30.65 -1.95
N GLY A 521 1.33 30.19 -0.91
CA GLY A 521 0.98 28.80 -0.81
C GLY A 521 -0.02 28.35 -1.87
N GLY A 522 -0.88 29.28 -2.35
CA GLY A 522 -1.85 28.97 -3.40
C GLY A 522 -1.34 29.36 -4.78
N ILE A 523 -1.76 30.53 -5.25
CA ILE A 523 -1.31 31.02 -6.56
C ILE A 523 0.22 31.10 -6.77
N GLY A 524 0.96 31.45 -5.72
CA GLY A 524 2.43 31.44 -5.77
C GLY A 524 3.00 30.11 -6.21
N ALA A 525 2.60 29.05 -5.51
CA ALA A 525 2.92 27.67 -5.89
C ALA A 525 2.42 27.29 -7.30
N VAL A 526 1.17 27.66 -7.63
CA VAL A 526 0.66 27.43 -8.99
C VAL A 526 1.65 28.05 -9.98
N ILE A 527 2.00 29.29 -9.75
CA ILE A 527 2.99 29.95 -10.62
C ILE A 527 4.32 29.13 -10.65
N GLY A 528 4.80 28.76 -9.47
CA GLY A 528 5.99 27.92 -9.41
C GLY A 528 5.87 26.65 -10.23
N HIS A 529 4.66 26.09 -10.25
CA HIS A 529 4.43 24.78 -10.87
C HIS A 529 4.57 24.91 -12.40
N GLU A 530 4.05 26.01 -12.96
CA GLU A 530 4.05 26.24 -14.39
C GLU A 530 5.45 26.56 -14.85
N ILE A 531 6.20 27.34 -14.04
CA ILE A 531 7.62 27.60 -14.31
C ILE A 531 8.36 26.29 -14.28
N GLY A 532 8.06 25.47 -13.29
CA GLY A 532 8.81 24.24 -13.14
C GLY A 532 8.63 23.25 -14.27
N HIS A 533 7.47 23.31 -14.93
CA HIS A 533 7.21 22.47 -16.10
C HIS A 533 8.25 22.66 -17.19
N GLY A 534 8.79 23.87 -17.30
CA GLY A 534 9.79 24.17 -18.32
C GLY A 534 11.11 23.48 -17.99
N PHE A 535 11.14 22.88 -16.80
CA PHE A 535 12.36 22.28 -16.27
C PHE A 535 12.14 20.84 -15.83
N ASP A 536 11.00 20.26 -16.17
CA ASP A 536 10.80 18.89 -15.75
C ASP A 536 11.56 18.00 -16.71
N ASP A 537 11.36 16.70 -16.58
CA ASP A 537 12.19 15.73 -17.29
C ASP A 537 12.03 15.84 -18.80
N GLN A 538 10.95 16.49 -19.25
CA GLN A 538 10.74 16.72 -20.71
C GLN A 538 10.91 18.18 -21.07
N GLY A 539 10.34 19.08 -20.29
CA GLY A 539 10.44 20.49 -20.55
C GLY A 539 11.87 20.92 -20.64
N ALA A 540 12.74 20.32 -19.82
CA ALA A 540 14.18 20.69 -19.80
C ALA A 540 14.91 20.36 -21.09
N LYS A 541 14.25 19.66 -22.02
CA LYS A 541 14.88 19.29 -23.30
C LYS A 541 14.73 20.40 -24.34
N TYR A 542 13.93 21.40 -23.98
CA TYR A 542 13.60 22.50 -24.85
C TYR A 542 14.38 23.69 -24.33
N ASP A 543 15.02 24.43 -25.24
CA ASP A 543 15.70 25.65 -24.85
C ASP A 543 14.69 26.80 -24.66
N GLY A 544 15.21 28.02 -24.43
CA GLY A 544 14.40 29.20 -24.16
C GLY A 544 13.64 29.68 -25.39
N ASP A 545 14.00 29.13 -26.54
CA ASP A 545 13.34 29.50 -27.77
C ASP A 545 12.27 28.47 -28.21
N GLY A 546 12.02 27.44 -27.37
CA GLY A 546 11.03 26.38 -27.63
C GLY A 546 11.45 25.28 -28.61
N ASN A 547 12.77 25.09 -28.77
CA ASN A 547 13.32 24.05 -29.63
C ASN A 547 13.97 22.89 -28.84
N LEU A 548 13.69 21.64 -29.25
CA LEU A 548 14.34 20.44 -28.72
C LEU A 548 15.84 20.43 -28.97
N VAL A 549 16.61 20.91 -27.99
CA VAL A 549 18.06 20.92 -28.09
C VAL A 549 18.60 20.39 -26.77
N ASP A 550 19.68 19.61 -26.81
CA ASP A 550 20.36 19.31 -25.54
C ASP A 550 21.25 20.48 -25.13
N TRP A 551 20.91 21.13 -24.01
CA TRP A 551 21.74 22.22 -23.46
C TRP A 551 22.53 21.75 -22.22
N TRP A 552 22.66 20.43 -22.10
CA TRP A 552 23.32 19.85 -20.93
C TRP A 552 24.61 19.16 -21.33
N THR A 553 25.47 18.95 -20.33
CA THR A 553 26.57 17.97 -20.36
C THR A 553 26.04 16.58 -19.90
N ASP A 554 26.79 15.50 -20.19
CA ASP A 554 26.32 14.15 -19.83
C ASP A 554 26.32 13.93 -18.31
N ASP A 555 27.27 14.56 -17.61
CA ASP A 555 27.34 14.45 -16.15
C ASP A 555 26.08 14.99 -15.49
N ASP A 556 25.60 16.11 -16.03
CA ASP A 556 24.44 16.77 -15.49
C ASP A 556 23.12 16.04 -15.85
N ARG A 557 23.08 15.43 -17.04
CA ARG A 557 22.01 14.52 -17.40
C ARG A 557 21.93 13.29 -16.48
N THR A 558 23.08 12.74 -16.08
CA THR A 558 23.12 11.53 -15.26
C THR A 558 22.60 11.79 -13.87
N GLU A 559 23.15 12.81 -13.23
CA GLU A 559 22.68 13.20 -11.91
C GLU A 559 21.17 13.53 -11.95
N PHE A 560 20.75 14.31 -12.93
CA PHE A 560 19.33 14.65 -13.11
C PHE A 560 18.45 13.38 -13.22
N ALA A 561 18.89 12.39 -14.00
CA ALA A 561 18.17 11.12 -14.12
C ALA A 561 18.13 10.35 -12.81
N ALA A 562 19.23 10.35 -12.07
CA ALA A 562 19.27 9.80 -10.71
C ALA A 562 18.16 10.38 -9.81
N ARG A 563 18.06 11.70 -9.72
CA ARG A 563 17.03 12.35 -8.90
C ARG A 563 15.61 12.08 -9.44
N THR A 564 15.47 12.01 -10.76
CA THR A 564 14.21 11.66 -11.40
C THR A 564 13.80 10.25 -10.94
N LYS A 565 14.69 9.27 -11.14
CA LYS A 565 14.47 7.89 -10.68
C LYS A 565 13.98 7.87 -9.24
N ALA A 566 14.67 8.56 -8.33
CA ALA A 566 14.26 8.56 -6.91
C ALA A 566 12.82 9.04 -6.65
N LEU A 567 12.41 10.07 -7.39
CA LEU A 567 11.04 10.57 -7.32
C LEU A 567 9.99 9.58 -7.92
N ILE A 568 10.27 9.04 -9.10
CA ILE A 568 9.49 7.96 -9.72
C ILE A 568 9.24 6.81 -8.70
N GLU A 569 10.30 6.36 -8.05
CA GLU A 569 10.23 5.26 -7.10
C GLU A 569 9.40 5.61 -5.88
N GLN A 570 9.48 6.86 -5.43
CA GLN A 570 8.68 7.31 -4.31
C GLN A 570 7.20 7.17 -4.62
N TYR A 571 6.75 7.78 -5.71
CA TYR A 571 5.32 7.85 -5.99
C TYR A 571 4.68 6.55 -6.48
N HIS A 572 5.52 5.59 -6.89
CA HIS A 572 5.06 4.29 -7.37
C HIS A 572 4.44 3.52 -6.19
N ALA A 573 4.93 3.83 -4.98
CA ALA A 573 4.55 3.15 -3.76
C ALA A 573 3.28 3.72 -3.12
N TYR A 574 2.66 4.69 -3.76
CA TYR A 574 1.48 5.39 -3.19
C TYR A 574 0.15 4.80 -3.66
N THR A 575 -0.74 4.52 -2.72
CA THR A 575 -2.06 4.10 -3.09
C THR A 575 -3.00 5.10 -2.47
N PRO A 576 -3.92 5.65 -3.28
CA PRO A 576 -4.95 6.54 -2.71
C PRO A 576 -5.64 5.90 -1.49
N ARG A 577 -5.80 6.68 -0.41
CA ARG A 577 -6.32 6.16 0.86
C ARG A 577 -7.73 5.58 0.73
N ASP A 578 -8.53 6.13 -0.17
CA ASP A 578 -9.87 5.63 -0.47
C ASP A 578 -9.75 4.31 -1.32
N LEU A 579 -8.54 3.93 -1.75
CA LEU A 579 -8.40 2.68 -2.53
C LEU A 579 -7.57 1.55 -1.89
N VAL A 580 -7.22 1.66 -0.61
CA VAL A 580 -6.26 0.71 -0.02
C VAL A 580 -6.66 -0.78 -0.10
N ASP A 581 -7.94 -1.09 -0.05
CA ASP A 581 -8.33 -2.51 -0.07
C ASP A 581 -8.72 -3.07 -1.42
N HIS A 582 -8.58 -2.26 -2.47
CA HIS A 582 -8.80 -2.72 -3.80
C HIS A 582 -7.78 -3.77 -4.30
N PRO A 583 -8.19 -4.74 -5.16
CA PRO A 583 -7.21 -5.67 -5.73
C PRO A 583 -5.99 -4.93 -6.27
N GLY A 584 -4.79 -5.40 -5.96
CA GLY A 584 -3.56 -4.85 -6.51
C GLY A 584 -2.54 -4.68 -5.41
N PRO A 585 -2.62 -3.57 -4.65
CA PRO A 585 -3.62 -2.50 -4.77
C PRO A 585 -3.33 -1.61 -5.98
N PRO A 586 -4.29 -0.78 -6.40
CA PRO A 586 -3.93 0.27 -7.35
C PRO A 586 -2.81 1.12 -6.76
N HIS A 587 -2.00 1.74 -7.62
CA HIS A 587 -0.90 2.60 -7.16
C HIS A 587 -0.69 3.68 -8.20
N VAL A 588 -0.22 4.86 -7.74
CA VAL A 588 0.25 5.91 -8.61
C VAL A 588 1.34 5.44 -9.61
N GLN A 589 1.22 5.90 -10.85
CA GLN A 589 2.22 5.55 -11.86
C GLN A 589 3.35 6.57 -11.76
N GLY A 590 4.35 6.20 -10.97
CA GLY A 590 5.51 7.03 -10.69
C GLY A 590 6.17 7.55 -11.95
N ALA A 591 6.28 6.71 -12.97
CA ALA A 591 6.86 7.08 -14.28
C ALA A 591 5.99 8.01 -15.17
N PHE A 592 4.67 7.99 -15.00
CA PHE A 592 3.71 8.87 -15.70
C PHE A 592 3.60 10.24 -15.04
N THR A 593 3.55 10.26 -13.72
CA THR A 593 3.27 11.48 -12.99
C THR A 593 4.51 12.32 -12.73
N ILE A 594 5.67 11.83 -13.19
CA ILE A 594 6.97 12.45 -12.87
C ILE A 594 7.06 13.96 -13.17
N GLY A 595 6.63 14.32 -14.38
CA GLY A 595 6.73 15.68 -14.83
C GLY A 595 5.89 16.56 -13.92
N GLU A 596 4.67 16.14 -13.68
CA GLU A 596 3.80 16.82 -12.75
C GLU A 596 4.40 16.88 -11.33
N ASN A 597 5.01 15.79 -10.86
CA ASN A 597 5.55 15.79 -9.51
C ASN A 597 6.75 16.74 -9.39
N ILE A 598 7.52 16.89 -10.48
CA ILE A 598 8.65 17.82 -10.48
C ILE A 598 8.10 19.25 -10.40
N GLY A 599 7.07 19.52 -11.21
CA GLY A 599 6.32 20.76 -11.15
C GLY A 599 5.91 21.10 -9.72
N ASP A 600 5.21 20.18 -9.07
CA ASP A 600 4.73 20.37 -7.69
C ASP A 600 5.85 20.66 -6.69
N LEU A 601 6.91 19.87 -6.73
CA LEU A 601 8.01 20.05 -5.82
C LEU A 601 8.77 21.39 -6.02
N GLY A 602 9.11 21.72 -7.27
CA GLY A 602 9.67 23.03 -7.60
C GLY A 602 8.73 24.15 -7.21
N GLY A 603 7.45 23.99 -7.58
CA GLY A 603 6.44 24.99 -7.30
C GLY A 603 6.44 25.46 -5.85
N LEU A 604 6.23 24.55 -4.95
CA LEU A 604 6.03 24.89 -3.56
C LEU A 604 7.33 25.29 -2.89
N SER A 605 8.45 24.60 -3.19
CA SER A 605 9.69 24.92 -2.48
C SER A 605 10.03 26.30 -2.82
N ILE A 606 9.86 26.68 -4.08
CA ILE A 606 10.32 27.97 -4.54
C ILE A 606 9.31 29.03 -4.14
N ALA A 607 8.07 28.63 -3.95
CA ALA A 607 7.09 29.55 -3.40
C ALA A 607 7.47 29.94 -1.96
N LEU A 608 7.87 28.96 -1.14
CA LEU A 608 8.34 29.19 0.23
C LEU A 608 9.48 30.16 0.22
N LEU A 609 10.45 29.88 -0.64
CA LEU A 609 11.63 30.75 -0.69
C LEU A 609 11.19 32.22 -0.96
N ALA A 610 10.40 32.40 -2.04
CA ALA A 610 9.84 33.72 -2.40
C ALA A 610 9.09 34.38 -1.24
N TYR A 611 8.32 33.59 -0.49
CA TYR A 611 7.65 34.15 0.66
C TYR A 611 8.64 34.71 1.71
N GLN A 612 9.62 33.87 2.12
CA GLN A 612 10.70 34.28 3.04
C GLN A 612 11.36 35.53 2.56
N LEU A 613 11.63 35.63 1.26
CA LEU A 613 12.27 36.81 0.70
C LEU A 613 11.39 38.05 0.73
N SER A 614 10.08 37.87 0.77
CA SER A 614 9.19 39.02 0.75
C SER A 614 9.02 39.63 2.12
N LEU A 615 9.50 38.95 3.16
CA LEU A 615 9.46 39.46 4.53
C LEU A 615 10.54 40.50 4.82
N ASN A 616 11.56 40.55 3.97
CA ASN A 616 12.71 41.47 4.11
C ASN A 616 13.36 41.42 5.47
N GLY A 617 13.37 40.25 6.09
CA GLY A 617 13.98 40.09 7.40
C GLY A 617 13.08 40.26 8.62
N ASN A 618 11.82 40.55 8.40
CA ASN A 618 10.88 40.69 9.50
C ASN A 618 10.26 39.36 9.85
N PRO A 619 9.97 39.15 11.15
CA PRO A 619 9.29 37.90 11.48
C PRO A 619 7.91 37.88 10.81
N ALA A 620 7.56 36.73 10.23
CA ALA A 620 6.27 36.51 9.65
C ALA A 620 5.14 36.68 10.69
N PRO A 621 4.12 37.48 10.36
CA PRO A 621 3.01 37.61 11.30
C PRO A 621 2.40 36.24 11.62
N VAL A 622 2.08 36.04 12.90
CA VAL A 622 1.30 34.91 13.37
C VAL A 622 -0.22 35.23 13.33
N ILE A 623 -0.97 34.34 12.70
CA ILE A 623 -2.44 34.51 12.51
C ILE A 623 -3.13 33.19 12.80
N ASP A 624 -4.22 33.26 13.60
CA ASP A 624 -5.10 32.12 13.89
C ASP A 624 -4.34 30.94 14.51
N GLY A 625 -3.29 31.24 15.25
CA GLY A 625 -2.49 30.19 15.79
C GLY A 625 -1.33 29.75 14.92
N LEU A 626 -1.25 30.22 13.67
CA LEU A 626 -0.27 29.65 12.74
C LEU A 626 0.83 30.62 12.35
N THR A 627 2.03 30.05 12.26
CA THR A 627 3.23 30.69 11.80
C THR A 627 3.05 30.99 10.31
N GLY A 628 3.77 31.96 9.78
CA GLY A 628 3.73 32.29 8.37
C GLY A 628 4.05 31.09 7.50
N MET A 629 5.16 30.43 7.78
CA MET A 629 5.50 29.22 7.04
C MET A 629 4.39 28.15 7.11
N GLN A 630 3.80 27.97 8.29
CA GLN A 630 2.76 26.96 8.45
C GLN A 630 1.56 27.27 7.57
N ARG A 631 1.23 28.57 7.44
CA ARG A 631 0.08 28.96 6.61
C ARG A 631 0.34 28.75 5.14
N VAL A 632 1.60 28.80 4.70
CA VAL A 632 1.94 28.49 3.31
C VAL A 632 1.63 27.00 3.03
N PHE A 633 2.08 26.11 3.89
CA PHE A 633 1.74 24.72 3.73
C PHE A 633 0.22 24.43 3.85
N PHE A 634 -0.48 25.09 4.77
CA PHE A 634 -1.93 24.96 4.82
C PHE A 634 -2.55 25.48 3.50
N GLY A 635 -2.00 26.57 2.96
CA GLY A 635 -2.43 27.07 1.65
C GLY A 635 -2.27 26.04 0.54
N TRP A 636 -1.10 25.44 0.49
CA TRP A 636 -0.87 24.35 -0.47
C TRP A 636 -1.89 23.27 -0.18
N ALA A 637 -2.11 22.96 1.10
CA ALA A 637 -2.97 21.80 1.36
C ALA A 637 -4.40 22.08 0.94
N GLN A 638 -4.90 23.29 1.19
CA GLN A 638 -6.31 23.58 0.96
C GLN A 638 -6.70 23.75 -0.52
N ILE A 639 -5.73 24.02 -1.39
CA ILE A 639 -6.05 24.10 -2.83
C ILE A 639 -6.19 22.70 -3.44
N TRP A 640 -5.63 21.69 -2.77
CA TRP A 640 -5.76 20.31 -3.20
C TRP A 640 -6.99 19.64 -2.59
N ARG A 641 -7.88 20.43 -1.94
CA ARG A 641 -9.10 19.86 -1.33
C ARG A 641 -9.97 19.28 -2.45
N THR A 642 -9.86 17.98 -2.68
CA THR A 642 -10.60 17.30 -3.74
C THR A 642 -10.79 15.83 -3.39
N LYS A 643 -11.94 15.27 -3.73
CA LYS A 643 -12.10 13.81 -3.61
C LYS A 643 -12.85 13.24 -4.80
N SER A 644 -12.64 11.96 -5.05
CA SER A 644 -13.32 11.30 -6.18
C SER A 644 -13.95 9.94 -5.84
N ARG A 645 -14.92 9.53 -6.66
CA ARG A 645 -15.60 8.23 -6.50
C ARG A 645 -14.55 7.25 -6.92
N ALA A 646 -14.64 6.04 -6.39
CA ALA A 646 -13.65 4.99 -6.68
C ALA A 646 -13.39 4.79 -8.19
N ALA A 647 -14.44 4.60 -8.96
CA ALA A 647 -14.29 4.42 -10.42
C ALA A 647 -13.53 5.58 -11.11
N GLU A 648 -13.71 6.82 -10.65
CA GLU A 648 -13.05 7.97 -11.31
C GLU A 648 -11.60 8.07 -10.86
N ALA A 649 -11.36 7.63 -9.63
CA ALA A 649 -9.99 7.61 -9.12
C ALA A 649 -9.12 6.59 -9.89
N ILE A 650 -9.71 5.45 -10.20
CA ILE A 650 -9.01 4.40 -10.93
C ILE A 650 -8.81 4.87 -12.35
N ARG A 651 -9.82 5.52 -12.92
CA ARG A 651 -9.68 6.11 -14.26
C ARG A 651 -8.51 7.08 -14.29
N ARG A 652 -8.46 7.98 -13.28
CA ARG A 652 -7.36 8.94 -13.16
C ARG A 652 -5.95 8.30 -12.99
N LEU A 653 -5.82 7.22 -12.20
CA LEU A 653 -4.53 6.54 -11.97
C LEU A 653 -3.99 6.10 -13.32
N ALA A 654 -4.93 5.80 -14.23
CA ALA A 654 -4.61 5.35 -15.59
C ALA A 654 -4.27 6.50 -16.57
N VAL A 655 -5.03 7.59 -16.56
CA VAL A 655 -4.91 8.58 -17.67
C VAL A 655 -4.53 10.03 -17.29
N ASP A 656 -4.34 10.30 -15.99
CA ASP A 656 -4.15 11.67 -15.50
C ASP A 656 -2.72 11.83 -15.00
N PRO A 657 -1.89 12.59 -15.74
CA PRO A 657 -0.48 12.69 -15.35
C PRO A 657 -0.34 13.44 -14.04
N HIS A 658 -1.39 14.08 -13.56
CA HIS A 658 -1.33 14.65 -12.20
C HIS A 658 -1.42 13.57 -11.13
N SER A 659 -0.67 13.71 -10.05
CA SER A 659 -0.82 12.80 -8.93
C SER A 659 -2.22 12.99 -8.26
N PRO A 660 -2.73 11.95 -7.54
CA PRO A 660 -3.94 12.24 -6.76
C PRO A 660 -3.64 13.38 -5.79
N PRO A 661 -4.64 14.25 -5.51
CA PRO A 661 -4.53 15.45 -4.67
C PRO A 661 -3.87 15.20 -3.33
N GLU A 662 -4.13 14.05 -2.70
CA GLU A 662 -3.59 13.76 -1.37
C GLU A 662 -2.10 13.63 -1.42
N PHE A 663 -1.59 13.28 -2.58
CA PHE A 663 -0.18 13.07 -2.78
C PHE A 663 0.51 14.32 -3.29
N ARG A 664 -0.22 15.14 -4.05
CA ARG A 664 0.30 16.43 -4.45
C ARG A 664 0.54 17.25 -3.17
N CYS A 665 -0.35 17.07 -2.19
CA CYS A 665 -0.12 17.60 -0.86
C CYS A 665 0.97 16.83 -0.09
N ASN A 666 0.73 15.56 0.27
CA ASN A 666 1.62 14.91 1.25
C ASN A 666 2.94 14.50 0.64
N GLY A 667 2.89 14.02 -0.60
CA GLY A 667 4.08 13.55 -1.29
C GLY A 667 5.09 14.63 -1.60
N VAL A 668 4.65 15.88 -1.70
CA VAL A 668 5.57 16.95 -1.98
C VAL A 668 6.26 17.41 -0.67
N VAL A 669 5.46 17.71 0.35
CA VAL A 669 6.01 18.27 1.56
C VAL A 669 7.13 17.43 2.21
N ARG A 670 7.05 16.09 2.18
CA ARG A 670 8.07 15.26 2.85
C ARG A 670 9.45 15.32 2.21
N ASN A 671 9.54 15.91 1.01
CA ASN A 671 10.85 16.18 0.41
C ASN A 671 11.38 17.59 0.71
N VAL A 672 10.64 18.38 1.50
CA VAL A 672 10.93 19.80 1.72
C VAL A 672 11.30 20.09 3.18
N ASP A 673 12.54 20.52 3.38
CA ASP A 673 13.08 20.66 4.70
C ASP A 673 12.31 21.67 5.51
N ALA A 674 11.92 22.77 4.90
CA ALA A 674 11.09 23.74 5.59
C ALA A 674 9.84 23.08 6.22
N PHE A 675 9.28 22.03 5.60
CA PHE A 675 8.11 21.36 6.21
C PHE A 675 8.49 20.74 7.56
N TYR A 676 9.66 20.14 7.64
CA TYR A 676 10.12 19.50 8.83
C TYR A 676 10.41 20.53 9.92
N GLN A 677 11.01 21.67 9.54
CA GLN A 677 11.12 22.80 10.48
C GLN A 677 9.74 23.32 10.93
N ALA A 678 8.81 23.54 10.00
CA ALA A 678 7.52 24.12 10.39
C ALA A 678 6.68 23.29 11.38
N PHE A 679 6.73 21.96 11.23
CA PHE A 679 5.84 21.18 12.04
C PHE A 679 6.52 20.25 13.04
N ASP A 680 7.83 20.46 13.25
CA ASP A 680 8.60 19.64 14.19
C ASP A 680 8.44 18.13 13.89
N VAL A 681 8.64 17.78 12.62
CA VAL A 681 8.49 16.41 12.15
C VAL A 681 9.71 15.54 12.47
N THR A 682 9.52 14.48 13.24
CA THR A 682 10.62 13.57 13.58
C THR A 682 10.45 12.14 13.07
N GLU A 683 11.48 11.31 13.28
CA GLU A 683 11.51 9.91 12.81
C GLU A 683 10.27 9.11 13.18
N ASP A 684 9.64 9.47 14.29
CA ASP A 684 8.37 8.86 14.67
C ASP A 684 7.13 9.24 13.86
N ASP A 685 7.17 10.30 13.04
CA ASP A 685 5.96 10.74 12.33
C ASP A 685 5.81 10.02 10.99
N ALA A 686 4.56 9.75 10.59
CA ALA A 686 4.30 8.99 9.36
C ALA A 686 5.02 9.55 8.11
N LEU A 687 4.94 10.88 7.91
CA LEU A 687 5.39 11.47 6.66
C LEU A 687 6.93 11.57 6.60
N PHE A 688 7.58 11.39 7.75
CA PHE A 688 9.02 11.48 7.86
C PHE A 688 9.73 10.67 6.82
N LEU A 689 10.63 11.35 6.12
CA LEU A 689 11.62 10.76 5.27
C LEU A 689 12.99 11.16 5.83
N ASP A 690 13.89 10.19 5.90
CA ASP A 690 15.27 10.44 6.20
C ASP A 690 15.85 11.51 5.24
N PRO A 691 16.61 12.48 5.77
CA PRO A 691 17.23 13.52 4.95
C PRO A 691 17.98 12.96 3.74
N GLN A 692 18.62 11.82 3.93
CA GLN A 692 19.31 11.16 2.84
C GLN A 692 18.38 10.65 1.73
N ARG A 693 17.08 10.47 2.01
CA ARG A 693 16.14 9.89 1.01
C ARG A 693 15.20 10.95 0.41
N ARG A 694 15.36 12.20 0.83
CA ARG A 694 14.54 13.28 0.34
C ARG A 694 15.03 13.63 -1.02
N VAL A 695 14.11 13.96 -1.91
CA VAL A 695 14.52 14.39 -3.21
C VAL A 695 14.68 15.90 -3.22
N ARG A 696 15.72 16.34 -3.90
CA ARG A 696 16.05 17.74 -4.08
C ARG A 696 16.47 17.93 -5.54
N ILE A 697 15.63 18.63 -6.29
CA ILE A 697 15.94 18.87 -7.71
C ILE A 697 16.21 20.34 -7.92
N TRP A 698 15.18 21.15 -8.15
CA TRP A 698 15.37 22.61 -8.21
C TRP A 698 15.35 23.24 -6.81
N ASN A 699 15.18 22.41 -5.78
CA ASN A 699 15.27 22.85 -4.39
C ASN A 699 16.64 22.54 -3.76
N ALA B 40 -30.43 -7.62 33.35
CA ALA B 40 -29.90 -8.06 32.00
C ALA B 40 -28.61 -8.88 32.09
N ILE B 41 -28.37 -9.65 31.04
CA ILE B 41 -27.08 -10.28 30.77
C ILE B 41 -26.22 -9.27 29.95
N PRO B 42 -24.97 -9.01 30.40
CA PRO B 42 -24.12 -8.10 29.61
C PRO B 42 -23.76 -8.73 28.24
N SER B 43 -23.51 -7.89 27.23
CA SER B 43 -23.28 -8.38 25.89
C SER B 43 -21.92 -9.03 25.74
N GLY B 44 -20.91 -8.49 26.43
CA GLY B 44 -19.58 -9.07 26.39
C GLY B 44 -18.73 -8.31 25.41
N ILE B 45 -19.35 -7.37 24.75
CA ILE B 45 -18.67 -6.49 23.82
C ILE B 45 -18.42 -5.16 24.51
N ASP B 46 -17.18 -4.71 24.39
CA ASP B 46 -16.85 -3.34 24.79
C ASP B 46 -17.31 -2.37 23.70
N LEU B 47 -17.95 -1.28 24.09
CA LEU B 47 -18.40 -0.29 23.10
C LEU B 47 -17.80 1.10 23.37
N SER B 48 -17.00 1.20 24.40
CA SER B 48 -16.57 2.50 24.84
C SER B 48 -15.38 2.93 24.02
N HIS B 49 -14.99 2.09 23.07
CA HIS B 49 -13.81 2.36 22.25
C HIS B 49 -14.08 2.40 20.76
N ILE B 50 -15.36 2.43 20.42
CA ILE B 50 -15.85 2.57 19.07
C ILE B 50 -15.45 3.91 18.44
N ASP B 51 -15.07 3.87 17.17
CA ASP B 51 -14.96 5.08 16.38
C ASP B 51 -16.12 5.16 15.40
N ALA B 52 -17.15 5.90 15.82
CA ALA B 52 -18.41 5.98 15.12
C ALA B 52 -18.27 6.52 13.68
N ASP B 53 -17.20 7.25 13.40
CA ASP B 53 -17.01 7.75 12.04
C ASP B 53 -16.35 6.76 11.09
N ALA B 54 -15.75 5.69 11.61
CA ALA B 54 -15.19 4.61 10.76
C ALA B 54 -16.25 3.53 10.49
N ARG B 55 -16.68 3.39 9.24
CA ARG B 55 -17.78 2.46 8.95
C ARG B 55 -17.24 1.04 8.98
N PRO B 56 -17.94 0.14 9.71
CA PRO B 56 -17.48 -1.26 9.77
C PRO B 56 -17.40 -1.96 8.41
N GLN B 57 -18.14 -1.47 7.41
CA GLN B 57 -18.06 -1.94 6.04
C GLN B 57 -16.77 -1.53 5.34
N ASP B 58 -16.12 -0.49 5.86
CA ASP B 58 -14.85 0.00 5.28
C ASP B 58 -13.65 -0.50 6.09
N ASP B 59 -13.88 -0.68 7.39
CA ASP B 59 -12.85 -0.94 8.38
C ASP B 59 -13.48 -1.42 9.73
N LEU B 60 -13.77 -2.72 9.79
CA LEU B 60 -14.32 -3.33 10.99
C LEU B 60 -13.43 -3.08 12.23
N PHE B 61 -12.12 -3.27 12.04
CA PHE B 61 -11.09 -3.12 13.08
C PHE B 61 -11.05 -1.72 13.69
N GLY B 62 -11.10 -0.71 12.80
CA GLY B 62 -11.11 0.68 13.20
C GLY B 62 -12.42 1.09 13.84
N HIS B 63 -13.53 0.54 13.32
CA HIS B 63 -14.82 0.82 13.93
C HIS B 63 -14.90 0.37 15.40
N VAL B 64 -14.52 -0.89 15.64
CA VAL B 64 -14.59 -1.50 16.96
C VAL B 64 -13.53 -0.94 17.90
N ASN B 65 -12.33 -0.70 17.38
CA ASN B 65 -11.19 -0.38 18.21
C ASN B 65 -10.62 1.00 18.07
N GLY B 66 -11.20 1.81 17.18
CA GLY B 66 -10.56 3.02 16.69
C GLY B 66 -10.20 4.12 17.69
N ARG B 67 -11.05 4.33 18.70
CA ARG B 67 -10.80 5.33 19.70
C ARG B 67 -9.55 4.94 20.50
N TRP B 68 -9.43 3.64 20.81
CA TRP B 68 -8.28 3.12 21.53
C TRP B 68 -7.03 3.26 20.63
N LEU B 69 -7.12 2.79 19.38
CA LEU B 69 -6.01 2.94 18.42
C LEU B 69 -5.46 4.38 18.30
N ALA B 70 -6.34 5.37 18.37
CA ALA B 70 -5.96 6.77 18.29
C ALA B 70 -5.36 7.30 19.58
N GLU B 71 -5.90 6.91 20.72
CA GLU B 71 -5.56 7.63 21.94
C GLU B 71 -4.50 6.96 22.82
N HIS B 72 -4.50 5.64 22.88
CA HIS B 72 -3.69 4.96 23.85
C HIS B 72 -2.21 5.07 23.56
N GLU B 73 -1.42 5.48 24.56
CA GLU B 73 0.03 5.42 24.37
C GLU B 73 0.59 4.06 24.74
N ILE B 74 1.59 3.63 23.98
CA ILE B 74 2.34 2.45 24.35
C ILE B 74 3.24 2.87 25.53
N PRO B 75 3.14 2.14 26.66
CA PRO B 75 4.04 2.44 27.77
C PRO B 75 5.55 2.37 27.36
N ALA B 76 6.34 3.32 27.84
CA ALA B 76 7.76 3.44 27.49
C ALA B 76 8.56 2.14 27.56
N ASP B 77 8.10 1.17 28.33
CA ASP B 77 8.82 -0.07 28.54
C ASP B 77 8.31 -1.28 27.72
N ARG B 78 7.36 -1.03 26.80
CA ARG B 78 6.78 -2.02 25.86
C ARG B 78 7.08 -1.53 24.42
N ALA B 79 7.11 -2.47 23.49
CA ALA B 79 6.98 -2.19 22.06
C ALA B 79 5.56 -2.45 21.57
N THR B 80 4.77 -3.19 22.35
CA THR B 80 3.43 -3.66 21.94
C THR B 80 2.48 -3.53 23.12
N ASP B 81 1.24 -3.15 22.84
CA ASP B 81 0.19 -3.13 23.87
C ASP B 81 -1.17 -3.57 23.31
N GLY B 82 -2.09 -3.97 24.18
CA GLY B 82 -3.41 -4.39 23.71
C GLY B 82 -4.13 -5.39 24.58
N ALA B 83 -5.13 -6.03 24.00
CA ALA B 83 -5.90 -7.08 24.65
C ALA B 83 -4.99 -7.97 25.51
N PHE B 84 -4.10 -8.70 24.83
CA PHE B 84 -3.28 -9.75 25.42
C PHE B 84 -2.34 -9.21 26.51
N ARG B 85 -1.81 -8.03 26.28
CA ARG B 85 -0.91 -7.40 27.22
C ARG B 85 -1.63 -6.87 28.48
N SER B 86 -2.91 -6.55 28.37
CA SER B 86 -3.63 -6.18 29.57
C SER B 86 -3.75 -7.39 30.47
N LEU B 87 -3.95 -8.54 29.85
CA LEU B 87 -4.14 -9.79 30.56
C LEU B 87 -2.82 -10.30 31.18
N PHE B 88 -1.74 -10.14 30.42
CA PHE B 88 -0.38 -10.37 30.90
C PHE B 88 -0.12 -9.64 32.21
N ASP B 89 -0.36 -8.32 32.23
CA ASP B 89 -0.03 -7.48 33.36
C ASP B 89 -0.69 -7.97 34.63
N ARG B 90 -1.96 -8.34 34.50
CA ARG B 90 -2.79 -8.81 35.59
C ARG B 90 -2.22 -10.11 36.17
N ALA B 91 -1.84 -11.05 35.31
CA ALA B 91 -1.24 -12.33 35.74
C ALA B 91 0.18 -12.15 36.31
N GLU B 92 0.94 -11.25 35.68
CA GLU B 92 2.26 -10.85 36.13
C GLU B 92 2.22 -10.38 37.58
N THR B 93 1.21 -9.58 37.92
CA THR B 93 1.10 -9.08 39.27
C THR B 93 0.86 -10.23 40.26
N GLN B 94 0.04 -11.18 39.84
CA GLN B 94 -0.41 -12.24 40.73
C GLN B 94 0.77 -13.13 41.05
N VAL B 95 1.60 -13.34 40.05
CA VAL B 95 2.81 -14.12 40.21
C VAL B 95 3.80 -13.36 41.08
N ARG B 96 3.90 -12.04 40.92
CA ARG B 96 4.70 -11.25 41.88
C ARG B 96 4.28 -11.55 43.32
N ASP B 97 2.98 -11.45 43.61
CA ASP B 97 2.48 -11.60 44.98
C ASP B 97 2.81 -12.98 45.52
N LEU B 98 2.63 -14.01 44.68
CA LEU B 98 3.01 -15.40 45.01
C LEU B 98 4.49 -15.58 45.29
N ILE B 99 5.33 -15.03 44.41
CA ILE B 99 6.76 -15.04 44.64
C ILE B 99 7.08 -14.41 45.99
N ILE B 100 6.49 -13.25 46.29
CA ILE B 100 6.73 -12.60 47.57
C ILE B 100 6.36 -13.49 48.80
N GLN B 101 5.28 -14.27 48.71
CA GLN B 101 4.89 -15.17 49.83
C GLN B 101 5.95 -16.23 50.09
N ALA B 102 6.37 -16.90 49.03
CA ALA B 102 7.36 -17.97 49.08
C ALA B 102 8.60 -17.47 49.82
N SER B 103 9.13 -16.32 49.41
CA SER B 103 10.24 -15.69 50.15
C SER B 103 9.89 -15.19 51.59
N GLN B 104 8.63 -15.25 51.99
CA GLN B 104 8.22 -14.85 53.34
C GLN B 104 7.74 -16.05 54.16
N ALA B 105 7.72 -17.23 53.53
CA ALA B 105 7.38 -18.49 54.20
C ALA B 105 8.50 -18.96 55.14
N GLY B 106 9.75 -18.58 54.85
CA GLY B 106 10.88 -19.08 55.61
C GLY B 106 10.99 -20.60 55.51
N ALA B 107 10.78 -21.11 54.30
CA ALA B 107 10.85 -22.54 54.00
C ALA B 107 12.32 -22.90 53.92
N ALA B 108 12.68 -24.11 54.36
CA ALA B 108 14.08 -24.52 54.38
C ALA B 108 14.73 -24.58 52.97
N VAL B 109 16.04 -24.39 52.93
CA VAL B 109 16.77 -24.43 51.68
C VAL B 109 16.67 -25.84 51.05
N GLY B 110 16.51 -25.84 49.71
CA GLY B 110 16.27 -27.04 48.93
C GLY B 110 14.80 -27.20 48.62
N THR B 111 14.01 -26.20 48.93
CA THR B 111 12.60 -26.28 48.59
C THR B 111 12.08 -25.23 47.58
N ASP B 112 10.94 -25.54 46.96
CA ASP B 112 10.39 -24.71 45.91
C ASP B 112 10.28 -23.26 46.39
N ALA B 113 9.73 -23.08 47.59
CA ALA B 113 9.53 -21.76 48.15
C ALA B 113 10.86 -21.03 48.24
N GLN B 114 11.87 -21.71 48.79
CA GLN B 114 13.20 -21.14 48.90
C GLN B 114 13.76 -20.81 47.53
N ARG B 115 13.62 -21.72 46.58
CA ARG B 115 14.21 -21.56 45.27
C ARG B 115 13.61 -20.33 44.58
N ILE B 116 12.30 -20.39 44.35
CA ILE B 116 11.53 -19.31 43.78
C ILE B 116 11.87 -17.94 44.37
N GLY B 117 11.89 -17.87 45.71
CA GLY B 117 12.12 -16.62 46.43
C GLY B 117 13.53 -16.09 46.30
N ASP B 118 14.53 -16.98 46.36
CA ASP B 118 15.92 -16.54 46.34
C ASP B 118 16.40 -16.22 44.93
N LEU B 119 15.79 -16.86 43.94
CA LEU B 119 16.01 -16.56 42.54
C LEU B 119 15.58 -15.12 42.26
N TYR B 120 14.34 -14.81 42.60
CA TYR B 120 13.81 -13.44 42.53
C TYR B 120 14.70 -12.45 43.32
N ALA B 121 14.97 -12.77 44.59
CA ALA B 121 15.87 -11.94 45.38
C ALA B 121 17.18 -11.60 44.68
N SER B 122 17.77 -12.58 43.99
CA SER B 122 19.08 -12.39 43.40
C SER B 122 19.01 -11.55 42.16
N PHE B 123 17.83 -11.46 41.54
CA PHE B 123 17.69 -10.51 40.46
C PHE B 123 17.54 -9.08 40.99
N LEU B 124 16.78 -8.93 42.08
CA LEU B 124 16.49 -7.62 42.67
C LEU B 124 17.71 -6.94 43.32
N ASP B 125 18.64 -7.75 43.79
CA ASP B 125 19.82 -7.27 44.51
C ASP B 125 20.89 -6.70 43.58
N GLU B 126 20.66 -5.50 43.06
CA GLU B 126 21.56 -4.85 42.11
C GLU B 126 22.99 -4.66 42.64
N GLU B 127 23.11 -4.43 43.96
CA GLU B 127 24.40 -4.25 44.61
C GLU B 127 25.29 -5.50 44.57
N ALA B 128 24.68 -6.68 44.75
CA ALA B 128 25.46 -7.92 44.63
C ALA B 128 25.93 -8.14 43.19
N VAL B 129 25.11 -7.78 42.21
CA VAL B 129 25.46 -7.80 40.80
C VAL B 129 26.62 -6.83 40.45
N GLU B 130 26.55 -5.59 40.95
CA GLU B 130 27.60 -4.60 40.70
C GLU B 130 28.96 -4.95 41.32
N ARG B 131 28.90 -5.48 42.56
CA ARG B 131 30.05 -6.07 43.25
C ARG B 131 30.71 -7.22 42.45
N ALA B 132 29.91 -8.05 41.79
CA ALA B 132 30.49 -9.14 41.01
C ALA B 132 31.01 -8.67 39.65
N GLY B 133 30.55 -7.51 39.18
CA GLY B 133 31.05 -6.97 37.92
C GLY B 133 31.05 -8.02 36.81
N VAL B 134 32.05 -7.93 35.94
CA VAL B 134 32.22 -8.84 34.80
C VAL B 134 32.90 -10.17 35.22
N GLN B 135 33.23 -10.29 36.50
CA GLN B 135 33.99 -11.43 37.04
C GLN B 135 33.43 -12.82 36.60
N PRO B 136 32.15 -13.15 36.96
CA PRO B 136 31.61 -14.48 36.58
C PRO B 136 31.65 -14.72 35.08
N LEU B 137 31.57 -13.64 34.29
CA LEU B 137 31.67 -13.71 32.83
C LEU B 137 33.04 -14.24 32.40
N HIS B 138 34.10 -13.70 33.03
CA HIS B 138 35.48 -14.09 32.74
C HIS B 138 35.75 -15.56 32.92
N ASP B 139 35.13 -16.18 33.93
CA ASP B 139 35.29 -17.63 34.13
C ASP B 139 34.78 -18.46 32.93
N GLU B 140 33.56 -18.17 32.51
CA GLU B 140 33.05 -18.77 31.30
C GLU B 140 33.87 -18.47 30.04
N LEU B 141 34.33 -17.23 29.89
CA LEU B 141 35.17 -16.86 28.75
C LEU B 141 36.45 -17.72 28.68
N ALA B 142 37.06 -17.98 29.84
CA ALA B 142 38.29 -18.76 29.93
C ALA B 142 38.11 -20.14 29.32
N THR B 143 36.91 -20.73 29.37
CA THR B 143 36.71 -22.03 28.74
C THR B 143 36.81 -21.94 27.21
N ILE B 144 36.55 -20.76 26.67
CA ILE B 144 36.78 -20.50 25.25
C ILE B 144 38.27 -20.29 24.98
N ASP B 145 38.90 -19.43 25.79
CA ASP B 145 40.30 -19.04 25.55
C ASP B 145 41.26 -20.20 25.67
N SER B 146 40.89 -21.20 26.45
CA SER B 146 41.71 -22.40 26.65
C SER B 146 41.69 -23.32 25.46
N ALA B 147 40.56 -23.43 24.77
CA ALA B 147 40.51 -24.35 23.62
C ALA B 147 41.75 -24.14 22.70
N ALA B 148 42.55 -25.18 22.50
CA ALA B 148 43.69 -25.08 21.60
C ALA B 148 43.32 -25.44 20.14
N ASP B 149 42.25 -26.23 19.97
CA ASP B 149 41.84 -26.74 18.66
C ASP B 149 40.31 -26.75 18.44
N ALA B 150 39.88 -27.20 17.26
CA ALA B 150 38.48 -27.26 16.93
C ALA B 150 37.70 -28.17 17.89
N THR B 151 38.32 -29.26 18.33
CA THR B 151 37.64 -30.29 19.12
C THR B 151 37.33 -29.76 20.52
N GLU B 152 38.24 -28.98 21.06
CA GLU B 152 38.14 -28.45 22.40
C GLU B 152 37.11 -27.32 22.45
N LEU B 153 36.94 -26.60 21.35
CA LEU B 153 35.99 -25.51 21.35
C LEU B 153 34.56 -26.03 21.14
N ALA B 154 34.43 -27.09 20.34
CA ALA B 154 33.16 -27.83 20.21
C ALA B 154 32.64 -28.29 21.58
N ALA B 155 33.57 -28.83 22.37
CA ALA B 155 33.35 -29.23 23.73
C ALA B 155 32.92 -28.05 24.61
N ALA B 156 33.72 -26.98 24.61
CA ALA B 156 33.37 -25.78 25.39
C ALA B 156 31.97 -25.26 25.04
N LEU B 157 31.73 -25.10 23.74
CA LEU B 157 30.43 -24.70 23.24
C LEU B 157 29.28 -25.60 23.76
N GLY B 158 29.47 -26.91 23.69
CA GLY B 158 28.49 -27.85 24.25
C GLY B 158 28.13 -27.58 25.71
N THR B 159 29.16 -27.38 26.53
CA THR B 159 29.07 -26.95 27.93
C THR B 159 28.31 -25.64 28.06
N LEU B 160 28.79 -24.60 27.36
CA LEU B 160 28.04 -23.35 27.32
C LEU B 160 26.59 -23.46 26.81
N GLN B 161 26.29 -24.39 25.91
CA GLN B 161 24.92 -24.43 25.39
C GLN B 161 24.00 -25.03 26.43
N ARG B 162 24.48 -26.06 27.12
CA ARG B 162 23.76 -26.65 28.24
C ARG B 162 23.37 -25.61 29.28
N ALA B 163 24.20 -24.57 29.47
CA ALA B 163 23.93 -23.53 30.44
C ALA B 163 23.28 -22.25 29.85
N GLY B 164 22.69 -22.37 28.67
CA GLY B 164 21.80 -21.34 28.17
C GLY B 164 22.36 -20.38 27.12
N VAL B 165 23.51 -20.68 26.54
CA VAL B 165 24.17 -19.79 25.59
C VAL B 165 23.94 -20.36 24.22
N GLY B 166 23.74 -19.51 23.22
CA GLY B 166 23.40 -19.99 21.88
C GLY B 166 24.63 -20.44 21.13
N GLY B 167 24.50 -21.48 20.32
CA GLY B 167 25.60 -22.00 19.54
C GLY B 167 25.37 -21.82 18.05
N GLY B 168 25.91 -22.75 17.26
CA GLY B 168 25.79 -22.74 15.81
C GLY B 168 24.57 -23.53 15.40
N ILE B 169 24.06 -24.36 16.33
CA ILE B 169 22.97 -25.31 16.08
C ILE B 169 22.09 -25.40 17.31
N GLY B 170 20.82 -25.04 17.15
CA GLY B 170 19.80 -25.22 18.18
C GLY B 170 19.47 -26.71 18.36
N VAL B 171 19.04 -27.08 19.55
CA VAL B 171 18.85 -28.46 19.92
C VAL B 171 17.59 -28.55 20.72
N TYR B 172 16.66 -29.42 20.35
CA TYR B 172 15.45 -29.61 21.19
C TYR B 172 14.93 -31.03 20.98
N VAL B 173 14.05 -31.47 21.87
CA VAL B 173 13.49 -32.80 21.81
C VAL B 173 12.01 -32.72 21.49
N ASP B 174 11.65 -33.44 20.44
CA ASP B 174 10.27 -33.50 19.98
C ASP B 174 9.97 -34.91 19.52
N THR B 175 8.70 -35.23 19.32
CA THR B 175 8.34 -36.53 18.76
C THR B 175 8.88 -36.67 17.32
N ASP B 176 9.20 -37.89 16.93
CA ASP B 176 9.49 -38.24 15.54
C ASP B 176 8.20 -37.94 14.76
N SER B 177 8.34 -37.11 13.73
CA SER B 177 7.26 -36.80 12.79
C SER B 177 6.72 -38.05 12.10
N LYS B 178 7.57 -39.05 11.86
CA LYS B 178 7.12 -40.28 11.20
C LYS B 178 6.87 -41.41 12.18
N ASP B 179 6.92 -41.10 13.49
CA ASP B 179 6.61 -42.08 14.53
C ASP B 179 6.34 -41.34 15.83
N SER B 180 5.09 -40.98 16.09
CA SER B 180 4.82 -40.09 17.21
C SER B 180 4.83 -40.78 18.58
N THR B 181 5.15 -42.08 18.60
CA THR B 181 5.34 -42.80 19.86
C THR B 181 6.76 -42.73 20.40
N ARG B 182 7.71 -42.13 19.66
CA ARG B 182 9.08 -42.00 20.17
C ARG B 182 9.66 -40.56 20.08
N TYR B 183 10.49 -40.20 21.06
CA TYR B 183 11.25 -38.93 21.07
C TYR B 183 12.58 -39.04 20.30
N LEU B 184 12.97 -37.94 19.66
CA LEU B 184 14.26 -37.81 18.96
C LEU B 184 14.76 -36.41 19.13
N VAL B 185 16.08 -36.24 19.14
CA VAL B 185 16.69 -34.95 19.27
C VAL B 185 16.60 -34.36 17.91
N HIS B 186 16.30 -33.05 17.84
CA HIS B 186 16.34 -32.25 16.62
C HIS B 186 17.41 -31.15 16.65
N PHE B 187 18.02 -30.87 15.50
CA PHE B 187 19.05 -29.86 15.33
C PHE B 187 18.60 -28.85 14.27
N THR B 188 18.65 -27.58 14.61
CA THR B 188 18.06 -26.53 13.80
C THR B 188 19.11 -25.46 13.57
N GLN B 189 18.97 -24.69 12.49
CA GLN B 189 19.89 -23.58 12.21
C GLN B 189 19.96 -22.53 13.34
N SER B 190 21.15 -21.96 13.51
CA SER B 190 21.37 -21.00 14.57
C SER B 190 22.62 -20.16 14.26
N GLY B 191 23.15 -19.47 15.26
CA GLY B 191 24.50 -18.90 15.17
C GLY B 191 24.57 -17.41 14.89
N ILE B 192 23.42 -16.75 14.79
CA ILE B 192 23.37 -15.35 14.35
C ILE B 192 22.83 -14.41 15.43
N GLY B 193 23.16 -13.14 15.34
CA GLY B 193 22.85 -12.22 16.41
C GLY B 193 21.61 -11.44 16.14
N LEU B 194 21.29 -11.26 14.87
CA LEU B 194 20.07 -10.57 14.49
C LEU B 194 18.82 -11.48 14.49
N PRO B 195 17.59 -10.91 14.39
CA PRO B 195 16.36 -11.72 14.58
C PRO B 195 16.11 -12.80 13.50
N ASP B 196 16.71 -12.60 12.32
CA ASP B 196 16.50 -13.51 11.20
C ASP B 196 17.59 -13.35 10.18
N GLU B 197 17.81 -14.44 9.44
CA GLU B 197 18.78 -14.49 8.35
C GLU B 197 18.68 -13.28 7.43
N SER B 198 17.46 -12.83 7.17
CA SER B 198 17.21 -11.80 6.18
C SER B 198 17.76 -10.43 6.62
N TYR B 199 18.03 -10.27 7.92
CA TYR B 199 18.60 -9.02 8.40
C TYR B 199 19.99 -8.81 7.83
N TYR B 200 20.63 -9.89 7.36
CA TYR B 200 21.96 -9.82 6.73
C TYR B 200 21.95 -9.47 5.22
N ARG B 201 20.80 -9.37 4.55
CA ARG B 201 20.77 -9.13 3.09
C ARG B 201 19.73 -8.14 2.56
N ASP B 202 18.59 -8.01 3.24
CA ASP B 202 17.53 -7.08 2.79
C ASP B 202 17.83 -5.62 3.06
N GLU B 203 17.84 -4.82 2.00
CA GLU B 203 17.84 -3.37 2.12
C GLU B 203 16.86 -2.93 3.20
N GLN B 204 15.76 -3.67 3.36
CA GLN B 204 14.76 -3.42 4.42
C GLN B 204 15.32 -3.18 5.84
N HIS B 205 16.38 -3.92 6.20
CA HIS B 205 16.93 -3.92 7.56
C HIS B 205 18.33 -3.28 7.69
N ALA B 206 18.79 -2.63 6.62
CA ALA B 206 20.16 -2.12 6.51
C ALA B 206 20.57 -1.21 7.65
N ALA B 207 19.66 -0.33 8.10
CA ALA B 207 19.91 0.52 9.27
C ALA B 207 20.34 -0.28 10.51
N VAL B 208 19.64 -1.38 10.81
CA VAL B 208 19.99 -2.21 11.95
C VAL B 208 21.33 -2.99 11.74
N LEU B 209 21.57 -3.43 10.51
CA LEU B 209 22.74 -4.21 10.15
C LEU B 209 23.97 -3.33 10.23
N ALA B 210 23.77 -2.04 9.98
CA ALA B 210 24.85 -1.08 9.97
C ALA B 210 25.20 -0.68 11.40
N ALA B 211 24.23 -0.73 12.30
CA ALA B 211 24.43 -0.39 13.70
C ALA B 211 25.07 -1.53 14.47
N TYR B 212 24.92 -2.74 13.95
CA TYR B 212 25.28 -3.98 14.66
C TYR B 212 26.80 -4.11 15.07
N PRO B 213 27.75 -3.92 14.12
CA PRO B 213 29.17 -3.82 14.47
C PRO B 213 29.46 -2.90 15.68
N GLY B 214 28.93 -1.67 15.64
CA GLY B 214 29.04 -0.73 16.74
C GLY B 214 28.65 -1.36 18.06
N HIS B 215 27.50 -2.02 18.06
CA HIS B 215 26.98 -2.60 19.28
C HIS B 215 27.92 -3.65 19.86
N ILE B 216 28.40 -4.57 19.01
CA ILE B 216 29.24 -5.66 19.45
C ILE B 216 30.53 -5.10 20.00
N ALA B 217 30.99 -4.03 19.37
CA ALA B 217 32.25 -3.41 19.77
C ALA B 217 32.06 -2.78 21.14
N ARG B 218 30.89 -2.16 21.36
CA ARG B 218 30.63 -1.49 22.63
C ARG B 218 30.56 -2.52 23.74
N MET B 219 29.84 -3.61 23.52
CA MET B 219 29.79 -4.73 24.49
C MET B 219 31.20 -5.28 24.84
N PHE B 220 32.06 -5.43 23.83
CA PHE B 220 33.39 -5.99 24.07
C PHE B 220 34.16 -5.02 24.94
N GLY B 221 33.93 -3.71 24.71
CA GLY B 221 34.60 -2.65 25.43
C GLY B 221 34.32 -2.73 26.92
N LEU B 222 33.06 -2.98 27.26
CA LEU B 222 32.66 -3.10 28.63
C LEU B 222 33.12 -4.39 29.30
N VAL B 223 33.50 -5.41 28.52
CA VAL B 223 33.97 -6.68 29.07
C VAL B 223 35.49 -6.69 29.26
N TYR B 224 36.23 -6.23 28.25
CA TYR B 224 37.69 -6.30 28.28
C TYR B 224 38.30 -4.99 28.69
N GLY B 225 37.48 -3.94 28.75
CA GLY B 225 37.97 -2.59 29.03
C GLY B 225 38.41 -1.96 27.72
N GLY B 226 38.82 -0.71 27.77
CA GLY B 226 39.16 0.05 26.57
C GLY B 226 37.94 0.69 25.93
N GLU B 227 38.11 1.21 24.72
CA GLU B 227 37.01 1.83 23.98
C GLU B 227 36.53 0.86 22.90
N SER B 228 35.31 1.10 22.38
CA SER B 228 34.76 0.27 21.33
C SER B 228 35.59 0.29 20.03
N ARG B 229 36.42 1.32 19.87
CA ARG B 229 37.35 1.39 18.74
C ARG B 229 38.44 0.28 18.83
N ASP B 230 38.87 -0.04 20.05
CA ASP B 230 39.80 -1.15 20.28
C ASP B 230 39.29 -2.55 19.92
N HIS B 231 37.97 -2.70 19.77
CA HIS B 231 37.33 -3.99 19.55
C HIS B 231 36.54 -4.10 18.26
N ALA B 232 36.88 -3.23 17.30
CA ALA B 232 36.18 -3.09 16.01
C ALA B 232 36.56 -4.18 14.97
N LYS B 233 37.84 -4.54 14.92
CA LYS B 233 38.29 -5.61 14.04
C LYS B 233 37.65 -6.93 14.52
N THR B 234 37.57 -7.07 15.85
CA THR B 234 36.85 -8.16 16.47
C THR B 234 35.40 -8.23 15.99
N ALA B 235 34.69 -7.12 16.03
CA ALA B 235 33.26 -7.08 15.65
C ALA B 235 33.00 -7.44 14.19
N ASP B 236 33.82 -6.89 13.31
CA ASP B 236 33.74 -7.14 11.88
C ASP B 236 33.95 -8.60 11.58
N ARG B 237 34.93 -9.22 12.26
CA ARG B 237 35.26 -10.63 12.07
C ARG B 237 34.04 -11.47 12.47
N ILE B 238 33.47 -11.12 13.62
CA ILE B 238 32.22 -11.69 14.13
C ILE B 238 31.04 -11.45 13.17
N VAL B 239 30.97 -10.28 12.53
CA VAL B 239 29.83 -10.04 11.64
C VAL B 239 29.94 -10.80 10.33
N ALA B 240 31.14 -10.92 9.80
CA ALA B 240 31.42 -11.68 8.59
C ALA B 240 31.16 -13.17 8.80
N LEU B 241 31.51 -13.70 9.98
CA LEU B 241 31.20 -15.09 10.30
C LEU B 241 29.68 -15.30 10.47
N GLU B 242 29.02 -14.36 11.12
CA GLU B 242 27.56 -14.46 11.24
C GLU B 242 26.88 -14.28 9.87
N THR B 243 27.55 -13.55 8.96
CA THR B 243 27.00 -13.38 7.61
C THR B 243 27.10 -14.70 6.81
N LYS B 244 28.26 -15.35 6.89
CA LYS B 244 28.45 -16.62 6.19
C LYS B 244 27.45 -17.66 6.67
N LEU B 245 27.14 -17.67 7.98
CA LEU B 245 26.17 -18.60 8.54
C LEU B 245 24.76 -18.24 8.08
N ALA B 246 24.45 -16.95 7.97
CA ALA B 246 23.13 -16.53 7.49
C ALA B 246 22.84 -16.87 6.01
N ASP B 247 23.82 -16.69 5.11
CA ASP B 247 23.66 -17.14 3.73
C ASP B 247 23.21 -18.61 3.70
N ALA B 248 23.68 -19.41 4.64
CA ALA B 248 23.33 -20.82 4.59
C ALA B 248 21.97 -21.18 5.24
N HIS B 249 21.46 -20.30 6.12
CA HIS B 249 20.12 -20.42 6.71
C HIS B 249 19.00 -20.48 5.66
N TRP B 250 18.00 -21.29 5.96
CA TRP B 250 16.78 -21.31 5.18
C TRP B 250 15.94 -20.09 5.59
N ASP B 251 15.23 -19.48 4.65
CA ASP B 251 14.29 -18.42 5.02
C ASP B 251 13.06 -18.92 5.73
N VAL B 252 12.25 -17.99 6.22
CA VAL B 252 11.18 -18.34 7.14
C VAL B 252 10.10 -19.16 6.46
N VAL B 253 9.86 -18.87 5.19
CA VAL B 253 8.85 -19.58 4.42
C VAL B 253 9.25 -21.06 4.24
N LYS B 254 10.44 -21.29 3.71
CA LYS B 254 10.94 -22.65 3.58
C LYS B 254 10.97 -23.38 4.91
N ARG B 255 11.39 -22.69 5.95
CA ARG B 255 11.67 -23.28 7.25
C ARG B 255 10.44 -23.89 7.94
N ARG B 256 9.25 -23.48 7.53
CA ARG B 256 8.06 -24.03 8.18
C ARG B 256 7.47 -25.30 7.52
N ASP B 257 8.11 -25.79 6.47
CA ASP B 257 7.55 -26.92 5.75
C ASP B 257 7.87 -28.25 6.46
N ALA B 258 6.85 -28.89 7.02
CA ALA B 258 7.07 -30.18 7.69
C ALA B 258 7.75 -31.32 6.89
N ASP B 259 7.55 -31.39 5.56
CA ASP B 259 8.29 -32.37 4.74
C ASP B 259 9.78 -32.06 4.66
N LEU B 260 10.12 -30.83 4.29
CA LEU B 260 11.52 -30.46 4.07
C LEU B 260 12.31 -30.47 5.37
N GLY B 261 11.62 -30.18 6.48
CA GLY B 261 12.26 -30.11 7.79
C GLY B 261 12.46 -31.48 8.45
N TYR B 262 11.95 -32.55 7.82
CA TYR B 262 12.07 -33.87 8.38
C TYR B 262 13.13 -34.72 7.67
N ASN B 263 14.34 -34.67 8.20
CA ASN B 263 15.45 -35.39 7.65
C ASN B 263 16.07 -36.29 8.73
N LEU B 264 15.64 -37.55 8.75
CA LEU B 264 16.07 -38.52 9.73
C LEU B 264 17.47 -38.98 9.38
N ARG B 265 18.35 -39.02 10.37
CA ARG B 265 19.77 -39.44 10.18
C ARG B 265 20.22 -40.34 11.31
N THR B 266 21.10 -41.31 11.03
CA THR B 266 21.81 -42.03 12.11
C THR B 266 22.95 -41.17 12.60
N PHE B 267 23.28 -41.27 13.87
CA PHE B 267 24.45 -40.53 14.42
C PHE B 267 25.72 -40.73 13.52
N ALA B 268 25.91 -41.95 13.02
CA ALA B 268 26.99 -42.25 12.05
C ALA B 268 26.96 -41.39 10.74
N GLN B 269 25.76 -41.13 10.19
CA GLN B 269 25.61 -40.23 9.03
C GLN B 269 25.97 -38.78 9.34
N LEU B 270 25.51 -38.29 10.48
CA LEU B 270 25.89 -36.98 10.97
C LEU B 270 27.43 -36.75 10.94
N GLN B 271 28.18 -37.73 11.45
CA GLN B 271 29.64 -37.71 11.46
C GLN B 271 30.26 -37.58 10.07
N THR B 272 29.83 -38.40 9.11
CA THR B 272 30.42 -38.28 7.78
C THR B 272 29.85 -37.10 6.94
N GLU B 273 28.53 -36.88 7.00
CA GLU B 273 27.89 -35.76 6.29
C GLU B 273 28.38 -34.41 6.87
N GLY B 274 28.58 -34.37 8.19
CA GLY B 274 29.12 -33.21 8.86
C GLY B 274 30.53 -33.42 9.41
N ALA B 275 31.46 -33.91 8.58
CA ALA B 275 32.86 -33.88 9.00
C ALA B 275 33.32 -32.40 9.00
N GLY B 276 34.14 -32.08 10.01
CA GLY B 276 34.56 -30.73 10.29
C GLY B 276 34.19 -30.43 11.71
N PHE B 277 33.13 -31.04 12.20
CA PHE B 277 32.67 -30.75 13.56
C PHE B 277 32.67 -31.99 14.47
N ASP B 278 33.15 -31.85 15.71
CA ASP B 278 33.26 -33.04 16.55
C ASP B 278 31.97 -33.27 17.31
N TRP B 279 31.07 -33.99 16.66
CA TRP B 279 29.73 -34.28 17.17
C TRP B 279 29.79 -35.00 18.49
N VAL B 280 30.66 -36.01 18.58
CA VAL B 280 30.90 -36.72 19.83
C VAL B 280 31.28 -35.78 20.98
N SER B 281 32.23 -34.86 20.76
CA SER B 281 32.68 -33.92 21.80
C SER B 281 31.58 -32.98 22.22
N TRP B 282 30.73 -32.64 21.24
CA TRP B 282 29.68 -31.70 21.45
C TRP B 282 28.46 -32.31 22.15
N VAL B 283 27.92 -33.42 21.64
CA VAL B 283 26.73 -33.99 22.27
C VAL B 283 27.05 -34.37 23.71
N THR B 284 28.26 -34.87 23.89
CA THR B 284 28.82 -35.22 25.18
C THR B 284 28.74 -34.05 26.19
N ALA B 285 29.31 -32.89 25.80
CA ALA B 285 29.28 -31.69 26.64
C ALA B 285 27.87 -31.08 26.77
N LEU B 286 27.00 -31.33 25.79
CA LEU B 286 25.60 -30.97 25.94
C LEU B 286 24.98 -31.75 27.06
N GLY B 287 25.59 -32.88 27.41
CA GLY B 287 25.07 -33.73 28.48
C GLY B 287 24.44 -35.05 28.02
N SER B 288 24.57 -35.37 26.73
CA SER B 288 23.92 -36.54 26.20
C SER B 288 25.01 -37.46 25.70
N ALA B 289 24.65 -38.52 24.97
CA ALA B 289 25.65 -39.44 24.44
C ALA B 289 25.29 -39.87 23.02
N PRO B 290 26.29 -40.25 22.21
CA PRO B 290 25.94 -40.75 20.88
C PRO B 290 24.94 -41.93 20.92
N ASP B 291 25.02 -42.79 21.94
CA ASP B 291 24.12 -43.95 21.99
C ASP B 291 22.74 -43.63 22.57
N ALA B 292 22.53 -42.36 22.94
CA ALA B 292 21.19 -41.83 23.34
C ALA B 292 20.48 -41.25 22.13
N MET B 293 21.21 -41.14 21.03
CA MET B 293 20.69 -40.57 19.81
C MET B 293 21.23 -41.26 18.53
N THR B 294 21.29 -42.59 18.50
CA THR B 294 21.63 -43.34 17.28
C THR B 294 20.73 -42.95 16.07
N GLU B 295 19.52 -42.46 16.33
CA GLU B 295 18.70 -41.77 15.32
C GLU B 295 18.46 -40.32 15.73
N LEU B 296 18.33 -39.41 14.76
CA LEU B 296 17.93 -38.04 15.07
C LEU B 296 17.41 -37.29 13.81
N VAL B 297 16.97 -36.05 14.00
CA VAL B 297 16.37 -35.27 12.89
C VAL B 297 17.18 -33.97 12.65
N VAL B 298 17.68 -33.82 11.43
CA VAL B 298 18.34 -32.60 11.00
C VAL B 298 17.31 -31.72 10.26
N ARG B 299 16.95 -30.59 10.85
CA ARG B 299 15.92 -29.71 10.30
C ARG B 299 16.31 -29.06 8.98
N GLN B 300 17.58 -28.58 8.87
CA GLN B 300 18.10 -28.00 7.60
C GLN B 300 19.48 -28.58 7.21
N PRO B 301 19.45 -29.75 6.53
CA PRO B 301 20.64 -30.52 6.19
C PRO B 301 21.72 -29.71 5.48
N ASP B 302 21.36 -28.80 4.58
CA ASP B 302 22.43 -28.06 3.87
C ASP B 302 23.12 -27.09 4.83
N TYR B 303 22.39 -26.58 5.83
CA TYR B 303 22.99 -25.63 6.78
C TYR B 303 24.04 -26.35 7.62
N LEU B 304 23.61 -27.47 8.22
CA LEU B 304 24.50 -28.22 9.08
C LEU B 304 25.77 -28.61 8.32
N VAL B 305 25.63 -28.97 7.04
CA VAL B 305 26.78 -29.25 6.17
C VAL B 305 27.77 -28.07 6.06
N THR B 306 27.28 -26.86 5.77
CA THR B 306 28.14 -25.67 5.70
C THR B 306 28.80 -25.37 7.05
N PHE B 307 27.97 -25.25 8.09
CA PHE B 307 28.47 -25.03 9.44
C PHE B 307 29.65 -25.97 9.72
N ALA B 308 29.46 -27.27 9.46
CA ALA B 308 30.48 -28.23 9.79
C ALA B 308 31.77 -28.00 9.00
N SER B 309 31.62 -27.57 7.75
CA SER B 309 32.78 -27.30 6.90
C SER B 309 33.50 -25.97 7.27
N LEU B 310 32.75 -24.91 7.54
CA LEU B 310 33.35 -23.69 8.04
C LEU B 310 34.07 -23.91 9.38
N TRP B 311 33.47 -24.73 10.23
CA TRP B 311 34.09 -25.16 11.48
C TRP B 311 35.52 -25.70 11.29
N ALA B 312 35.78 -26.38 10.17
CA ALA B 312 37.11 -26.89 9.88
C ALA B 312 37.98 -25.94 9.04
N SER B 313 37.36 -25.02 8.31
CA SER B 313 38.09 -24.28 7.27
C SER B 313 38.34 -22.82 7.64
N VAL B 314 37.51 -22.27 8.53
CA VAL B 314 37.75 -20.97 9.12
C VAL B 314 38.63 -21.11 10.39
N ASN B 315 39.72 -20.33 10.45
CA ASN B 315 40.63 -20.32 11.59
C ASN B 315 39.93 -20.43 12.96
N VAL B 316 40.49 -21.26 13.84
CA VAL B 316 39.85 -21.58 15.12
C VAL B 316 39.65 -20.29 15.92
N GLU B 317 40.57 -19.33 15.70
CA GLU B 317 40.61 -18.03 16.40
C GLU B 317 39.41 -17.17 16.04
N ASP B 318 39.09 -17.10 14.74
CA ASP B 318 37.84 -16.48 14.32
C ASP B 318 36.61 -17.07 15.07
N TRP B 319 36.54 -18.41 15.15
CA TRP B 319 35.42 -19.09 15.87
C TRP B 319 35.39 -18.74 17.35
N LYS B 320 36.56 -18.66 17.98
CA LYS B 320 36.69 -18.11 19.34
C LYS B 320 36.08 -16.68 19.53
N CYS B 321 36.42 -15.71 18.66
CA CYS B 321 35.76 -14.38 18.78
C CYS B 321 34.25 -14.57 18.68
N TRP B 322 33.79 -15.32 17.68
CA TRP B 322 32.36 -15.65 17.55
C TRP B 322 31.77 -16.19 18.86
N ALA B 323 32.45 -17.15 19.49
CA ALA B 323 31.92 -17.78 20.69
C ALA B 323 31.90 -16.81 21.85
N ARG B 324 32.95 -16.01 21.96
CA ARG B 324 32.95 -14.91 22.93
C ARG B 324 31.71 -14.03 22.76
N TRP B 325 31.33 -13.71 21.52
CA TRP B 325 30.10 -12.94 21.30
C TRP B 325 28.79 -13.71 21.71
N ARG B 326 28.66 -15.00 21.34
CA ARG B 326 27.50 -15.81 21.76
C ARG B 326 27.33 -15.77 23.25
N LEU B 327 28.44 -15.90 23.99
CA LEU B 327 28.43 -15.86 25.46
C LEU B 327 28.07 -14.49 26.07
N ILE B 328 28.78 -13.43 25.67
CA ILE B 328 28.48 -12.08 26.17
C ILE B 328 27.02 -11.70 25.88
N ARG B 329 26.55 -12.01 24.67
CA ARG B 329 25.18 -11.64 24.26
C ARG B 329 24.16 -12.33 25.20
N ALA B 330 24.37 -13.62 25.45
CA ALA B 330 23.48 -14.42 26.29
C ALA B 330 23.51 -14.08 27.79
N ARG B 331 24.61 -13.49 28.27
CA ARG B 331 24.82 -13.21 29.70
C ARG B 331 24.53 -11.76 30.09
N ALA B 332 24.52 -10.86 29.10
CA ALA B 332 24.28 -9.44 29.32
C ALA B 332 23.14 -9.12 30.28
N PRO B 333 21.97 -9.79 30.15
CA PRO B 333 20.88 -9.30 31.01
C PRO B 333 21.15 -9.48 32.51
N TRP B 334 22.03 -10.43 32.84
CA TRP B 334 22.32 -10.78 34.23
C TRP B 334 23.58 -10.13 34.78
N LEU B 335 24.15 -9.18 34.05
CA LEU B 335 25.33 -8.45 34.54
C LEU B 335 25.11 -6.98 35.05
N THR B 336 26.20 -6.20 35.05
CA THR B 336 26.26 -4.84 35.62
C THR B 336 25.33 -3.84 34.92
N ARG B 337 24.98 -2.74 35.59
CA ARG B 337 24.12 -1.70 35.03
C ARG B 337 24.47 -1.37 33.56
N ALA B 338 25.78 -1.29 33.29
CA ALA B 338 26.33 -0.81 32.03
C ALA B 338 26.05 -1.81 30.93
N LEU B 339 26.38 -3.07 31.20
CA LEU B 339 26.14 -4.14 30.24
C LEU B 339 24.68 -4.32 29.87
N VAL B 340 23.79 -4.29 30.87
CA VAL B 340 22.33 -4.32 30.66
C VAL B 340 21.81 -3.15 29.75
N ALA B 341 22.26 -1.94 30.04
CA ALA B 341 21.75 -0.76 29.35
C ALA B 341 22.18 -0.76 27.87
N GLU B 342 23.42 -1.19 27.62
CA GLU B 342 24.00 -1.23 26.27
C GLU B 342 23.32 -2.31 25.39
N ASP B 343 23.15 -3.48 25.99
CA ASP B 343 22.40 -4.53 25.39
C ASP B 343 20.95 -4.03 25.11
N PHE B 344 20.36 -3.30 26.06
CA PHE B 344 19.01 -2.84 25.83
C PHE B 344 18.94 -1.85 24.69
N GLU B 345 19.94 -0.95 24.63
CA GLU B 345 20.02 0.06 23.57
C GLU B 345 19.87 -0.55 22.18
N PHE B 346 20.49 -1.70 21.97
CA PHE B 346 20.40 -2.34 20.68
C PHE B 346 19.22 -3.30 20.53
N TYR B 347 19.20 -4.35 21.34
CA TYR B 347 18.16 -5.36 21.27
C TYR B 347 16.80 -4.88 21.77
N GLY B 348 16.79 -3.75 22.47
CA GLY B 348 15.54 -3.08 22.86
C GLY B 348 15.11 -1.92 21.98
N ARG B 349 15.81 -0.78 22.09
CA ARG B 349 15.39 0.45 21.39
C ARG B 349 15.52 0.36 19.87
N THR B 350 16.66 -0.15 19.40
CA THR B 350 16.90 -0.26 17.98
C THR B 350 16.00 -1.33 17.35
N LEU B 351 15.91 -2.50 17.96
CA LEU B 351 15.16 -3.56 17.30
C LEU B 351 13.64 -3.49 17.41
N THR B 352 13.14 -2.91 18.50
CA THR B 352 11.71 -2.96 18.84
C THR B 352 11.12 -1.58 19.09
N GLY B 353 11.95 -0.58 19.37
CA GLY B 353 11.45 0.77 19.62
C GLY B 353 11.16 1.14 21.08
N ALA B 354 11.27 0.18 22.01
CA ALA B 354 10.97 0.42 23.41
C ALA B 354 11.92 1.49 23.98
N GLN B 355 11.37 2.42 24.76
CA GLN B 355 12.14 3.55 25.28
C GLN B 355 13.01 3.22 26.47
N GLN B 356 12.49 2.46 27.44
CA GLN B 356 13.26 2.20 28.67
C GLN B 356 13.22 0.75 29.09
N LEU B 357 14.17 0.33 29.91
CA LEU B 357 14.12 -0.99 30.52
C LEU B 357 12.90 -1.09 31.44
N ARG B 358 12.22 -2.25 31.43
CA ARG B 358 11.25 -2.56 32.50
C ARG B 358 11.90 -2.43 33.91
N ASP B 359 11.09 -2.17 34.95
CA ASP B 359 11.56 -2.14 36.39
C ASP B 359 12.20 -3.45 36.80
N ARG B 360 13.17 -3.41 37.72
CA ARG B 360 13.82 -4.67 38.14
C ARG B 360 12.78 -5.75 38.42
N TRP B 361 11.78 -5.44 39.24
CA TRP B 361 10.81 -6.49 39.61
C TRP B 361 10.09 -7.19 38.43
N LYS B 362 9.97 -6.51 37.30
CA LYS B 362 9.35 -7.13 36.14
C LYS B 362 10.27 -8.16 35.49
N ARG B 363 11.53 -7.75 35.34
CA ARG B 363 12.59 -8.63 34.87
C ARG B 363 12.85 -9.81 35.83
N GLY B 364 12.60 -9.60 37.13
CA GLY B 364 12.75 -10.66 38.15
C GLY B 364 11.66 -11.70 38.00
N VAL B 365 10.45 -11.25 37.72
CA VAL B 365 9.34 -12.15 37.53
C VAL B 365 9.54 -13.04 36.29
N SER B 366 10.07 -12.45 35.20
CA SER B 366 10.33 -13.20 33.97
C SER B 366 11.35 -14.28 34.18
N LEU B 367 12.41 -13.90 34.89
CA LEU B 367 13.50 -14.82 35.16
C LEU B 367 12.95 -16.02 35.93
N VAL B 368 12.15 -15.79 36.94
CA VAL B 368 11.44 -16.89 37.58
C VAL B 368 10.56 -17.68 36.62
N GLU B 369 9.78 -16.99 35.79
CA GLU B 369 8.88 -17.68 34.85
C GLU B 369 9.65 -18.57 33.90
N ASN B 370 10.74 -18.05 33.34
CA ASN B 370 11.53 -18.83 32.43
C ASN B 370 12.31 -19.98 33.07
N LEU B 371 12.73 -19.83 34.32
CA LEU B 371 13.48 -20.90 34.95
C LEU B 371 12.64 -21.93 35.75
N MET B 372 11.44 -21.56 36.17
CA MET B 372 10.68 -22.34 37.15
C MET B 372 9.19 -22.10 37.01
N GLY B 373 8.78 -21.69 35.81
CA GLY B 373 7.38 -21.49 35.47
C GLY B 373 6.37 -22.50 35.98
N ASP B 374 6.74 -23.78 36.11
CA ASP B 374 5.83 -24.82 36.64
C ASP B 374 5.56 -24.72 38.12
N ALA B 375 6.64 -24.58 38.89
CA ALA B 375 6.56 -24.32 40.29
C ALA B 375 5.61 -23.13 40.58
N VAL B 376 5.73 -22.07 39.78
CA VAL B 376 4.92 -20.87 39.92
C VAL B 376 3.52 -21.18 39.44
N GLY B 377 3.44 -22.02 38.41
CA GLY B 377 2.17 -22.51 37.86
C GLY B 377 1.31 -23.30 38.84
N LYS B 378 1.95 -24.11 39.68
CA LYS B 378 1.21 -24.88 40.69
C LYS B 378 0.45 -23.88 41.59
N LEU B 379 1.17 -22.83 42.00
CA LEU B 379 0.65 -21.85 42.92
C LEU B 379 -0.36 -20.92 42.24
N TYR B 380 -0.31 -20.89 40.91
CA TYR B 380 -1.19 -20.03 40.16
C TYR B 380 -2.60 -20.62 40.12
N VAL B 381 -2.67 -21.93 39.92
CA VAL B 381 -3.94 -22.67 39.82
C VAL B 381 -4.70 -22.72 41.17
N GLN B 382 -3.95 -22.94 42.26
CA GLN B 382 -4.48 -23.03 43.63
C GLN B 382 -5.13 -21.71 44.10
N ARG B 383 -4.93 -20.64 43.35
CA ARG B 383 -5.38 -19.29 43.71
C ARG B 383 -6.25 -18.64 42.63
N HIS B 384 -5.93 -18.86 41.36
CA HIS B 384 -6.55 -18.10 40.26
C HIS B 384 -7.33 -18.93 39.22
N PHE B 385 -7.42 -20.25 39.43
CA PHE B 385 -8.29 -21.11 38.60
C PHE B 385 -9.01 -22.20 39.41
N ALA B 389 -16.35 -23.26 34.85
CA ALA B 389 -15.50 -22.65 33.82
C ALA B 389 -14.90 -23.71 32.91
N LYS B 390 -14.23 -24.68 33.52
CA LYS B 390 -13.66 -25.79 32.76
C LYS B 390 -14.74 -26.58 32.01
N SER B 391 -15.93 -26.78 32.59
CA SER B 391 -16.95 -27.55 31.87
C SER B 391 -17.58 -26.72 30.75
N ARG B 392 -17.62 -25.41 30.93
CA ARG B 392 -18.19 -24.50 29.93
C ARG B 392 -17.34 -24.48 28.65
N ILE B 393 -16.02 -24.59 28.82
CA ILE B 393 -15.11 -24.64 27.71
C ILE B 393 -15.17 -25.97 26.97
N ASP B 394 -15.33 -27.07 27.72
CA ASP B 394 -15.60 -28.41 27.15
C ASP B 394 -16.79 -28.42 26.21
N THR B 395 -17.88 -27.73 26.60
CA THR B 395 -19.06 -27.60 25.76
C THR B 395 -18.75 -26.85 24.48
N LEU B 396 -17.99 -25.77 24.62
CA LEU B 396 -17.51 -25.00 23.48
C LEU B 396 -16.59 -25.79 22.57
N VAL B 397 -15.61 -26.47 23.14
CA VAL B 397 -14.78 -27.37 22.36
C VAL B 397 -15.63 -28.39 21.57
N ASP B 398 -16.63 -29.04 22.22
CA ASP B 398 -17.54 -29.96 21.52
C ASP B 398 -18.27 -29.28 20.36
N ASN B 399 -18.82 -28.08 20.63
CA ASN B 399 -19.61 -27.34 19.62
C ASN B 399 -18.82 -26.95 18.38
N LEU B 400 -17.58 -26.51 18.60
CA LEU B 400 -16.70 -26.18 17.50
C LEU B 400 -16.29 -27.40 16.69
N GLN B 401 -16.06 -28.52 17.38
CA GLN B 401 -15.63 -29.74 16.72
C GLN B 401 -16.79 -30.31 15.89
N GLU B 402 -18.00 -30.21 16.42
CA GLU B 402 -19.16 -30.62 15.67
C GLU B 402 -19.38 -29.72 14.45
N ALA B 403 -19.13 -28.42 14.61
CA ALA B 403 -19.30 -27.48 13.53
C ALA B 403 -18.22 -27.75 12.45
N TYR B 404 -16.99 -28.06 12.87
CA TYR B 404 -15.97 -28.58 11.95
C TYR B 404 -16.40 -29.84 11.19
N ARG B 405 -17.05 -30.78 11.88
CA ARG B 405 -17.55 -32.05 11.28
C ARG B 405 -18.59 -31.78 10.18
N ILE B 406 -19.54 -30.88 10.44
CA ILE B 406 -20.57 -30.53 9.47
C ILE B 406 -19.95 -29.90 8.23
N SER B 407 -19.14 -28.87 8.43
CA SER B 407 -18.46 -28.19 7.33
C SER B 407 -17.65 -29.11 6.40
N ILE B 408 -16.87 -30.00 6.98
CA ILE B 408 -16.04 -30.89 6.21
C ILE B 408 -16.94 -31.86 5.42
N SER B 409 -17.97 -32.41 6.09
CA SER B 409 -19.02 -33.22 5.46
C SER B 409 -19.55 -32.69 4.11
N GLU B 410 -19.57 -31.37 3.95
CA GLU B 410 -20.25 -30.74 2.83
C GLU B 410 -19.32 -30.06 1.84
N LEU B 411 -18.04 -30.42 1.89
CA LEU B 411 -17.03 -29.72 1.12
C LEU B 411 -17.06 -30.09 -0.36
N ASP B 412 -17.55 -29.13 -1.17
CA ASP B 412 -17.85 -29.37 -2.58
C ASP B 412 -16.57 -29.62 -3.36
N TRP B 413 -15.50 -28.90 -3.00
CA TRP B 413 -14.25 -28.96 -3.75
C TRP B 413 -13.38 -30.19 -3.49
N MET B 414 -13.90 -31.14 -2.70
CA MET B 414 -13.09 -32.24 -2.17
C MET B 414 -13.79 -33.59 -2.42
N THR B 415 -13.00 -34.66 -2.61
CA THR B 415 -13.56 -36.00 -2.82
C THR B 415 -14.19 -36.57 -1.55
N PRO B 416 -15.25 -37.39 -1.68
CA PRO B 416 -15.69 -38.23 -0.59
C PRO B 416 -14.51 -38.89 0.14
N GLN B 417 -13.60 -39.53 -0.61
CA GLN B 417 -12.51 -40.26 0.02
C GLN B 417 -11.77 -39.37 1.01
N THR B 418 -11.43 -38.15 0.59
CA THR B 418 -10.68 -37.24 1.46
C THR B 418 -11.51 -36.59 2.61
N ARG B 419 -12.78 -36.24 2.37
CA ARG B 419 -13.72 -35.92 3.47
C ARG B 419 -13.58 -36.91 4.65
N GLN B 420 -13.69 -38.21 4.35
CA GLN B 420 -13.64 -39.28 5.36
C GLN B 420 -12.36 -39.30 6.16
N ARG B 421 -11.23 -39.12 5.46
CA ARG B 421 -9.94 -39.12 6.13
C ARG B 421 -9.81 -37.87 7.02
N ALA B 422 -10.50 -36.80 6.63
CA ALA B 422 -10.44 -35.54 7.40
C ALA B 422 -11.27 -35.67 8.69
N LEU B 423 -12.51 -36.12 8.54
CA LEU B 423 -13.35 -36.42 9.68
C LEU B 423 -12.67 -37.43 10.61
N ALA B 424 -11.93 -38.38 10.03
CA ALA B 424 -11.19 -39.36 10.87
C ALA B 424 -10.14 -38.63 11.68
N LYS B 425 -9.46 -37.66 11.07
CA LYS B 425 -8.47 -36.91 11.80
C LYS B 425 -9.17 -36.09 12.83
N LEU B 426 -10.31 -35.49 12.46
CA LEU B 426 -11.02 -34.62 13.37
C LEU B 426 -11.48 -35.33 14.62
N ASN B 427 -11.99 -36.56 14.49
CA ASN B 427 -12.55 -37.31 15.64
C ASN B 427 -11.50 -37.80 16.65
N LYS B 428 -10.22 -37.67 16.29
CA LYS B 428 -9.13 -38.11 17.16
C LYS B 428 -8.44 -36.92 17.84
N PHE B 429 -9.05 -35.75 17.75
CA PHE B 429 -8.53 -34.58 18.45
C PHE B 429 -8.73 -34.77 19.96
N THR B 430 -7.72 -34.40 20.74
CA THR B 430 -7.98 -34.19 22.17
C THR B 430 -7.66 -32.75 22.60
N ALA B 431 -8.23 -32.37 23.73
CA ALA B 431 -8.13 -31.06 24.26
C ALA B 431 -7.66 -31.09 25.71
N LYS B 432 -6.60 -30.33 25.99
CA LYS B 432 -6.27 -29.99 27.36
C LYS B 432 -6.75 -28.55 27.67
N VAL B 433 -7.31 -28.34 28.84
CA VAL B 433 -7.99 -27.10 29.22
C VAL B 433 -7.62 -26.79 30.68
N GLY B 434 -7.08 -25.59 30.91
CA GLY B 434 -6.80 -25.11 32.26
C GLY B 434 -5.36 -25.21 32.71
N TYR B 435 -4.96 -26.42 33.11
CA TYR B 435 -3.69 -26.65 33.81
C TYR B 435 -3.27 -28.12 33.68
N PRO B 436 -1.95 -28.39 33.72
CA PRO B 436 -1.52 -29.76 33.59
C PRO B 436 -1.85 -30.68 34.79
N ILE B 437 -1.57 -31.96 34.58
CA ILE B 437 -1.95 -33.05 35.49
C ILE B 437 -0.78 -33.30 36.47
N LYS B 438 0.46 -33.05 36.01
CA LYS B 438 1.66 -33.20 36.84
C LYS B 438 2.68 -32.08 36.60
N TRP B 439 3.60 -31.90 37.55
CA TRP B 439 4.50 -30.75 37.56
C TRP B 439 5.99 -31.13 37.50
N ARG B 440 6.76 -30.34 36.76
CA ARG B 440 8.22 -30.51 36.62
C ARG B 440 8.91 -30.46 37.97
N ASP B 441 9.81 -31.41 38.20
CA ASP B 441 10.58 -31.46 39.46
C ASP B 441 11.89 -30.63 39.35
N TYR B 442 12.20 -29.85 40.38
CA TYR B 442 13.31 -28.89 40.34
C TYR B 442 14.39 -29.19 41.42
N SER B 443 14.46 -30.45 41.81
CA SER B 443 15.31 -30.77 42.93
C SER B 443 16.80 -30.80 42.55
N LYS B 444 17.11 -30.84 41.26
CA LYS B 444 18.51 -30.64 40.86
C LYS B 444 19.00 -29.17 40.92
N LEU B 445 18.08 -28.24 41.15
CA LEU B 445 18.37 -26.83 41.10
C LEU B 445 18.65 -26.19 42.46
N ALA B 446 19.86 -25.64 42.62
CA ALA B 446 20.26 -24.92 43.85
C ALA B 446 20.28 -23.43 43.59
N ILE B 447 19.74 -22.65 44.53
CA ILE B 447 19.63 -21.24 44.31
C ILE B 447 20.24 -20.51 45.49
N ASP B 448 21.27 -19.72 45.23
CA ASP B 448 21.85 -18.80 46.21
C ASP B 448 21.33 -17.37 45.96
N ARG B 449 20.82 -16.72 47.01
CA ARG B 449 20.17 -15.40 46.93
C ARG B 449 21.02 -14.20 46.45
N ASP B 450 22.35 -14.32 46.49
CA ASP B 450 23.23 -13.26 45.98
C ASP B 450 24.11 -13.69 44.75
N ASP B 451 23.71 -14.75 44.07
CA ASP B 451 24.47 -15.27 42.96
C ASP B 451 23.55 -15.34 41.73
N LEU B 452 23.24 -14.18 41.17
CA LEU B 452 22.31 -14.13 40.05
C LEU B 452 22.88 -14.96 38.90
N TYR B 453 24.13 -14.71 38.57
CA TYR B 453 24.78 -15.37 37.44
C TYR B 453 24.84 -16.89 37.62
N GLY B 454 25.29 -17.36 38.79
CA GLY B 454 25.29 -18.80 39.05
C GLY B 454 23.92 -19.48 38.89
N ASN B 455 22.88 -18.81 39.42
CA ASN B 455 21.51 -19.27 39.39
C ASN B 455 21.08 -19.40 37.93
N VAL B 456 21.53 -18.49 37.08
CA VAL B 456 21.09 -18.57 35.70
C VAL B 456 21.71 -19.80 35.03
N GLN B 457 23.02 -19.99 35.20
CA GLN B 457 23.70 -21.18 34.73
C GLN B 457 22.98 -22.42 35.21
N ARG B 458 22.85 -22.52 36.53
CA ARG B 458 22.21 -23.67 37.13
C ARG B 458 20.79 -23.92 36.56
N GLY B 459 20.00 -22.87 36.37
CA GLY B 459 18.64 -23.03 35.89
C GLY B 459 18.47 -23.58 34.48
N TYR B 460 19.17 -23.00 33.48
CA TYR B 460 19.19 -23.58 32.11
C TYR B 460 19.66 -25.07 32.07
N ALA B 461 20.68 -25.41 32.88
CA ALA B 461 21.21 -26.75 32.88
C ALA B 461 20.23 -27.84 33.40
N VAL B 462 19.60 -27.58 34.55
CA VAL B 462 18.53 -28.41 35.10
C VAL B 462 17.49 -28.67 34.01
N ASN B 463 16.96 -27.59 33.45
CA ASN B 463 15.98 -27.65 32.35
C ASN B 463 16.45 -28.36 31.08
N HIS B 464 17.65 -28.05 30.64
CA HIS B 464 18.23 -28.70 29.49
C HIS B 464 18.28 -30.22 29.78
N ASP B 465 18.86 -30.60 30.91
CA ASP B 465 19.10 -32.01 31.23
C ASP B 465 17.80 -32.78 31.35
N ARG B 466 16.74 -32.13 31.79
CA ARG B 466 15.45 -32.79 31.89
C ARG B 466 14.88 -33.09 30.51
N GLU B 467 15.01 -32.12 29.59
CA GLU B 467 14.60 -32.33 28.22
C GLU B 467 15.36 -33.51 27.62
N LEU B 468 16.66 -33.61 27.90
CA LEU B 468 17.47 -34.65 27.29
C LEU B 468 17.17 -36.02 27.88
N ALA B 469 16.73 -36.03 29.15
CA ALA B 469 16.34 -37.26 29.81
C ALA B 469 15.07 -37.87 29.16
N LYS B 470 14.30 -37.06 28.45
CA LYS B 470 13.10 -37.52 27.74
C LYS B 470 13.38 -38.68 26.78
N LEU B 471 14.60 -38.71 26.23
CA LEU B 471 15.01 -39.63 25.20
C LEU B 471 15.11 -41.08 25.69
N PHE B 472 14.96 -41.27 26.99
CA PHE B 472 15.09 -42.60 27.60
C PHE B 472 13.76 -43.18 28.05
N GLY B 473 12.65 -42.54 27.70
CA GLY B 473 11.34 -43.02 28.09
C GLY B 473 10.29 -42.96 27.00
N PRO B 474 9.07 -43.47 27.31
CA PRO B 474 7.97 -43.29 26.36
C PRO B 474 7.66 -41.79 26.18
N VAL B 475 6.68 -41.49 25.34
CA VAL B 475 6.25 -40.11 25.09
C VAL B 475 5.26 -39.73 26.18
N ASP B 476 5.50 -38.56 26.79
CA ASP B 476 4.63 -38.05 27.83
C ASP B 476 3.35 -37.42 27.24
N ARG B 477 2.28 -38.19 27.23
CA ARG B 477 1.00 -37.73 26.71
C ARG B 477 0.31 -36.69 27.59
N ASP B 478 0.84 -36.49 28.80
CA ASP B 478 0.32 -35.43 29.67
C ASP B 478 1.11 -34.11 29.63
N GLU B 479 2.12 -34.00 28.76
CA GLU B 479 3.04 -32.85 28.80
C GLU B 479 2.37 -31.58 28.33
N TRP B 480 2.65 -30.44 28.98
CA TRP B 480 2.29 -29.11 28.43
C TRP B 480 3.53 -28.33 28.00
N PHE B 481 3.38 -27.48 26.99
CA PHE B 481 4.48 -26.64 26.51
C PHE B 481 4.22 -25.18 26.81
N MET B 482 3.15 -24.92 27.57
CA MET B 482 2.88 -23.62 28.16
C MET B 482 2.44 -23.82 29.60
N THR B 483 2.71 -22.80 30.42
CA THR B 483 2.29 -22.80 31.82
C THR B 483 0.86 -22.24 31.88
N PRO B 484 0.12 -22.55 32.96
CA PRO B 484 -1.27 -22.11 33.14
C PRO B 484 -1.43 -20.58 33.12
N GLN B 485 -0.41 -19.86 33.62
CA GLN B 485 -0.38 -18.39 33.58
C GLN B 485 -0.07 -17.76 32.18
N THR B 486 0.12 -18.56 31.15
CA THR B 486 0.42 -18.01 29.82
C THR B 486 -0.86 -17.64 29.09
N VAL B 487 -0.94 -16.36 28.68
CA VAL B 487 -2.07 -15.81 27.92
C VAL B 487 -1.88 -16.12 26.45
N ASN B 488 -2.14 -17.36 26.10
CA ASN B 488 -1.91 -17.88 24.73
C ASN B 488 -2.58 -19.24 24.60
N ALA B 489 -2.41 -19.86 23.43
CA ALA B 489 -3.00 -21.17 23.18
C ALA B 489 -2.22 -21.83 22.04
N TYR B 490 -2.40 -23.14 21.83
CA TYR B 490 -1.63 -23.86 20.78
C TYR B 490 -2.19 -25.19 20.31
N TYR B 491 -1.54 -25.71 19.26
CA TYR B 491 -1.87 -27.01 18.65
C TYR B 491 -0.63 -27.83 18.45
N ASN B 492 -0.70 -29.08 18.89
CA ASN B 492 0.43 -29.97 18.78
C ASN B 492 0.10 -31.05 17.75
N PRO B 493 0.75 -30.97 16.58
CA PRO B 493 0.51 -31.92 15.48
C PRO B 493 0.79 -33.36 15.87
N GLY B 494 1.94 -33.61 16.50
CA GLY B 494 2.35 -34.97 16.86
C GLY B 494 1.41 -35.66 17.86
N MET B 495 0.69 -34.89 18.64
CA MET B 495 -0.30 -35.49 19.53
C MET B 495 -1.71 -35.11 19.17
N ASN B 496 -1.85 -34.43 18.01
CA ASN B 496 -3.11 -33.93 17.51
C ASN B 496 -4.00 -33.42 18.63
N GLU B 497 -3.49 -32.43 19.36
CA GLU B 497 -4.25 -31.87 20.47
C GLU B 497 -4.26 -30.36 20.45
N ILE B 498 -5.38 -29.82 20.91
CA ILE B 498 -5.48 -28.36 21.09
C ILE B 498 -5.35 -28.05 22.58
N VAL B 499 -4.65 -26.99 22.97
CA VAL B 499 -4.36 -26.76 24.42
C VAL B 499 -4.69 -25.34 24.87
N PHE B 500 -5.26 -25.19 26.06
CA PHE B 500 -5.78 -23.91 26.52
C PHE B 500 -5.41 -23.55 27.95
N PRO B 501 -4.24 -22.94 28.13
CA PRO B 501 -3.82 -22.49 29.46
C PRO B 501 -4.94 -21.68 30.13
N ALA B 502 -5.03 -21.74 31.45
CA ALA B 502 -6.09 -21.05 32.21
C ALA B 502 -6.14 -19.55 31.97
N ALA B 503 -4.97 -18.95 31.79
CA ALA B 503 -4.88 -17.49 31.69
C ALA B 503 -5.62 -16.90 30.51
N ILE B 504 -5.89 -17.72 29.49
CA ILE B 504 -6.68 -17.25 28.36
C ILE B 504 -8.18 -17.45 28.55
N LEU B 505 -8.59 -18.12 29.62
CA LEU B 505 -10.01 -18.43 29.79
C LEU B 505 -10.68 -17.32 30.56
N GLN B 506 -10.75 -16.15 29.92
CA GLN B 506 -10.90 -14.86 30.60
C GLN B 506 -11.37 -13.81 29.57
N PRO B 507 -12.05 -12.75 30.03
CA PRO B 507 -12.48 -11.71 29.06
C PRO B 507 -11.30 -10.92 28.51
N PRO B 508 -11.35 -10.46 27.24
CA PRO B 508 -12.41 -10.49 26.21
C PRO B 508 -12.69 -11.85 25.54
N PHE B 509 -11.96 -12.89 25.88
CA PHE B 509 -12.08 -14.12 25.13
C PHE B 509 -13.26 -14.89 25.63
N PHE B 510 -13.36 -14.97 26.96
CA PHE B 510 -14.34 -15.82 27.57
C PHE B 510 -14.88 -15.20 28.82
N ASP B 511 -16.21 -15.14 28.88
CA ASP B 511 -16.95 -14.54 30.00
C ASP B 511 -18.21 -15.39 30.35
N PRO B 512 -18.20 -16.02 31.54
CA PRO B 512 -19.37 -16.85 31.90
C PRO B 512 -20.66 -16.06 32.05
N GLN B 513 -20.60 -14.78 32.47
CA GLN B 513 -21.82 -13.95 32.64
C GLN B 513 -22.46 -13.56 31.32
N ALA B 514 -21.65 -13.51 30.28
CA ALA B 514 -22.06 -12.82 29.06
C ALA B 514 -22.93 -13.65 28.10
N ASP B 515 -23.67 -12.94 27.25
CA ASP B 515 -24.32 -13.53 26.09
C ASP B 515 -23.25 -14.30 25.29
N GLU B 516 -23.64 -15.43 24.70
CA GLU B 516 -22.71 -16.35 24.11
C GLU B 516 -22.11 -15.85 22.79
N ALA B 517 -22.79 -14.94 22.08
CA ALA B 517 -22.23 -14.49 20.79
C ALA B 517 -20.80 -13.95 20.96
N ALA B 518 -20.54 -13.27 22.05
CA ALA B 518 -19.22 -12.71 22.28
C ALA B 518 -18.26 -13.84 22.66
N ASN B 519 -18.73 -14.85 23.37
CA ASN B 519 -17.83 -15.99 23.61
C ASN B 519 -17.46 -16.73 22.31
N TYR B 520 -18.41 -16.85 21.37
CA TYR B 520 -18.13 -17.51 20.07
C TYR B 520 -17.15 -16.76 19.25
N GLY B 521 -17.24 -15.41 19.25
CA GLY B 521 -16.36 -14.57 18.44
C GLY B 521 -14.98 -14.55 19.08
N GLY B 522 -14.96 -14.69 20.40
CA GLY B 522 -13.72 -14.67 21.16
C GLY B 522 -13.09 -16.05 21.30
N ILE B 523 -13.30 -16.72 22.45
CA ILE B 523 -12.68 -18.02 22.66
C ILE B 523 -13.12 -19.11 21.66
N GLY B 524 -14.38 -19.03 21.19
CA GLY B 524 -14.93 -19.99 20.21
C GLY B 524 -14.06 -19.97 18.97
N ALA B 525 -13.81 -18.76 18.48
CA ALA B 525 -12.99 -18.63 17.32
C ALA B 525 -11.55 -19.05 17.62
N VAL B 526 -11.14 -18.87 18.87
CA VAL B 526 -9.81 -19.30 19.26
C VAL B 526 -9.69 -20.82 19.19
N ILE B 527 -10.64 -21.52 19.80
CA ILE B 527 -10.70 -22.97 19.68
C ILE B 527 -10.69 -23.32 18.17
N GLY B 528 -11.40 -22.54 17.35
CA GLY B 528 -11.54 -22.84 15.93
C GLY B 528 -10.18 -22.73 15.26
N HIS B 529 -9.39 -21.78 15.77
CA HIS B 529 -8.09 -21.49 15.22
C HIS B 529 -7.13 -22.68 15.47
N GLU B 530 -7.19 -23.18 16.69
CA GLU B 530 -6.32 -24.27 17.11
C GLU B 530 -6.67 -25.56 16.37
N ILE B 531 -7.96 -25.84 16.17
CA ILE B 531 -8.37 -26.95 15.29
C ILE B 531 -7.93 -26.70 13.84
N GLY B 532 -8.13 -25.47 13.38
CA GLY B 532 -7.65 -25.02 12.08
C GLY B 532 -6.26 -25.50 11.76
N HIS B 533 -5.31 -25.30 12.69
CA HIS B 533 -3.90 -25.74 12.52
C HIS B 533 -3.74 -27.21 12.14
N GLY B 534 -4.60 -28.05 12.69
CA GLY B 534 -4.64 -29.43 12.30
C GLY B 534 -4.95 -29.58 10.84
N PHE B 535 -5.57 -28.57 10.23
CA PHE B 535 -5.94 -28.68 8.83
C PHE B 535 -5.30 -27.65 7.90
N ASP B 536 -4.31 -26.91 8.41
CA ASP B 536 -3.61 -25.92 7.63
C ASP B 536 -2.65 -26.59 6.65
N ASP B 537 -1.87 -25.77 5.93
CA ASP B 537 -1.08 -26.28 4.81
C ASP B 537 0.07 -27.23 5.25
N GLN B 538 0.52 -27.09 6.50
CA GLN B 538 1.48 -28.04 7.09
C GLN B 538 0.83 -29.08 7.96
N GLY B 539 -0.21 -28.70 8.69
CA GLY B 539 -0.88 -29.58 9.63
C GLY B 539 -1.72 -30.65 8.98
N ALA B 540 -2.16 -30.38 7.75
CA ALA B 540 -2.98 -31.32 7.00
C ALA B 540 -2.11 -32.49 6.50
N LYS B 541 -0.79 -32.37 6.67
CA LYS B 541 0.14 -33.44 6.30
C LYS B 541 0.33 -34.48 7.40
N TYR B 542 -0.25 -34.22 8.60
CA TYR B 542 -0.19 -35.15 9.74
C TYR B 542 -1.50 -35.84 9.85
N ASP B 543 -1.49 -37.15 10.13
CA ASP B 543 -2.77 -37.83 10.42
C ASP B 543 -3.21 -37.67 11.88
N GLY B 544 -4.42 -38.13 12.20
CA GLY B 544 -4.94 -38.13 13.58
C GLY B 544 -4.07 -38.78 14.65
N ASP B 545 -3.06 -39.56 14.26
CA ASP B 545 -2.09 -40.15 15.20
C ASP B 545 -0.79 -39.33 15.37
N GLY B 546 -0.67 -38.19 14.69
CA GLY B 546 0.52 -37.32 14.78
C GLY B 546 1.72 -37.69 13.89
N ASN B 547 1.45 -38.48 12.86
CA ASN B 547 2.47 -38.92 11.91
C ASN B 547 2.26 -38.32 10.52
N LEU B 548 3.36 -37.96 9.84
CA LEU B 548 3.34 -37.53 8.43
C LEU B 548 2.97 -38.63 7.45
N VAL B 549 1.75 -38.61 6.95
CA VAL B 549 1.38 -39.53 5.87
C VAL B 549 0.47 -38.75 4.91
N ASP B 550 0.50 -39.08 3.63
CA ASP B 550 -0.46 -38.45 2.70
C ASP B 550 -1.80 -39.19 2.70
N TRP B 551 -2.82 -38.55 3.25
CA TRP B 551 -4.20 -39.07 3.19
C TRP B 551 -5.02 -38.33 2.11
N TRP B 552 -4.31 -37.53 1.31
CA TRP B 552 -4.90 -36.74 0.23
C TRP B 552 -4.64 -37.41 -1.13
N THR B 553 -5.61 -37.32 -2.05
CA THR B 553 -5.40 -37.72 -3.45
C THR B 553 -4.82 -36.50 -4.21
N ASP B 554 -4.40 -36.73 -5.45
CA ASP B 554 -3.77 -35.68 -6.26
C ASP B 554 -4.67 -34.49 -6.54
N ASP B 555 -5.84 -34.73 -7.14
CA ASP B 555 -6.80 -33.67 -7.42
C ASP B 555 -7.13 -32.81 -6.18
N ASP B 556 -7.24 -33.47 -5.05
CA ASP B 556 -7.49 -32.80 -3.77
C ASP B 556 -6.34 -31.90 -3.27
N ARG B 557 -5.10 -32.40 -3.36
CA ARG B 557 -3.89 -31.65 -3.05
C ARG B 557 -3.80 -30.38 -3.92
N THR B 558 -4.15 -30.49 -5.19
CA THR B 558 -4.06 -29.39 -6.18
C THR B 558 -5.15 -28.37 -5.99
N GLU B 559 -6.34 -28.83 -5.62
CA GLU B 559 -7.42 -27.89 -5.35
C GLU B 559 -7.12 -27.13 -4.06
N PHE B 560 -6.54 -27.83 -3.10
CA PHE B 560 -6.14 -27.24 -1.84
C PHE B 560 -5.09 -26.16 -2.10
N ALA B 561 -4.09 -26.49 -2.91
CA ALA B 561 -3.00 -25.56 -3.28
C ALA B 561 -3.49 -24.32 -4.03
N ALA B 562 -4.48 -24.46 -4.88
CA ALA B 562 -5.06 -23.32 -5.57
C ALA B 562 -5.73 -22.37 -4.59
N ARG B 563 -6.32 -22.90 -3.53
CA ARG B 563 -7.00 -22.06 -2.59
C ARG B 563 -6.02 -21.41 -1.62
N THR B 564 -5.05 -22.19 -1.18
CA THR B 564 -3.93 -21.71 -0.39
C THR B 564 -3.24 -20.53 -1.10
N LYS B 565 -2.92 -20.73 -2.38
CA LYS B 565 -2.14 -19.81 -3.20
C LYS B 565 -2.80 -18.45 -3.31
N ALA B 566 -4.14 -18.45 -3.32
CA ALA B 566 -4.94 -17.25 -3.49
C ALA B 566 -4.90 -16.47 -2.21
N LEU B 567 -4.68 -17.14 -1.10
CA LEU B 567 -4.70 -16.46 0.19
C LEU B 567 -3.32 -15.89 0.44
N ILE B 568 -2.31 -16.57 -0.10
CA ILE B 568 -0.97 -16.03 -0.13
C ILE B 568 -0.97 -14.69 -0.91
N GLU B 569 -1.68 -14.68 -2.03
CA GLU B 569 -1.78 -13.48 -2.83
C GLU B 569 -2.54 -12.35 -2.11
N GLN B 570 -3.68 -12.67 -1.48
CA GLN B 570 -4.41 -11.66 -0.72
C GLN B 570 -3.51 -10.95 0.23
N TYR B 571 -2.91 -11.68 1.17
CA TYR B 571 -2.12 -11.05 2.21
C TYR B 571 -0.85 -10.37 1.76
N HIS B 572 -0.23 -10.91 0.70
CA HIS B 572 1.00 -10.35 0.14
C HIS B 572 0.80 -8.87 -0.13
N ALA B 573 -0.41 -8.47 -0.53
CA ALA B 573 -0.70 -7.08 -0.83
C ALA B 573 -0.89 -6.13 0.37
N TYR B 574 -1.07 -6.66 1.58
CA TYR B 574 -1.39 -5.83 2.75
C TYR B 574 -0.20 -5.11 3.39
N THR B 575 -0.36 -3.80 3.61
CA THR B 575 0.57 -3.02 4.39
C THR B 575 -0.09 -2.47 5.65
N PRO B 576 0.53 -2.69 6.81
CA PRO B 576 -0.10 -2.16 8.04
C PRO B 576 -0.33 -0.66 7.91
N ARG B 577 -1.54 -0.19 8.25
CA ARG B 577 -1.91 1.24 8.16
C ARG B 577 -0.85 2.18 8.72
N ASP B 578 -0.20 1.76 9.81
CA ASP B 578 0.79 2.60 10.42
C ASP B 578 2.15 2.67 9.64
N LEU B 579 2.28 1.88 8.58
CA LEU B 579 3.55 1.79 7.88
C LEU B 579 3.42 2.18 6.40
N VAL B 580 2.26 2.73 6.00
CA VAL B 580 2.02 2.99 4.57
C VAL B 580 3.06 3.90 3.91
N ASP B 581 3.69 4.78 4.69
CA ASP B 581 4.65 5.72 4.16
C ASP B 581 6.08 5.34 4.46
N HIS B 582 6.30 4.18 5.09
CA HIS B 582 7.67 3.65 5.21
C HIS B 582 8.19 3.21 3.82
N PRO B 583 9.54 3.24 3.62
CA PRO B 583 10.12 2.70 2.35
C PRO B 583 9.71 1.24 2.06
N GLY B 584 9.42 0.96 0.77
CA GLY B 584 8.85 -0.28 0.25
C GLY B 584 7.55 -0.04 -0.53
N PRO B 585 6.40 0.10 0.16
CA PRO B 585 6.15 0.01 1.59
C PRO B 585 6.36 -1.40 2.07
N PRO B 586 6.55 -1.60 3.40
CA PRO B 586 6.63 -2.97 3.98
C PRO B 586 5.31 -3.64 3.73
N HIS B 587 5.33 -4.97 3.69
CA HIS B 587 4.10 -5.76 3.53
C HIS B 587 4.15 -7.05 4.32
N VAL B 588 2.99 -7.65 4.46
CA VAL B 588 2.87 -8.98 5.08
C VAL B 588 3.41 -10.01 4.13
N GLN B 589 4.19 -10.94 4.66
CA GLN B 589 4.64 -12.13 3.92
C GLN B 589 3.50 -13.12 3.78
N GLY B 590 2.83 -13.08 2.62
CA GLY B 590 1.67 -13.95 2.37
C GLY B 590 1.99 -15.44 2.50
N ALA B 591 3.17 -15.84 2.05
CA ALA B 591 3.59 -17.23 2.13
C ALA B 591 4.13 -17.65 3.52
N PHE B 592 4.34 -16.69 4.41
CA PHE B 592 4.84 -16.99 5.74
C PHE B 592 3.66 -17.22 6.68
N THR B 593 2.66 -16.36 6.50
CA THR B 593 1.58 -16.23 7.44
C THR B 593 0.42 -17.13 7.04
N ILE B 594 0.59 -17.82 5.90
CA ILE B 594 -0.50 -18.63 5.34
C ILE B 594 -1.14 -19.60 6.36
N GLY B 595 -0.28 -20.21 7.18
CA GLY B 595 -0.78 -21.18 8.16
C GLY B 595 -1.74 -20.50 9.12
N GLU B 596 -1.26 -19.39 9.69
CA GLU B 596 -2.03 -18.63 10.67
C GLU B 596 -3.29 -18.04 10.05
N ASN B 597 -3.20 -17.70 8.77
CA ASN B 597 -4.33 -17.15 8.07
C ASN B 597 -5.43 -18.24 7.89
N ILE B 598 -5.05 -19.47 7.53
CA ILE B 598 -6.05 -20.54 7.39
C ILE B 598 -6.64 -20.81 8.75
N GLY B 599 -5.77 -20.81 9.76
CA GLY B 599 -6.24 -20.94 11.11
C GLY B 599 -7.28 -19.92 11.47
N ASP B 600 -7.00 -18.63 11.22
CA ASP B 600 -7.93 -17.53 11.47
C ASP B 600 -9.22 -17.68 10.69
N LEU B 601 -9.10 -18.03 9.41
CA LEU B 601 -10.27 -18.10 8.52
C LEU B 601 -11.24 -19.22 8.88
N GLY B 602 -10.73 -20.44 9.03
CA GLY B 602 -11.50 -21.58 9.52
C GLY B 602 -12.05 -21.27 10.91
N GLY B 603 -11.21 -20.73 11.78
CA GLY B 603 -11.60 -20.52 13.14
C GLY B 603 -12.86 -19.70 13.24
N LEU B 604 -12.80 -18.47 12.71
CA LEU B 604 -13.90 -17.56 12.81
C LEU B 604 -15.12 -18.07 12.08
N SER B 605 -14.93 -18.49 10.83
CA SER B 605 -16.02 -19.09 10.03
C SER B 605 -16.83 -20.15 10.81
N ILE B 606 -16.10 -21.14 11.34
CA ILE B 606 -16.73 -22.24 11.99
C ILE B 606 -17.24 -21.86 13.39
N ALA B 607 -16.65 -20.84 13.99
CA ALA B 607 -17.21 -20.28 15.23
C ALA B 607 -18.57 -19.71 14.92
N LEU B 608 -18.69 -19.03 13.78
CA LEU B 608 -19.92 -18.39 13.39
C LEU B 608 -20.96 -19.46 13.20
N LEU B 609 -20.60 -20.53 12.51
CA LEU B 609 -21.51 -21.63 12.31
C LEU B 609 -21.95 -22.26 13.63
N ALA B 610 -20.98 -22.51 14.51
CA ALA B 610 -21.25 -23.13 15.81
C ALA B 610 -22.28 -22.30 16.57
N TYR B 611 -22.10 -20.98 16.53
CA TYR B 611 -23.03 -20.06 17.13
C TYR B 611 -24.47 -20.22 16.60
N GLN B 612 -24.61 -20.23 15.28
CA GLN B 612 -25.93 -20.32 14.63
C GLN B 612 -26.59 -21.60 15.05
N LEU B 613 -25.83 -22.69 15.00
CA LEU B 613 -26.33 -23.99 15.38
C LEU B 613 -26.84 -23.96 16.83
N SER B 614 -26.17 -23.21 17.70
CA SER B 614 -26.50 -23.19 19.15
C SER B 614 -27.84 -22.51 19.48
N LEU B 615 -28.48 -21.94 18.46
CA LEU B 615 -29.67 -21.10 18.61
C LEU B 615 -30.93 -21.95 18.44
N ASN B 616 -30.75 -23.15 17.89
CA ASN B 616 -31.85 -24.12 17.71
C ASN B 616 -33.07 -23.58 16.98
N GLY B 617 -32.86 -22.74 15.96
CA GLY B 617 -33.99 -22.25 15.19
C GLY B 617 -34.48 -20.90 15.65
N ASN B 618 -34.15 -20.58 16.89
CA ASN B 618 -34.53 -19.29 17.47
C ASN B 618 -33.73 -18.13 16.92
N PRO B 619 -34.35 -16.94 16.85
CA PRO B 619 -33.63 -15.73 16.42
C PRO B 619 -32.61 -15.31 17.44
N ALA B 620 -31.48 -14.82 16.96
CA ALA B 620 -30.43 -14.34 17.85
C ALA B 620 -30.95 -13.14 18.63
N PRO B 621 -30.73 -13.15 19.94
CA PRO B 621 -31.04 -11.97 20.78
C PRO B 621 -30.26 -10.72 20.30
N VAL B 622 -30.99 -9.61 20.18
CA VAL B 622 -30.37 -8.31 19.92
C VAL B 622 -29.98 -7.70 21.26
N ILE B 623 -28.74 -7.22 21.40
CA ILE B 623 -28.33 -6.59 22.67
C ILE B 623 -27.54 -5.38 22.28
N ASP B 624 -27.61 -4.29 23.07
CA ASP B 624 -26.93 -3.00 22.72
C ASP B 624 -27.03 -2.56 21.23
N GLY B 625 -28.19 -2.80 20.62
CA GLY B 625 -28.41 -2.42 19.23
C GLY B 625 -27.63 -3.24 18.21
N LEU B 626 -27.15 -4.40 18.64
CA LEU B 626 -26.36 -5.29 17.82
C LEU B 626 -27.02 -6.66 17.73
N THR B 627 -26.97 -7.17 16.53
CA THR B 627 -27.35 -8.52 16.17
C THR B 627 -26.40 -9.60 16.73
N GLY B 628 -26.93 -10.81 16.96
CA GLY B 628 -26.09 -11.95 17.32
C GLY B 628 -24.86 -12.17 16.42
N MET B 629 -25.07 -12.23 15.11
CA MET B 629 -23.92 -12.28 14.22
C MET B 629 -22.99 -11.06 14.31
N GLN B 630 -23.53 -9.86 14.38
CA GLN B 630 -22.68 -8.66 14.53
C GLN B 630 -21.83 -8.76 15.78
N ARG B 631 -22.39 -9.32 16.86
CA ARG B 631 -21.64 -9.43 18.11
C ARG B 631 -20.53 -10.46 18.03
N VAL B 632 -20.72 -11.48 17.20
CA VAL B 632 -19.67 -12.46 16.97
C VAL B 632 -18.52 -11.76 16.25
N PHE B 633 -18.87 -10.93 15.25
CA PHE B 633 -17.88 -10.13 14.55
C PHE B 633 -17.21 -9.04 15.43
N PHE B 634 -17.92 -8.48 16.39
CA PHE B 634 -17.32 -7.44 17.22
C PHE B 634 -16.38 -8.06 18.25
N GLY B 635 -16.77 -9.22 18.79
CA GLY B 635 -15.92 -10.01 19.65
C GLY B 635 -14.66 -10.46 18.94
N TRP B 636 -14.77 -10.77 17.65
CA TRP B 636 -13.56 -11.08 16.87
C TRP B 636 -12.65 -9.86 16.78
N ALA B 637 -13.23 -8.71 16.40
CA ALA B 637 -12.46 -7.47 16.31
C ALA B 637 -11.82 -7.04 17.67
N GLN B 638 -12.54 -7.19 18.77
CA GLN B 638 -12.07 -6.70 20.05
C GLN B 638 -10.90 -7.54 20.65
N ILE B 639 -10.79 -8.81 20.25
CA ILE B 639 -9.70 -9.62 20.78
C ILE B 639 -8.39 -9.25 20.09
N TRP B 640 -8.51 -8.61 18.93
CA TRP B 640 -7.37 -8.12 18.18
C TRP B 640 -7.01 -6.66 18.50
N ARG B 641 -7.52 -6.13 19.62
CA ARG B 641 -7.17 -4.78 20.05
C ARG B 641 -5.67 -4.68 20.40
N THR B 642 -4.86 -4.22 19.44
CA THR B 642 -3.37 -4.29 19.55
C THR B 642 -2.65 -3.31 18.62
N LYS B 643 -1.54 -2.75 19.10
CA LYS B 643 -0.63 -1.91 18.28
C LYS B 643 0.82 -2.01 18.73
N SER B 644 1.72 -1.74 17.80
CA SER B 644 3.13 -1.89 18.02
C SER B 644 3.89 -0.67 17.47
N ARG B 645 5.00 -0.32 18.13
CA ARG B 645 5.90 0.71 17.57
C ARG B 645 6.32 0.25 16.15
N ALA B 646 6.65 1.20 15.28
CA ALA B 646 6.98 0.88 13.88
C ALA B 646 8.15 -0.12 13.79
N ALA B 647 9.19 0.12 14.59
CA ALA B 647 10.31 -0.84 14.66
C ALA B 647 9.88 -2.30 14.99
N GLU B 648 9.04 -2.49 16.00
CA GLU B 648 8.53 -3.81 16.37
C GLU B 648 7.63 -4.39 15.27
N ALA B 649 6.89 -3.50 14.62
CA ALA B 649 5.97 -3.90 13.61
C ALA B 649 6.74 -4.54 12.45
N ILE B 650 7.77 -3.83 11.99
CA ILE B 650 8.69 -4.31 10.94
C ILE B 650 9.40 -5.59 11.37
N ARG B 651 9.88 -5.66 12.61
CA ARG B 651 10.45 -6.93 13.08
C ARG B 651 9.41 -8.03 12.89
N ARG B 652 8.14 -7.74 13.22
CA ARG B 652 7.18 -8.84 13.23
C ARG B 652 6.80 -9.26 11.84
N LEU B 653 6.85 -8.32 10.91
CA LEU B 653 6.64 -8.66 9.49
C LEU B 653 7.68 -9.67 9.07
N ALA B 654 8.89 -9.56 9.63
CA ALA B 654 9.98 -10.48 9.30
C ALA B 654 9.93 -11.83 9.97
N VAL B 655 9.56 -11.88 11.26
CA VAL B 655 9.73 -13.11 12.03
C VAL B 655 8.52 -13.68 12.75
N ASP B 656 7.40 -12.99 12.68
CA ASP B 656 6.17 -13.48 13.30
C ASP B 656 5.24 -14.06 12.23
N PRO B 657 4.97 -15.39 12.30
CA PRO B 657 4.07 -16.09 11.38
C PRO B 657 2.58 -15.68 11.45
N HIS B 658 2.16 -14.93 12.48
CA HIS B 658 0.83 -14.34 12.51
C HIS B 658 0.78 -13.02 11.73
N SER B 659 -0.38 -12.71 11.20
CA SER B 659 -0.54 -11.46 10.51
C SER B 659 -0.64 -10.33 11.52
N PRO B 660 -0.41 -9.09 11.09
CA PRO B 660 -0.70 -7.94 11.99
C PRO B 660 -2.13 -8.06 12.48
N PRO B 661 -2.38 -7.64 13.73
CA PRO B 661 -3.74 -7.90 14.24
C PRO B 661 -4.79 -7.19 13.39
N GLU B 662 -4.45 -6.09 12.71
CA GLU B 662 -5.48 -5.42 11.86
C GLU B 662 -6.00 -6.29 10.69
N PHE B 663 -5.17 -7.22 10.24
CA PHE B 663 -5.50 -8.07 9.09
C PHE B 663 -6.09 -9.42 9.51
N ARG B 664 -5.86 -9.78 10.76
CA ARG B 664 -6.55 -10.94 11.28
C ARG B 664 -8.00 -10.53 11.53
N CYS B 665 -8.23 -9.25 11.75
CA CYS B 665 -9.58 -8.76 11.81
C CYS B 665 -10.21 -8.56 10.42
N ASN B 666 -9.78 -7.49 9.73
CA ASN B 666 -10.29 -7.18 8.38
C ASN B 666 -9.98 -8.20 7.28
N GLY B 667 -8.80 -8.81 7.29
CA GLY B 667 -8.45 -9.69 6.16
C GLY B 667 -9.29 -10.96 6.16
N VAL B 668 -9.70 -11.37 7.35
CA VAL B 668 -10.45 -12.57 7.53
C VAL B 668 -11.91 -12.33 7.16
N VAL B 669 -12.51 -11.26 7.68
CA VAL B 669 -13.94 -11.01 7.48
C VAL B 669 -14.34 -10.87 6.02
N ARG B 670 -13.48 -10.27 5.19
CA ARG B 670 -13.81 -10.15 3.74
C ARG B 670 -13.97 -11.46 2.94
N ASN B 671 -13.53 -12.57 3.52
CA ASN B 671 -13.66 -13.85 2.84
C ASN B 671 -14.88 -14.64 3.33
N VAL B 672 -15.58 -14.10 4.33
CA VAL B 672 -16.67 -14.77 5.00
C VAL B 672 -17.99 -14.09 4.62
N ASP B 673 -18.80 -14.80 3.83
CA ASP B 673 -20.10 -14.28 3.34
C ASP B 673 -21.07 -13.75 4.38
N ALA B 674 -21.06 -14.38 5.55
CA ALA B 674 -21.87 -13.94 6.67
C ALA B 674 -21.62 -12.51 7.07
N PHE B 675 -20.40 -12.03 6.89
CA PHE B 675 -20.05 -10.63 7.15
C PHE B 675 -20.78 -9.68 6.22
N TYR B 676 -20.83 -10.01 4.92
CA TYR B 676 -21.56 -9.20 3.95
C TYR B 676 -23.03 -9.14 4.37
N GLN B 677 -23.61 -10.30 4.67
CA GLN B 677 -25.00 -10.33 5.17
C GLN B 677 -25.19 -9.48 6.42
N ALA B 678 -24.29 -9.56 7.38
CA ALA B 678 -24.49 -8.96 8.68
C ALA B 678 -24.33 -7.44 8.72
N PHE B 679 -23.51 -6.89 7.82
CA PHE B 679 -23.27 -5.43 7.77
C PHE B 679 -23.62 -4.84 6.43
N ASP B 680 -24.25 -5.61 5.56
CA ASP B 680 -24.74 -5.00 4.34
C ASP B 680 -23.58 -4.39 3.55
N VAL B 681 -22.60 -5.21 3.24
CA VAL B 681 -21.42 -4.78 2.54
C VAL B 681 -21.66 -4.83 1.02
N THR B 682 -21.50 -3.68 0.36
CA THR B 682 -21.78 -3.58 -1.08
C THR B 682 -20.47 -3.27 -1.79
N GLU B 683 -20.47 -3.32 -3.12
CA GLU B 683 -19.23 -3.03 -3.86
C GLU B 683 -18.66 -1.64 -3.58
N ASP B 684 -19.49 -0.70 -3.14
CA ASP B 684 -18.99 0.62 -2.79
C ASP B 684 -18.23 0.69 -1.44
N ASP B 685 -18.35 -0.34 -0.59
CA ASP B 685 -17.68 -0.35 0.73
C ASP B 685 -16.21 -0.82 0.62
N ALA B 686 -15.31 -0.28 1.44
CA ALA B 686 -13.88 -0.54 1.17
C ALA B 686 -13.44 -2.01 1.34
N LEU B 687 -13.98 -2.72 2.33
CA LEU B 687 -13.59 -4.12 2.54
C LEU B 687 -14.19 -5.10 1.53
N PHE B 688 -15.13 -4.64 0.72
CA PHE B 688 -15.79 -5.49 -0.26
C PHE B 688 -14.83 -6.21 -1.19
N LEU B 689 -15.13 -7.49 -1.43
CA LEU B 689 -14.47 -8.33 -2.40
C LEU B 689 -15.55 -9.05 -3.19
N ASP B 690 -15.39 -9.12 -4.51
CA ASP B 690 -16.27 -9.89 -5.40
C ASP B 690 -16.39 -11.31 -4.85
N PRO B 691 -17.56 -11.93 -5.01
CA PRO B 691 -17.72 -13.34 -4.56
C PRO B 691 -16.69 -14.29 -5.21
N GLN B 692 -16.47 -14.13 -6.51
CA GLN B 692 -15.44 -14.86 -7.24
C GLN B 692 -14.04 -14.69 -6.63
N ARG B 693 -13.80 -13.58 -5.95
CA ARG B 693 -12.47 -13.33 -5.38
C ARG B 693 -12.26 -13.84 -3.98
N ARG B 694 -13.32 -14.18 -3.28
CA ARG B 694 -13.21 -14.65 -1.92
C ARG B 694 -12.69 -16.11 -1.84
N VAL B 695 -11.97 -16.41 -0.75
CA VAL B 695 -11.30 -17.68 -0.57
C VAL B 695 -12.11 -18.56 0.37
N ARG B 696 -12.50 -19.74 -0.07
CA ARG B 696 -13.21 -20.67 0.79
C ARG B 696 -12.40 -21.96 0.97
N ILE B 697 -11.97 -22.26 2.20
CA ILE B 697 -11.19 -23.47 2.45
C ILE B 697 -11.97 -24.48 3.30
N TRP B 698 -12.17 -24.22 4.58
CA TRP B 698 -13.06 -25.09 5.37
C TRP B 698 -14.42 -24.39 5.48
N ASN B 699 -14.51 -23.22 4.86
CA ASN B 699 -15.64 -22.27 5.00
C ASN B 699 -17.02 -22.90 4.90
ZN ZN C . 1.35 20.53 -14.51
C1 RDF D . -2.58 20.83 -17.14
O1 RDF D . -1.35 21.53 -17.08
C2 RDF D . -3.41 21.35 -18.29
O2 RDF D . -4.63 20.71 -18.09
C3 RDF D . -2.79 21.02 -19.60
O3 RDF D . -3.77 21.29 -20.62
C4 RDF D . -2.39 19.65 -19.68
O4 RDF D . -1.71 19.33 -20.93
C5 RDF D . -1.52 19.25 -18.54
O5 RDF D . -2.31 19.49 -17.31
C6 RDF D . -1.13 17.84 -18.59
P RDF D . -0.77 22.15 -15.72
O1P RDF D . -0.49 20.83 -14.98
O2P RDF D . 0.42 23.12 -15.97
N RDF D . -2.15 22.61 -14.89
CA RDF D . -2.07 22.54 -13.44
C RDF D . -2.76 21.32 -12.83
O RDF D . -2.28 20.66 -11.92
CB RDF D . -2.69 23.80 -12.78
CG RDF D . -2.74 23.77 -11.19
CD1 RDF D . -3.68 24.77 -10.49
CD2 RDF D . -1.40 23.54 -10.49
N1 RDF D . -4.08 21.00 -13.36
CA1 RDF D . -4.89 19.85 -12.83
C7 RDF D . -5.58 19.25 -14.06
O6 RDF D . -5.51 19.87 -15.18
CB1 RDF D . -5.84 20.29 -11.73
CG1 RDF D . -7.29 20.59 -12.10
CD11 RDF D . -7.67 21.72 -12.78
CD21 RDF D . -8.36 19.79 -11.85
NE1 RDF D . -9.08 21.65 -12.97
CE2 RDF D . -9.48 20.43 -12.37
CE3 RDF D . -8.53 18.54 -11.20
CZ2 RDF D . -10.76 19.83 -12.22
CZ3 RDF D . -9.80 17.96 -11.06
CH2 RDF D . -10.92 18.60 -11.59
OXT RDF D . -6.19 18.18 -14.02
O1 211 E . -9.66 13.59 -18.29
O2 211 E . -9.02 18.79 -16.16
C1 211 E . -8.18 14.33 -16.46
C2 211 E . -8.38 13.62 -17.77
O3 211 E . -5.37 17.66 -17.71
C3 211 E . -8.64 16.47 -15.48
C4 211 E . -9.56 17.54 -15.95
C5 211 E . -6.45 16.00 -16.27
C6 211 E . -5.61 16.33 -17.46
N1 211 E . -7.86 15.75 -16.45
C1 PEG F . -11.78 30.10 1.90
O1 PEG F . -10.63 30.41 1.19
C2 PEG F . -11.84 30.56 3.31
O2 PEG F . -11.00 31.60 3.67
C3 PEG F . -11.28 32.36 4.80
C4 PEG F . -10.57 33.67 5.00
O4 PEG F . -9.77 33.85 6.14
C1 PEG G . -14.60 26.56 -16.87
O1 PEG G . -15.04 27.33 -15.81
C2 PEG G . -15.30 26.75 -18.18
O2 PEG G . -16.60 27.20 -18.11
C3 PEG G . -17.65 26.35 -17.86
C4 PEG G . -18.00 25.38 -18.95
O4 PEG G . -19.19 24.68 -18.88
C1 PEG H . -30.54 17.55 -33.60
O1 PEG H . -31.15 16.42 -33.06
C2 PEG H . -31.28 18.53 -34.47
O2 PEG H . -32.58 18.86 -34.14
C3 PEG H . -33.07 20.14 -34.28
C4 PEG H . -33.57 20.82 -33.05
O4 PEG H . -32.84 21.84 -32.49
C1 PEG I . -20.48 41.36 -30.93
O1 PEG I . -21.60 40.55 -30.87
C2 PEG I . -19.98 41.81 -32.27
O2 PEG I . -20.03 40.90 -33.33
C3 PEG I . -18.98 40.80 -34.23
C4 PEG I . -18.10 39.58 -34.19
O4 PEG I . -17.62 39.01 -35.37
C1 PEG J . 13.67 8.00 -37.03
O1 PEG J . 12.62 7.79 -36.17
C2 PEG J . 13.99 9.42 -37.35
O2 PEG J . 13.55 10.43 -36.50
C3 PEG J . 14.46 11.33 -35.96
C4 PEG J . 14.26 12.80 -36.19
O4 PEG J . 13.08 13.21 -36.80
C1 PEG K . 11.89 21.62 14.08
O1 PEG K . 12.15 22.97 14.20
C2 PEG K . 12.98 20.62 14.27
O2 PEG K . 12.62 19.30 14.35
C3 PEG K . 13.40 18.31 13.82
C4 PEG K . 13.11 17.91 12.42
O4 PEG K . 13.46 16.64 12.04
C1 PEG L . 1.66 42.24 7.64
O1 PEG L . 1.61 43.55 8.10
C2 PEG L . 0.38 41.57 7.18
O2 PEG L . 0.40 40.54 6.25
C3 PEG L . 0.91 40.66 4.95
C4 PEG L . 2.01 39.76 4.42
O4 PEG L . 3.31 40.20 4.17
C1 PEG M . -20.70 21.88 -43.38
O1 PEG M . -20.82 20.83 -42.49
C2 PEG M . -19.35 22.16 -43.96
O2 PEG M . -19.03 23.46 -44.32
C3 PEG M . -18.75 24.41 -43.34
C4 PEG M . -17.49 25.20 -43.52
O4 PEG M . -17.57 26.54 -43.87
C1 PEG N . -3.15 15.15 -28.11
O1 PEG N . -2.60 16.43 -28.20
C2 PEG N . -2.56 14.16 -27.14
O2 PEG N . -1.33 14.41 -26.51
C3 PEG N . -0.69 13.37 -25.87
C4 PEG N . -1.01 12.01 -26.37
O4 PEG N . -0.57 11.64 -27.63
C1 PEG O . -6.51 9.60 -8.95
O1 PEG O . -6.87 8.45 -8.27
C2 PEG O . -5.20 9.64 -9.68
O2 PEG O . -4.72 10.79 -10.29
C3 PEG O . -4.82 12.06 -9.71
C4 PEG O . -5.67 13.16 -10.27
O4 PEG O . -6.77 13.62 -9.57
C1 PEG P . 7.60 39.10 -19.63
O1 PEG P . 6.39 38.55 -19.28
C2 PEG P . 8.51 39.56 -18.53
O2 PEG P . 8.13 39.32 -17.22
C3 PEG P . 7.39 40.26 -16.55
C4 PEG P . 6.06 39.82 -15.99
O4 PEG P . 5.35 40.72 -15.22
C1 PEG Q . -2.89 10.75 14.07
O1 PEG Q . -2.26 11.81 13.43
C2 PEG Q . -3.40 9.61 13.24
O2 PEG Q . -3.22 9.58 11.86
C3 PEG Q . -4.02 10.33 11.00
C4 PEG Q . -4.65 9.72 9.79
O4 PEG Q . -5.66 10.42 9.13
C1 PEG R . 13.46 7.53 -2.36
O1 PEG R . 12.80 8.49 -1.62
C2 PEG R . 14.94 7.66 -2.43
O2 PEG R . 15.68 6.58 -1.99
C3 PEG R . 16.26 5.71 -2.90
C4 PEG R . 15.44 5.13 -4.04
O4 PEG R . 14.15 4.71 -3.78
C1 PEG S . -6.22 7.82 6.20
O1 PEG S . -6.25 8.13 7.55
C2 PEG S . -4.89 7.55 5.60
O2 PEG S . -3.77 8.08 6.20
C3 PEG S . -2.94 7.27 6.95
C4 PEG S . -1.78 7.90 7.66
O4 PEG S . -0.91 8.59 6.85
C1 PEG T . 10.18 38.48 -2.95
O1 PEG T . 10.23 37.13 -3.29
C2 PEG T . 11.36 39.37 -3.23
O2 PEG T . 11.33 40.67 -2.75
C3 PEG T . 10.17 41.16 -2.15
C4 PEG T . 10.07 42.61 -1.77
O4 PEG T . 11.00 43.15 -0.88
C1 PGE U . 19.81 36.27 -1.36
O1 PGE U . 19.98 36.93 -2.55
C2 PGE U . 19.53 34.81 -1.39
O2 PGE U . 18.97 34.23 -0.26
C3 PGE U . 18.21 33.07 -0.37
C4 PGE U . 18.86 31.70 -0.34
O4 PGE U . 17.22 28.00 -1.74
C6 PGE U . 18.47 28.49 -1.46
C5 PGE U . 18.64 29.27 -0.20
O3 PGE U . 18.10 30.56 -0.08
C1 PGE V . 15.64 17.96 9.69
O1 PGE V . 15.54 16.64 9.32
C2 PGE V . 15.10 19.00 8.76
O2 PGE V . 16.00 19.78 8.08
C3 PGE V . 15.88 21.16 8.07
C4 PGE V . 16.91 22.05 7.44
O4 PGE V . 20.74 21.87 5.82
C6 PGE V . 19.71 22.30 5.01
C5 PGE V . 18.40 22.67 5.65
O3 PGE V . 17.64 21.69 6.31
C1 PGE W . 0.96 21.60 -19.32
O1 PGE W . 1.28 22.77 -18.67
C2 PGE W . 1.84 21.11 -20.43
O2 PGE W . 2.99 20.46 -20.09
C3 PGE W . 4.20 20.99 -20.51
C4 PGE W . 5.48 20.61 -19.78
O4 PGE W . 6.58 17.87 -23.50
C6 PGE W . 6.99 18.77 -22.52
C5 PGE W . 6.28 18.88 -21.20
O3 PGE W . 6.51 20.04 -20.49
C1 PGE X . -21.31 5.68 -5.17
O1 PGE X . -20.31 5.71 -6.14
C2 PGE X . -21.06 6.32 -3.84
O2 PGE X . -19.96 7.18 -3.67
C3 PGE X . -19.84 7.94 -2.52
C4 PGE X . -19.97 9.43 -2.62
O4 PGE X . -16.77 8.83 -1.65
C6 PGE X . -17.39 9.66 -0.72
C5 PGE X . -18.44 10.64 -1.18
O3 PGE X . -19.73 10.24 -1.52
C1 PGE Y . 0.82 24.51 15.07
O1 PGE Y . 1.01 24.58 16.44
C2 PGE Y . -0.59 24.34 14.61
O2 PGE Y . -0.86 23.26 13.79
C3 PGE Y . -0.92 22.00 14.34
C4 PGE Y . -2.10 21.65 15.19
O4 PGE Y . -2.31 17.79 16.31
C6 PGE Y . -3.39 18.55 16.73
C5 PGE Y . -3.42 19.96 16.26
O3 PGE Y . -2.36 20.32 15.45
O1 PG4 Z . -18.61 19.62 5.58
C1 PG4 Z . -19.95 19.96 5.00
C2 PG4 Z . -20.07 20.11 3.51
O2 PG4 Z . -19.32 21.13 2.83
C3 PG4 Z . -19.38 22.45 3.22
C4 PG4 Z . -18.99 23.55 2.25
O3 PG4 Z . -17.85 23.40 1.50
C5 PG4 Z . -17.97 22.98 0.18
C6 PG4 Z . -16.73 23.01 -0.73
O4 PG4 Z . -16.83 22.51 -1.96
C7 PG4 Z . -17.69 23.16 -2.97
C8 PG4 Z . -19.09 22.73 -3.15
O5 PG4 Z . -19.58 22.39 -4.55
C ACT AA . -9.47 11.78 7.27
O ACT AA . -9.02 11.30 6.18
OXT ACT AA . -10.73 11.99 7.42
CH3 ACT AA . -8.54 12.13 8.41
C ACT BA . -3.47 22.69 -23.75
O ACT BA . -2.42 22.90 -23.08
OXT ACT BA . -4.61 23.07 -23.30
CH3 ACT BA . -3.38 22.00 -25.10
C ACT CA . 17.71 15.93 -20.53
O ACT CA . 17.95 17.15 -20.76
OXT ACT CA . 18.22 15.04 -21.28
CH3 ACT CA . 16.82 15.51 -19.40
C ACT DA . -3.58 40.75 11.28
O ACT DA . -4.38 41.55 10.72
OXT ACT DA . -3.98 40.06 12.27
CH3 ACT DA . -2.19 40.61 10.76
C ACT EA . -9.79 13.83 -34.52
O ACT EA . -10.92 13.71 -35.06
OXT ACT EA . -8.91 14.57 -35.07
CH3 ACT EA . -9.47 13.09 -33.23
S SO4 FA . 5.41 3.16 -12.19
O1 SO4 FA . 6.87 3.22 -12.00
O2 SO4 FA . 5.02 4.30 -13.01
O3 SO4 FA . 5.03 1.93 -12.83
O4 SO4 FA . 4.70 3.23 -10.94
S SO4 GA . -16.97 15.12 -13.21
O1 SO4 GA . -15.63 14.55 -12.93
O2 SO4 GA . -17.00 16.39 -12.48
O3 SO4 GA . -17.21 15.33 -14.62
O4 SO4 GA . -17.94 14.19 -12.71
CL CL HA . 4.09 26.54 -41.36
ZN ZN IA . -1.89 -20.07 15.19
C1 RDF JA . 1.33 -19.60 18.79
O1 RDF JA . 0.41 -20.64 18.52
C2 RDF JA . 2.28 -20.11 19.85
O2 RDF JA . 3.09 -19.02 20.19
C3 RDF JA . 3.10 -21.22 19.31
O3 RDF JA . 4.02 -21.75 20.28
C4 RDF JA . 3.82 -20.87 18.12
O4 RDF JA . 4.49 -22.00 17.55
C5 RDF JA . 2.85 -20.43 17.06
O5 RDF JA . 2.03 -19.30 17.59
C6 RDF JA . 3.53 -20.15 15.79
P RDF JA . -1.12 -20.43 18.02
O1P RDF JA . -0.81 -19.62 16.76
O2P RDF JA . -1.94 -21.74 17.90
N RDF JA . -1.54 -19.23 19.10
CA RDF JA . -2.63 -18.34 18.69
C RDF JA . -2.06 -17.02 18.31
O RDF JA . -2.51 -16.42 17.34
CB RDF JA . -3.59 -18.06 19.86
CG RDF JA . -4.68 -16.94 19.73
CD1 RDF JA . -5.30 -16.60 21.11
CD2 RDF JA . -5.71 -17.15 18.62
N1 RDF JA . -0.95 -16.49 19.11
CA1 RDF JA . -0.38 -15.15 18.70
C7 RDF JA . 1.07 -15.18 19.13
O6 RDF JA . 1.50 -16.13 19.84
CB1 RDF JA . -1.10 -13.89 19.20
CG1 RDF JA . -0.60 -13.38 20.53
CD11 RDF JA . -0.74 -14.13 21.66
CD21 RDF JA . 0.07 -12.22 20.77
NE1 RDF JA . -0.15 -13.41 22.71
CE2 RDF JA . 0.37 -12.21 22.12
CE3 RDF JA . 0.49 -11.11 19.99
CZ2 RDF JA . 1.06 -11.10 22.71
CZ3 RDF JA . 1.17 -10.02 20.55
CH2 RDF JA . 1.46 -10.02 21.92
OXT RDF JA . 1.83 -14.27 18.80
C1 PEG KA . 28.53 -35.26 31.11
O1 PEG KA . 29.73 -35.96 31.19
C2 PEG KA . 28.59 -33.84 30.68
O2 PEG KA . 28.24 -32.83 31.56
C3 PEG KA . 29.23 -32.10 32.23
C4 PEG KA . 29.44 -30.65 31.91
O4 PEG KA . 29.18 -30.28 30.60
C1 PEG LA . 19.55 -17.83 16.13
O1 PEG LA . 20.89 -17.53 16.29
C2 PEG LA . 18.65 -16.85 15.43
O2 PEG LA . 18.12 -17.21 14.21
C3 PEG LA . 17.01 -18.01 14.17
C4 PEG LA . 16.34 -18.15 12.85
O4 PEG LA . 16.37 -19.40 12.23
C1 PEG MA . 12.44 -9.04 5.16
O1 PEG MA . 12.39 -10.15 5.97
C2 PEG MA . 11.12 -8.41 4.82
O2 PEG MA . 9.98 -8.87 5.47
C3 PEG MA . 9.38 -8.08 6.43
C4 PEG MA . 10.21 -7.33 7.44
O4 PEG MA . 10.26 -5.95 7.40
C1 PEG NA . -23.13 -20.32 7.61
O1 PEG NA . -23.27 -19.57 8.77
C2 PEG NA . -21.78 -20.84 7.25
O2 PEG NA . -20.66 -20.23 7.83
C3 PEG NA . -19.58 -19.88 7.05
C4 PEG NA . -19.47 -18.43 6.75
O4 PEG NA . -20.42 -17.84 5.95
C1 PEG OA . 7.78 6.15 -0.48
O1 PEG OA . 7.29 6.07 0.80
C2 PEG OA . 9.09 5.49 -0.77
O2 PEG OA . 9.03 4.19 -1.29
C3 PEG OA . 10.10 3.33 -1.12
C4 PEG OA . 10.87 2.84 -2.31
O4 PEG OA . 11.95 3.60 -2.72
C1 PEG PA . 26.78 -25.98 36.14
O1 PEG PA . 25.52 -26.03 35.58
C2 PEG PA . 27.71 -24.99 35.54
O2 PEG PA . 27.54 -24.65 34.20
C3 PEG PA . 28.11 -25.44 33.21
C4 PEG PA . 27.26 -25.78 32.02
O4 PEG PA . 27.06 -27.09 31.58
C1 PEG QA . -11.24 10.46 15.64
O1 PEG QA . -10.93 9.19 16.10
C2 PEG QA . -12.32 10.60 14.61
O2 PEG QA . -11.97 10.51 13.27
C3 PEG QA . -11.44 9.34 12.72
C4 PEG QA . -12.24 8.54 11.73
O4 PEG QA . -11.79 8.43 10.43
C1 PEG RA . 5.25 -30.84 17.04
O1 PEG RA . 5.23 -30.70 18.43
C2 PEG RA . 4.74 -32.08 16.36
O2 PEG RA . 5.63 -33.03 15.90
C3 PEG RA . 6.49 -32.73 14.86
C4 PEG RA . 7.95 -32.89 15.13
O4 PEG RA . 8.74 -31.76 15.22
C1 PEG SA . -5.64 -31.31 31.72
O1 PEG SA . -4.42 -31.07 31.13
C2 PEG SA . -6.74 -31.94 30.92
O2 PEG SA . -7.96 -31.30 30.79
C3 PEG SA . -8.85 -31.83 29.87
C4 PEG SA . -10.11 -31.10 29.50
O4 PEG SA . -11.21 -31.84 29.09
C1 PEG TA . -27.49 -4.36 27.90
O1 PEG TA . -27.86 -3.06 27.61
C2 PEG TA . -27.38 -4.76 29.33
O2 PEG TA . -26.13 -4.91 29.88
C3 PEG TA . -25.11 -3.99 29.70
C4 PEG TA . -23.94 -4.39 28.83
O4 PEG TA . -24.21 -4.80 27.53
C1 PEG UA . -9.39 -1.40 6.17
O1 PEG UA . -9.21 -0.17 5.58
C2 PEG UA . -8.53 -2.59 5.82
O2 PEG UA . -7.38 -2.85 6.56
C3 PEG UA . -6.15 -2.33 6.15
C4 PEG UA . -5.70 -0.95 6.53
O4 PEG UA . -5.21 -0.18 5.50
C1 PEG VA . 6.84 -25.99 11.71
O1 PEG VA . 5.69 -26.32 11.02
C2 PEG VA . 6.98 -24.63 12.33
O2 PEG VA . 8.17 -23.93 12.18
C3 PEG VA . 8.19 -22.56 11.94
C4 PEG VA . 9.37 -21.97 11.21
O4 PEG VA . 9.31 -20.70 10.64
C1 PEG WA . -6.55 -41.36 11.20
O1 PEG WA . -6.23 -40.10 10.76
C2 PEG WA . -5.45 -42.36 11.35
O2 PEG WA . -5.26 -43.22 10.27
C3 PEG WA . -4.02 -43.72 9.96
C4 PEG WA . -3.53 -43.49 8.57
O4 PEG WA . -2.19 -43.20 8.40
C1 PEG XA . 13.38 -40.85 5.46
O1 PEG XA . 12.21 -41.48 5.86
C2 PEG XA . 13.52 -39.36 5.70
O2 PEG XA . 14.67 -38.69 5.30
C3 PEG XA . 14.74 -37.86 4.17
C4 PEG XA . 15.80 -36.79 4.21
O4 PEG XA . 16.15 -36.04 3.09
C1 PEG YA . -13.31 -22.12 38.40
O1 PEG YA . -12.98 -20.96 37.72
C2 PEG YA . -13.26 -23.44 37.68
O2 PEG YA . -14.00 -24.52 38.18
C3 PEG YA . -15.38 -24.58 38.04
C4 PEG YA . -15.95 -25.91 37.70
O4 PEG YA . -15.81 -26.29 36.39
C1 PGE ZA . -30.42 0.69 24.89
O1 PGE ZA . -29.89 0.60 26.14
C2 PGE ZA . -30.18 -0.42 23.93
O2 PGE ZA . -29.34 -0.12 22.86
C3 PGE ZA . -29.79 0.44 21.67
C4 PGE ZA . -28.90 1.38 20.90
O4 PGE ZA . -27.97 5.26 19.17
C6 PGE ZA . -28.18 4.91 20.50
C5 PGE ZA . -29.12 3.80 20.86
O3 PGE ZA . -28.60 2.64 21.41
C1 PGE AB . 3.48 -27.29 1.14
O1 PGE AB . 3.87 -26.60 0.02
C2 PGE AB . 2.01 -27.37 1.33
O2 PGE AB . 1.19 -27.95 0.38
C3 PGE AB . -0.17 -28.11 0.61
C4 PGE AB . -0.63 -29.10 1.64
O4 PGE AB . -0.33 -33.58 1.88
C6 PGE AB . -1.42 -32.76 1.65
C5 PGE AB . -1.36 -31.35 2.12
O3 PGE AB . -0.87 -30.41 1.23
C1 PGE BB . -29.34 -15.66 13.19
O1 PGE BB . -28.08 -15.65 13.79
C2 PGE BB . -30.50 -14.96 13.84
O2 PGE BB . -30.75 -13.65 13.45
C3 PGE BB . -31.75 -12.87 14.02
C4 PGE BB . -33.03 -13.04 13.30
O4 PGE BB . -32.87 -13.88 8.71
C6 PGE BB . -32.08 -13.34 9.72
C5 PGE BB . -32.77 -12.81 10.95
O3 PGE BB . -32.97 -13.63 12.05
O1 PG4 CB . -0.57 -0.88 11.78
C1 PG4 CB . 0.60 -0.94 12.74
C2 PG4 CB . 1.61 -2.07 12.75
O2 PG4 CB . 1.32 -3.29 13.50
C3 PG4 CB . 1.36 -4.54 12.90
C4 PG4 CB . 2.51 -5.53 13.07
O3 PG4 CB . 3.03 -6.30 12.01
C5 PG4 CB . 3.51 -7.63 12.16
C6 PG4 CB . 2.84 -8.89 11.57
O4 PG4 CB . 3.61 -9.93 11.10
C7 PG4 CB . 3.36 -10.74 9.86
C8 PG4 CB . 4.46 -11.37 9.05
O5 PG4 CB . 4.65 -11.23 7.52
O1 PG4 DB . -25.82 1.14 22.59
C1 PG4 DB . -25.11 2.40 22.20
C2 PG4 DB . -23.61 2.36 22.10
O2 PG4 DB . -22.99 3.04 21.01
C3 PG4 DB . -22.13 2.40 20.17
C4 PG4 DB . -22.52 2.19 18.72
O3 PG4 DB . -22.67 3.29 17.89
C5 PG4 DB . -21.83 3.45 16.79
C6 PG4 DB . -22.38 3.20 15.39
O4 PG4 DB . -21.73 3.78 14.37
C7 PG4 DB . -21.81 3.20 13.02
C8 PG4 DB . -21.87 4.12 11.87
O5 PG4 DB . -20.96 3.83 10.71
O1 PG4 EB . -5.51 -4.43 -1.79
C1 PG4 EB . -5.67 -5.65 -0.95
C2 PG4 EB . -6.69 -6.67 -1.31
O2 PG4 EB . -6.22 -8.00 -1.52
C3 PG4 EB . -6.30 -8.51 -2.79
C4 PG4 EB . -7.58 -9.19 -3.29
O3 PG4 EB . -7.53 -9.99 -4.41
C5 PG4 EB . -7.15 -11.35 -4.37
C6 PG4 EB . -8.21 -12.45 -4.24
O4 PG4 EB . -7.89 -13.70 -4.56
C7 PG4 EB . -6.74 -13.96 -5.44
C8 PG4 EB . -7.07 -14.23 -6.85
O5 PG4 EB . -8.52 -14.58 -7.13
C ACT FB . -28.33 -11.06 10.97
O ACT FB . -27.93 -12.10 10.38
OXT ACT FB . -29.34 -11.12 11.72
CH3 ACT FB . -27.61 -9.77 10.76
C ACT GB . 17.26 -42.82 19.93
O ACT GB . 16.90 -43.29 18.82
OXT ACT GB . 18.32 -43.26 20.44
CH3 ACT GB . 16.48 -41.76 20.65
C ACT HB . -8.57 4.67 12.91
O ACT HB . -9.69 4.64 13.51
OXT ACT HB . -8.50 5.29 11.83
CH3 ACT HB . -7.33 3.99 13.42
C ACT IB . -14.62 -6.54 27.95
O ACT IB . -15.58 -5.99 27.32
OXT ACT IB . -14.76 -6.76 29.18
CH3 ACT IB . -13.35 -6.92 27.26
C ACT JB . 1.42 -24.55 15.84
O ACT JB . 1.33 -25.69 15.30
OXT ACT JB . 2.38 -23.82 15.52
CH3 ACT JB . 0.41 -24.07 16.84
C ACT KB . 20.09 -24.88 22.81
O ACT KB . 19.92 -25.75 23.72
OXT ACT KB . 21.05 -24.06 22.87
CH3 ACT KB . 19.16 -24.82 21.64
C ACT LB . -27.72 -17.24 23.05
O ACT LB . -28.42 -18.05 22.39
OXT ACT LB . -27.32 -17.61 24.18
CH3 ACT LB . -27.37 -15.88 22.50
C ACT MB . 1.64 -26.80 11.89
O ACT MB . 1.92 -25.59 11.66
OXT ACT MB . 2.52 -27.71 11.71
CH3 ACT MB . 0.26 -27.16 12.35
S SO4 NB . -26.55 -7.46 0.91
O1 SO4 NB . -25.16 -7.10 1.23
O2 SO4 NB . -26.42 -8.27 -0.30
O3 SO4 NB . -27.36 -6.31 0.59
O4 SO4 NB . -27.17 -8.17 2.03
S SO4 OB . 5.10 -13.27 0.16
O1 SO4 OB . 5.84 -13.58 1.34
O2 SO4 OB . 6.03 -13.39 -0.95
O3 SO4 OB . 4.04 -14.21 0.03
O4 SO4 OB . 4.49 -11.98 0.15
S SO4 PB . 12.15 -23.50 14.10
O1 SO4 PB . 11.84 -22.10 14.44
O2 SO4 PB . 11.21 -23.84 13.02
O3 SO4 PB . 13.53 -23.62 13.63
O4 SO4 PB . 11.97 -24.38 15.24
S SO4 QB . 7.20 -5.89 24.41
O1 SO4 QB . 7.21 -6.45 23.05
O2 SO4 QB . 8.18 -4.79 24.38
O3 SO4 QB . 5.87 -5.41 24.65
O4 SO4 QB . 7.61 -6.86 25.40
CL CL RB . 39.08 -36.25 18.89
CA CA SB . 26.37 -16.19 47.42
CL CL TB . 39.20 -10.11 22.70
#